data_5ILE
# 
_entry.id   5ILE 
# 
_audit_conform.dict_name       mmcif_pdbx.dic 
_audit_conform.dict_version    5.379 
_audit_conform.dict_location   http://mmcif.pdb.org/dictionaries/ascii/mmcif_pdbx.dic 
# 
loop_
_database_2.database_id 
_database_2.database_code 
_database_2.pdbx_database_accession 
_database_2.pdbx_DOI 
PDB   5ILE         pdb_00005ile 10.2210/pdb5ile/pdb 
WWPDB D_1000218932 ?            ?                   
# 
loop_
_pdbx_database_related.content_type 
_pdbx_database_related.db_id 
_pdbx_database_related.db_name 
_pdbx_database_related.details 
unspecified 5IKS PDB . 
unspecified 5ILP PDB . 
unspecified 5ILR PDB . 
unspecified 5ILM PDB . 
# 
_pdbx_database_status.status_code                     REL 
_pdbx_database_status.status_code_sf                  REL 
_pdbx_database_status.status_code_mr                  ? 
_pdbx_database_status.entry_id                        5ILE 
_pdbx_database_status.recvd_initial_deposition_date   2016-03-03 
_pdbx_database_status.SG_entry                        N 
_pdbx_database_status.deposit_site                    RCSB 
_pdbx_database_status.process_site                    RCSB 
_pdbx_database_status.status_code_cs                  ? 
_pdbx_database_status.methods_development_category    ? 
_pdbx_database_status.pdb_format_compatible           Y 
_pdbx_database_status.status_code_nmr_data            ? 
# 
loop_
_audit_author.name 
_audit_author.pdbx_ordinal 
'Wang, B.'           1 
'Thomas, L.M.'       2 
'Richter-Addo, G.B.' 3 
# 
_citation.abstract                  ? 
_citation.abstract_id_CAS           ? 
_citation.book_id_ISBN              ? 
_citation.book_publisher            ? 
_citation.book_publisher_city       ? 
_citation.book_title                ? 
_citation.coordinate_linkage        ? 
_citation.country                   US 
_citation.database_id_Medline       ? 
_citation.details                   ? 
_citation.id                        primary 
_citation.journal_abbrev            'J. Inorg. Biochem.' 
_citation.journal_id_ASTM           JIBIDJ 
_citation.journal_id_CSD            0525 
_citation.journal_id_ISSN           1873-3344 
_citation.journal_full              ? 
_citation.journal_issue             ? 
_citation.journal_volume            164 
_citation.language                  ? 
_citation.page_first                1 
_citation.page_last                 4 
_citation.title                     
'Organometallic myoglobins: Formation of Fe-carbon bonds and distal pocket effects on aryl ligand conformations.' 
_citation.year                      2016 
_citation.database_id_CSD           ? 
_citation.pdbx_database_id_DOI      10.1016/j.jinorgbio.2016.06.028 
_citation.pdbx_database_id_PubMed   27687333 
_citation.unpublished_flag          ? 
# 
loop_
_citation_author.citation_id 
_citation_author.name 
_citation_author.ordinal 
_citation_author.identifier_ORCID 
primary 'Wang, B.'           1 ? 
primary 'Thomas, L.M.'       2 ? 
primary 'Richter-Addo, G.B.' 3 ? 
# 
_cell.angle_alpha                  90.000 
_cell.angle_alpha_esd              ? 
_cell.angle_beta                   90.000 
_cell.angle_beta_esd               ? 
_cell.angle_gamma                  120.000 
_cell.angle_gamma_esd              ? 
_cell.entry_id                     5ILE 
_cell.details                      ? 
_cell.formula_units_Z              ? 
_cell.length_a                     90.794 
_cell.length_a_esd                 ? 
_cell.length_b                     90.794 
_cell.length_b_esd                 ? 
_cell.length_c                     45.317 
_cell.length_c_esd                 ? 
_cell.volume                       ? 
_cell.volume_esd                   ? 
_cell.Z_PDB                        6 
_cell.reciprocal_angle_alpha       ? 
_cell.reciprocal_angle_beta        ? 
_cell.reciprocal_angle_gamma       ? 
_cell.reciprocal_angle_alpha_esd   ? 
_cell.reciprocal_angle_beta_esd    ? 
_cell.reciprocal_angle_gamma_esd   ? 
_cell.reciprocal_length_a          ? 
_cell.reciprocal_length_b          ? 
_cell.reciprocal_length_c          ? 
_cell.reciprocal_length_a_esd      ? 
_cell.reciprocal_length_b_esd      ? 
_cell.reciprocal_length_c_esd      ? 
_cell.pdbx_unique_axis             ? 
# 
_symmetry.entry_id                         5ILE 
_symmetry.cell_setting                     ? 
_symmetry.Int_Tables_number                168 
_symmetry.space_group_name_Hall            ? 
_symmetry.space_group_name_H-M             'P 6' 
_symmetry.pdbx_full_space_group_name_H-M   ? 
# 
loop_
_entity.id 
_entity.type 
_entity.src_method 
_entity.pdbx_description 
_entity.formula_weight 
_entity.pdbx_number_of_molecules 
_entity.pdbx_ec 
_entity.pdbx_mutation 
_entity.pdbx_fragment 
_entity.details 
1 polymer     man Myoglobin 17298.094 1   ? H64A ? ? 
2 non-polymer syn 
;[3,3'-(7,12-diethenyl-3,8,13,17-tetramethylporphyrin-2,18-diyl-kappa~4~N~21~,N~22~,N~23~,N~24~)di(propanoato)(2-)](3-methylphenyl)iron
;
707.618   1   ? ?    ? ? 
3 non-polymer syn 'SULFATE ION' 96.063    6   ? ?    ? ? 
4 water       nat water 18.015    184 ? ?    ? ? 
# 
_entity_poly.entity_id                      1 
_entity_poly.type                           'polypeptide(L)' 
_entity_poly.nstd_linkage                   no 
_entity_poly.nstd_monomer                   no 
_entity_poly.pdbx_seq_one_letter_code       
;MVLSEGEWQLVLHVWAKVEADVAGHGQDILIRLFKSHPETLEKFDRFKHLKTEAEMKASEDLKKAGVTVLTALGAILKKK
GHHEAELKPLAQSHATKHKIPIKYLEFISEAIIHVLHSRHPGNFGADAQGAMNKALELFRKDIAAKYKELGYQG
;
_entity_poly.pdbx_seq_one_letter_code_can   
;MVLSEGEWQLVLHVWAKVEADVAGHGQDILIRLFKSHPETLEKFDRFKHLKTEAEMKASEDLKKAGVTVLTALGAILKKK
GHHEAELKPLAQSHATKHKIPIKYLEFISEAIIHVLHSRHPGNFGADAQGAMNKALELFRKDIAAKYKELGYQG
;
_entity_poly.pdbx_strand_id                 A 
_entity_poly.pdbx_target_identifier         ? 
# 
loop_
_entity_poly_seq.entity_id 
_entity_poly_seq.num 
_entity_poly_seq.mon_id 
_entity_poly_seq.hetero 
1 1   MET n 
1 2   VAL n 
1 3   LEU n 
1 4   SER n 
1 5   GLU n 
1 6   GLY n 
1 7   GLU n 
1 8   TRP n 
1 9   GLN n 
1 10  LEU n 
1 11  VAL n 
1 12  LEU n 
1 13  HIS n 
1 14  VAL n 
1 15  TRP n 
1 16  ALA n 
1 17  LYS n 
1 18  VAL n 
1 19  GLU n 
1 20  ALA n 
1 21  ASP n 
1 22  VAL n 
1 23  ALA n 
1 24  GLY n 
1 25  HIS n 
1 26  GLY n 
1 27  GLN n 
1 28  ASP n 
1 29  ILE n 
1 30  LEU n 
1 31  ILE n 
1 32  ARG n 
1 33  LEU n 
1 34  PHE n 
1 35  LYS n 
1 36  SER n 
1 37  HIS n 
1 38  PRO n 
1 39  GLU n 
1 40  THR n 
1 41  LEU n 
1 42  GLU n 
1 43  LYS n 
1 44  PHE n 
1 45  ASP n 
1 46  ARG n 
1 47  PHE n 
1 48  LYS n 
1 49  HIS n 
1 50  LEU n 
1 51  LYS n 
1 52  THR n 
1 53  GLU n 
1 54  ALA n 
1 55  GLU n 
1 56  MET n 
1 57  LYS n 
1 58  ALA n 
1 59  SER n 
1 60  GLU n 
1 61  ASP n 
1 62  LEU n 
1 63  LYS n 
1 64  LYS n 
1 65  ALA n 
1 66  GLY n 
1 67  VAL n 
1 68  THR n 
1 69  VAL n 
1 70  LEU n 
1 71  THR n 
1 72  ALA n 
1 73  LEU n 
1 74  GLY n 
1 75  ALA n 
1 76  ILE n 
1 77  LEU n 
1 78  LYS n 
1 79  LYS n 
1 80  LYS n 
1 81  GLY n 
1 82  HIS n 
1 83  HIS n 
1 84  GLU n 
1 85  ALA n 
1 86  GLU n 
1 87  LEU n 
1 88  LYS n 
1 89  PRO n 
1 90  LEU n 
1 91  ALA n 
1 92  GLN n 
1 93  SER n 
1 94  HIS n 
1 95  ALA n 
1 96  THR n 
1 97  LYS n 
1 98  HIS n 
1 99  LYS n 
1 100 ILE n 
1 101 PRO n 
1 102 ILE n 
1 103 LYS n 
1 104 TYR n 
1 105 LEU n 
1 106 GLU n 
1 107 PHE n 
1 108 ILE n 
1 109 SER n 
1 110 GLU n 
1 111 ALA n 
1 112 ILE n 
1 113 ILE n 
1 114 HIS n 
1 115 VAL n 
1 116 LEU n 
1 117 HIS n 
1 118 SER n 
1 119 ARG n 
1 120 HIS n 
1 121 PRO n 
1 122 GLY n 
1 123 ASN n 
1 124 PHE n 
1 125 GLY n 
1 126 ALA n 
1 127 ASP n 
1 128 ALA n 
1 129 GLN n 
1 130 GLY n 
1 131 ALA n 
1 132 MET n 
1 133 ASN n 
1 134 LYS n 
1 135 ALA n 
1 136 LEU n 
1 137 GLU n 
1 138 LEU n 
1 139 PHE n 
1 140 ARG n 
1 141 LYS n 
1 142 ASP n 
1 143 ILE n 
1 144 ALA n 
1 145 ALA n 
1 146 LYS n 
1 147 TYR n 
1 148 LYS n 
1 149 GLU n 
1 150 LEU n 
1 151 GLY n 
1 152 TYR n 
1 153 GLN n 
1 154 GLY n 
# 
_entity_src_gen.entity_id                          1 
_entity_src_gen.pdbx_src_id                        1 
_entity_src_gen.pdbx_alt_source_flag               sample 
_entity_src_gen.pdbx_seq_type                      'Biological sequence' 
_entity_src_gen.pdbx_beg_seq_num                   1 
_entity_src_gen.pdbx_end_seq_num                   154 
_entity_src_gen.gene_src_common_name               'Sperm whale' 
_entity_src_gen.gene_src_genus                     ? 
_entity_src_gen.pdbx_gene_src_gene                 MB 
_entity_src_gen.gene_src_species                   ? 
_entity_src_gen.gene_src_strain                    ? 
_entity_src_gen.gene_src_tissue                    ? 
_entity_src_gen.gene_src_tissue_fraction           ? 
_entity_src_gen.gene_src_details                   ? 
_entity_src_gen.pdbx_gene_src_fragment             ? 
_entity_src_gen.pdbx_gene_src_scientific_name      'Physeter catodon' 
_entity_src_gen.pdbx_gene_src_ncbi_taxonomy_id     9755 
_entity_src_gen.pdbx_gene_src_variant              ? 
_entity_src_gen.pdbx_gene_src_cell_line            ? 
_entity_src_gen.pdbx_gene_src_atcc                 ? 
_entity_src_gen.pdbx_gene_src_organ                ? 
_entity_src_gen.pdbx_gene_src_organelle            ? 
_entity_src_gen.pdbx_gene_src_cell                 ? 
_entity_src_gen.pdbx_gene_src_cellular_location    ? 
_entity_src_gen.host_org_common_name               ? 
_entity_src_gen.pdbx_host_org_scientific_name      'Escherichia coli' 
_entity_src_gen.pdbx_host_org_ncbi_taxonomy_id     469008 
_entity_src_gen.host_org_genus                     ? 
_entity_src_gen.pdbx_host_org_gene                 ? 
_entity_src_gen.pdbx_host_org_organ                ? 
_entity_src_gen.host_org_species                   ? 
_entity_src_gen.pdbx_host_org_tissue               ? 
_entity_src_gen.pdbx_host_org_tissue_fraction      ? 
_entity_src_gen.pdbx_host_org_strain               'BL21(DE3)' 
_entity_src_gen.pdbx_host_org_variant              ? 
_entity_src_gen.pdbx_host_org_cell_line            ? 
_entity_src_gen.pdbx_host_org_atcc                 ? 
_entity_src_gen.pdbx_host_org_culture_collection   ? 
_entity_src_gen.pdbx_host_org_cell                 ? 
_entity_src_gen.pdbx_host_org_organelle            ? 
_entity_src_gen.pdbx_host_org_cellular_location    ? 
_entity_src_gen.pdbx_host_org_vector_type          plasmid 
_entity_src_gen.pdbx_host_org_vector               ? 
_entity_src_gen.host_org_details                   ? 
_entity_src_gen.expression_system_id               ? 
_entity_src_gen.plasmid_name                       pET28 
_entity_src_gen.plasmid_details                    ? 
_entity_src_gen.pdbx_description                   ? 
# 
_struct_ref.id                         1 
_struct_ref.db_name                    UNP 
_struct_ref.db_code                    MYG_PHYCD 
_struct_ref.pdbx_db_accession          P02185 
_struct_ref.pdbx_db_isoform            ? 
_struct_ref.entity_id                  1 
_struct_ref.pdbx_seq_one_letter_code   
;MVLSEGEWQLVLHVWAKVEADVAGHGQDILIRLFKSHPETLEKFDRFKHLKTEAEMKASEDLKKHGVTVLTALGAILKKK
GHHEAELKPLAQSHATKHKIPIKYLEFISEAIIHVLHSRHPGDFGADAQGAMNKALELFRKDIAAKYKELGYQG
;
_struct_ref.pdbx_align_begin           1 
# 
_struct_ref_seq.align_id                      1 
_struct_ref_seq.ref_id                        1 
_struct_ref_seq.pdbx_PDB_id_code              5ILE 
_struct_ref_seq.pdbx_strand_id                A 
_struct_ref_seq.seq_align_beg                 1 
_struct_ref_seq.pdbx_seq_align_beg_ins_code   ? 
_struct_ref_seq.seq_align_end                 154 
_struct_ref_seq.pdbx_seq_align_end_ins_code   ? 
_struct_ref_seq.pdbx_db_accession             P02185 
_struct_ref_seq.db_align_beg                  1 
_struct_ref_seq.pdbx_db_align_beg_ins_code    ? 
_struct_ref_seq.db_align_end                  154 
_struct_ref_seq.pdbx_db_align_end_ins_code    ? 
_struct_ref_seq.pdbx_auth_seq_align_beg       0 
_struct_ref_seq.pdbx_auth_seq_align_end       153 
# 
loop_
_struct_ref_seq_dif.align_id 
_struct_ref_seq_dif.pdbx_pdb_id_code 
_struct_ref_seq_dif.mon_id 
_struct_ref_seq_dif.pdbx_pdb_strand_id 
_struct_ref_seq_dif.seq_num 
_struct_ref_seq_dif.pdbx_pdb_ins_code 
_struct_ref_seq_dif.pdbx_seq_db_name 
_struct_ref_seq_dif.pdbx_seq_db_accession_code 
_struct_ref_seq_dif.db_mon_id 
_struct_ref_seq_dif.pdbx_seq_db_seq_num 
_struct_ref_seq_dif.details 
_struct_ref_seq_dif.pdbx_auth_seq_num 
_struct_ref_seq_dif.pdbx_ordinal 
1 5ILE ALA A 65  ? UNP P02185 HIS 65  'engineered mutation' 64  1 
1 5ILE ASN A 123 ? UNP P02185 ASP 123 variant               122 2 
# 
loop_
_chem_comp.id 
_chem_comp.type 
_chem_comp.mon_nstd_flag 
_chem_comp.name 
_chem_comp.pdbx_synonyms 
_chem_comp.formula 
_chem_comp.formula_weight 
6CQ non-polymer         . 
;[3,3'-(7,12-diethenyl-3,8,13,17-tetramethylporphyrin-2,18-diyl-kappa~4~N~21~,N~22~,N~23~,N~24~)di(propanoato)(2-)](3-methylphenyl)iron
;
? 'C41 H39 Fe N4 O4' 707.618 
ALA 'L-peptide linking' y ALANINE ? 'C3 H7 N O2'       89.093  
ARG 'L-peptide linking' y ARGININE ? 'C6 H15 N4 O2 1'   175.209 
ASN 'L-peptide linking' y ASPARAGINE ? 'C4 H8 N2 O3'      132.118 
ASP 'L-peptide linking' y 'ASPARTIC ACID' ? 'C4 H7 N O4'       133.103 
GLN 'L-peptide linking' y GLUTAMINE ? 'C5 H10 N2 O3'     146.144 
GLU 'L-peptide linking' y 'GLUTAMIC ACID' ? 'C5 H9 N O4'       147.129 
GLY 'peptide linking'   y GLYCINE ? 'C2 H5 N O2'       75.067  
HIS 'L-peptide linking' y HISTIDINE ? 'C6 H10 N3 O2 1'   156.162 
HOH non-polymer         . WATER ? 'H2 O'             18.015  
ILE 'L-peptide linking' y ISOLEUCINE ? 'C6 H13 N O2'      131.173 
LEU 'L-peptide linking' y LEUCINE ? 'C6 H13 N O2'      131.173 
LYS 'L-peptide linking' y LYSINE ? 'C6 H15 N2 O2 1'   147.195 
MET 'L-peptide linking' y METHIONINE ? 'C5 H11 N O2 S'    149.211 
PHE 'L-peptide linking' y PHENYLALANINE ? 'C9 H11 N O2'      165.189 
PRO 'L-peptide linking' y PROLINE ? 'C5 H9 N O2'       115.130 
SER 'L-peptide linking' y SERINE ? 'C3 H7 N O3'       105.093 
SO4 non-polymer         . 'SULFATE ION' ? 'O4 S -2'          96.063  
THR 'L-peptide linking' y THREONINE ? 'C4 H9 N O3'       119.119 
TRP 'L-peptide linking' y TRYPTOPHAN ? 'C11 H12 N2 O2'    204.225 
TYR 'L-peptide linking' y TYROSINE ? 'C9 H11 N O3'      181.189 
VAL 'L-peptide linking' y VALINE ? 'C5 H11 N O2'      117.146 
# 
_exptl.absorpt_coefficient_mu     ? 
_exptl.absorpt_correction_T_max   ? 
_exptl.absorpt_correction_T_min   ? 
_exptl.absorpt_correction_type    ? 
_exptl.absorpt_process_details    ? 
_exptl.entry_id                   5ILE 
_exptl.crystals_number            1 
_exptl.details                    ? 
_exptl.method                     'X-RAY DIFFRACTION' 
_exptl.method_details             ? 
# 
_exptl_crystal.colour                      ? 
_exptl_crystal.density_diffrn              ? 
_exptl_crystal.density_Matthews            3.12 
_exptl_crystal.density_method              ? 
_exptl_crystal.density_percent_sol         60.54 
_exptl_crystal.description                 ? 
_exptl_crystal.F_000                       ? 
_exptl_crystal.id                          1 
_exptl_crystal.preparation                 ? 
_exptl_crystal.size_max                    ? 
_exptl_crystal.size_mid                    ? 
_exptl_crystal.size_min                    ? 
_exptl_crystal.size_rad                    ? 
_exptl_crystal.colour_lustre               ? 
_exptl_crystal.colour_modifier             ? 
_exptl_crystal.colour_primary              ? 
_exptl_crystal.density_meas                ? 
_exptl_crystal.density_meas_esd            ? 
_exptl_crystal.density_meas_gt             ? 
_exptl_crystal.density_meas_lt             ? 
_exptl_crystal.density_meas_temp           ? 
_exptl_crystal.density_meas_temp_esd       ? 
_exptl_crystal.density_meas_temp_gt        ? 
_exptl_crystal.density_meas_temp_lt        ? 
_exptl_crystal.pdbx_crystal_image_url      ? 
_exptl_crystal.pdbx_crystal_image_format   ? 
_exptl_crystal.pdbx_mosaicity              ? 
_exptl_crystal.pdbx_mosaicity_esd          ? 
# 
_exptl_crystal_grow.apparatus       ? 
_exptl_crystal_grow.atmosphere      ? 
_exptl_crystal_grow.crystal_id      1 
_exptl_crystal_grow.details         ? 
_exptl_crystal_grow.method          'BATCH MODE' 
_exptl_crystal_grow.method_ref      ? 
_exptl_crystal_grow.pH              9.0 
_exptl_crystal_grow.pressure        ? 
_exptl_crystal_grow.pressure_esd    ? 
_exptl_crystal_grow.seeding         ? 
_exptl_crystal_grow.seeding_ref     ? 
_exptl_crystal_grow.temp            298 
_exptl_crystal_grow.temp_details    ? 
_exptl_crystal_grow.temp_esd        ? 
_exptl_crystal_grow.time            ? 
_exptl_crystal_grow.pdbx_details    '100mM Tris-HCl pH 9.0, 1mM EDTA, 2.3M Ammonium sulfate' 
_exptl_crystal_grow.pdbx_pH_range   ? 
# 
_diffrn.ambient_environment    ? 
_diffrn.ambient_temp           100 
_diffrn.ambient_temp_details   ? 
_diffrn.ambient_temp_esd       ? 
_diffrn.crystal_id             1 
_diffrn.crystal_support        ? 
_diffrn.crystal_treatment      ? 
_diffrn.details                ? 
_diffrn.id                     1 
_diffrn.ambient_pressure       ? 
_diffrn.ambient_pressure_esd   ? 
_diffrn.ambient_pressure_gt    ? 
_diffrn.ambient_pressure_lt    ? 
_diffrn.ambient_temp_gt        ? 
_diffrn.ambient_temp_lt        ? 
# 
_diffrn_detector.details                      mirrors 
_diffrn_detector.detector                     PIXEL 
_diffrn_detector.diffrn_id                    1 
_diffrn_detector.type                         'DECTRIS PILATUS 200K' 
_diffrn_detector.area_resol_mean              ? 
_diffrn_detector.dtime                        ? 
_diffrn_detector.pdbx_frames_total            ? 
_diffrn_detector.pdbx_collection_time_total   ? 
_diffrn_detector.pdbx_collection_date         2014-02-20 
# 
_diffrn_radiation.collimation                      ? 
_diffrn_radiation.diffrn_id                        1 
_diffrn_radiation.filter_edge                      ? 
_diffrn_radiation.inhomogeneity                    ? 
_diffrn_radiation.monochromator                    mirrors 
_diffrn_radiation.polarisn_norm                    ? 
_diffrn_radiation.polarisn_ratio                   ? 
_diffrn_radiation.probe                            ? 
_diffrn_radiation.type                             ? 
_diffrn_radiation.xray_symbol                      ? 
_diffrn_radiation.wavelength_id                    1 
_diffrn_radiation.pdbx_monochromatic_or_laue_m_l   M 
_diffrn_radiation.pdbx_wavelength_list             ? 
_diffrn_radiation.pdbx_wavelength                  ? 
_diffrn_radiation.pdbx_diffrn_protocol             'SINGLE WAVELENGTH' 
_diffrn_radiation.pdbx_analyzer                    ? 
_diffrn_radiation.pdbx_scattering_type             x-ray 
# 
_diffrn_radiation_wavelength.id           1 
_diffrn_radiation_wavelength.wavelength   1.54178 
_diffrn_radiation_wavelength.wt           1.0 
# 
_diffrn_source.current                     ? 
_diffrn_source.details                     ? 
_diffrn_source.diffrn_id                   1 
_diffrn_source.power                       ? 
_diffrn_source.size                        ? 
_diffrn_source.source                      'ROTATING ANODE' 
_diffrn_source.target                      ? 
_diffrn_source.type                        'RIGAKU MICROMAX-007 HF' 
_diffrn_source.voltage                     ? 
_diffrn_source.take-off_angle              ? 
_diffrn_source.pdbx_wavelength_list        1.54178 
_diffrn_source.pdbx_wavelength             ? 
_diffrn_source.pdbx_synchrotron_beamline   ? 
_diffrn_source.pdbx_synchrotron_site       ? 
# 
_reflns.B_iso_Wilson_estimate            ? 
_reflns.entry_id                         5ILE 
_reflns.data_reduction_details           ? 
_reflns.data_reduction_method            ? 
_reflns.d_resolution_high                1.770 
_reflns.d_resolution_low                 50.000 
_reflns.details                          ? 
_reflns.limit_h_max                      ? 
_reflns.limit_h_min                      ? 
_reflns.limit_k_max                      ? 
_reflns.limit_k_min                      ? 
_reflns.limit_l_max                      ? 
_reflns.limit_l_min                      ? 
_reflns.number_all                       ? 
_reflns.number_obs                       20927 
_reflns.observed_criterion               ? 
_reflns.observed_criterion_F_max         ? 
_reflns.observed_criterion_F_min         ? 
_reflns.observed_criterion_I_max         ? 
_reflns.observed_criterion_I_min         ? 
_reflns.observed_criterion_sigma_F       ? 
_reflns.observed_criterion_sigma_I       ? 
_reflns.percent_possible_obs             99.900 
_reflns.R_free_details                   ? 
_reflns.Rmerge_F_all                     ? 
_reflns.Rmerge_F_obs                     ? 
_reflns.Friedel_coverage                 ? 
_reflns.number_gt                        ? 
_reflns.threshold_expression             ? 
_reflns.pdbx_redundancy                  8.600 
_reflns.pdbx_Rmerge_I_obs                0.070 
_reflns.pdbx_Rmerge_I_all                ? 
_reflns.pdbx_Rsym_value                  ? 
_reflns.pdbx_netI_over_av_sigmaI         35.269 
_reflns.pdbx_netI_over_sigmaI            10.100 
_reflns.pdbx_res_netI_over_av_sigmaI_2   ? 
_reflns.pdbx_res_netI_over_sigmaI_2      ? 
_reflns.pdbx_chi_squared                 0.865 
_reflns.pdbx_scaling_rejects             ? 
_reflns.pdbx_d_res_high_opt              ? 
_reflns.pdbx_d_res_low_opt               ? 
_reflns.pdbx_d_res_opt_method            ? 
_reflns.phase_calculation_details        ? 
_reflns.pdbx_Rrim_I_all                  0.074 
_reflns.pdbx_Rpim_I_all                  0.025 
_reflns.pdbx_d_opt                       ? 
_reflns.pdbx_number_measured_all         180821 
_reflns.pdbx_diffrn_id                   1 
_reflns.pdbx_ordinal                     1 
_reflns.pdbx_CC_half                     ? 
_reflns.pdbx_R_split                     ? 
# 
loop_
_reflns_shell.d_res_high 
_reflns_shell.d_res_low 
_reflns_shell.meanI_over_sigI_all 
_reflns_shell.meanI_over_sigI_obs 
_reflns_shell.number_measured_all 
_reflns_shell.number_measured_obs 
_reflns_shell.number_possible 
_reflns_shell.number_unique_all 
_reflns_shell.number_unique_obs 
_reflns_shell.percent_possible_all 
_reflns_shell.percent_possible_obs 
_reflns_shell.Rmerge_F_all 
_reflns_shell.Rmerge_F_obs 
_reflns_shell.Rmerge_I_all 
_reflns_shell.Rmerge_I_obs 
_reflns_shell.meanI_over_sigI_gt 
_reflns_shell.meanI_over_uI_all 
_reflns_shell.meanI_over_uI_gt 
_reflns_shell.number_measured_gt 
_reflns_shell.number_unique_gt 
_reflns_shell.percent_possible_gt 
_reflns_shell.Rmerge_F_gt 
_reflns_shell.Rmerge_I_gt 
_reflns_shell.pdbx_redundancy 
_reflns_shell.pdbx_Rsym_value 
_reflns_shell.pdbx_chi_squared 
_reflns_shell.pdbx_netI_over_sigmaI_all 
_reflns_shell.pdbx_netI_over_sigmaI_obs 
_reflns_shell.pdbx_Rrim_I_all 
_reflns_shell.pdbx_Rpim_I_all 
_reflns_shell.pdbx_rejects 
_reflns_shell.pdbx_ordinal 
_reflns_shell.pdbx_diffrn_id 
_reflns_shell.pdbx_CC_half 
_reflns_shell.pdbx_R_split 
1.770 1.800  ? ? ? ? ? ? ? 98.900  ? ? ? ? 0.479 ? ? ? ? ? ? ? ? 5.100 ? ? ? ? ? ? ? 1  1 ? ? 
1.800 1.830  ? ? ? ? ? ? ? 99.900  ? ? ? ? 0.420 ? ? ? ? ? ? ? ? 5.600 ? ? ? ? ? ? ? 2  1 ? ? 
1.830 1.870  ? ? ? ? ? ? ? 99.900  ? ? ? ? 0.317 ? ? ? ? ? ? ? ? 6.400 ? ? ? ? ? ? ? 3  1 ? ? 
1.870 1.910  ? ? ? ? ? ? ? 99.900  ? ? ? ? 0.294 ? ? ? ? ? ? ? ? 7.200 ? ? ? ? ? ? ? 4  1 ? ? 
1.910 1.950  ? ? ? ? ? ? ? 100.000 ? ? ? ? 0.248 ? ? ? ? ? ? ? ? 8.400 ? ? ? ? ? ? ? 5  1 ? ? 
1.950 1.990  ? ? ? ? ? ? ? 100.000 ? ? ? ? 0.235 ? ? ? ? ? ? ? ? 8.600 ? ? ? ? ? ? ? 6  1 ? ? 
1.990 2.040  ? ? ? ? ? ? ? 100.000 ? ? ? ? 0.209 ? ? ? ? ? ? ? ? 8.800 ? ? ? ? ? ? ? 7  1 ? ? 
2.040 2.100  ? ? ? ? ? ? ? 100.000 ? ? ? ? 0.173 ? ? ? ? ? ? ? ? 9.000 ? ? ? ? ? ? ? 8  1 ? ? 
2.100 2.160  ? ? ? ? ? ? ? 100.000 ? ? ? ? 0.120 ? ? ? ? ? ? ? ? 9.300 ? ? ? ? ? ? ? 9  1 ? ? 
2.160 2.230  ? ? ? ? ? ? ? 100.000 ? ? ? ? 0.107 ? ? ? ? ? ? ? ? 9.500 ? ? ? ? ? ? ? 10 1 ? ? 
2.230 2.310  ? ? ? ? ? ? ? 100.000 ? ? ? ? 0.097 ? ? ? ? ? ? ? ? 9.700 ? ? ? ? ? ? ? 11 1 ? ? 
2.310 2.400  ? ? ? ? ? ? ? 100.000 ? ? ? ? 0.089 ? ? ? ? ? ? ? ? 9.700 ? ? ? ? ? ? ? 12 1 ? ? 
2.400 2.510  ? ? ? ? ? ? ? 100.000 ? ? ? ? 0.083 ? ? ? ? ? ? ? ? 9.700 ? ? ? ? ? ? ? 13 1 ? ? 
2.510 2.640  ? ? ? ? ? ? ? 100.000 ? ? ? ? 0.079 ? ? ? ? ? ? ? ? 9.700 ? ? ? ? ? ? ? 14 1 ? ? 
2.640 2.810  ? ? ? ? ? ? ? 100.000 ? ? ? ? 0.071 ? ? ? ? ? ? ? ? 9.700 ? ? ? ? ? ? ? 15 1 ? ? 
2.810 3.030  ? ? ? ? ? ? ? 100.000 ? ? ? ? 0.058 ? ? ? ? ? ? ? ? 9.600 ? ? ? ? ? ? ? 16 1 ? ? 
3.030 3.330  ? ? ? ? ? ? ? 100.000 ? ? ? ? 0.051 ? ? ? ? ? ? ? ? 9.600 ? ? ? ? ? ? ? 17 1 ? ? 
3.330 3.810  ? ? ? ? ? ? ? 100.000 ? ? ? ? 0.042 ? ? ? ? ? ? ? ? 9.500 ? ? ? ? ? ? ? 18 1 ? ? 
3.810 4.800  ? ? ? ? ? ? ? 100.000 ? ? ? ? 0.039 ? ? ? ? ? ? ? ? 9.200 ? ? ? ? ? ? ? 19 1 ? ? 
4.800 50.000 ? ? ? ? ? ? ? 99.700  ? ? ? ? 0.031 ? ? ? ? ? ? ? ? 8.400 ? ? ? ? ? ? ? 20 1 ? ? 
# 
_refine.aniso_B[1][1]                            0.0700 
_refine.aniso_B[1][2]                            0.0300 
_refine.aniso_B[1][3]                            0.0000 
_refine.aniso_B[2][2]                            0.0700 
_refine.aniso_B[2][3]                            -0.0000 
_refine.aniso_B[3][3]                            -0.2100 
_refine.B_iso_max                                85.750 
_refine.B_iso_mean                               21.5930 
_refine.B_iso_min                                10.040 
_refine.correlation_coeff_Fo_to_Fc               0.9690 
_refine.correlation_coeff_Fo_to_Fc_free          0.9590 
_refine.details                                  'HYDROGENS HAVE BEEN ADDED IN THE RIDING POSITIONS U VALUE: REFINED INDIVIDUALLY' 
_refine.diff_density_max                         ? 
_refine.diff_density_max_esd                     ? 
_refine.diff_density_min                         ? 
_refine.diff_density_min_esd                     ? 
_refine.diff_density_rms                         ? 
_refine.diff_density_rms_esd                     ? 
_refine.entry_id                                 5ILE 
_refine.pdbx_refine_id                           'X-RAY DIFFRACTION' 
_refine.ls_abs_structure_details                 ? 
_refine.ls_abs_structure_Flack                   ? 
_refine.ls_abs_structure_Flack_esd               ? 
_refine.ls_abs_structure_Rogers                  ? 
_refine.ls_abs_structure_Rogers_esd              ? 
_refine.ls_d_res_high                            1.7700 
_refine.ls_d_res_low                             39.26 
_refine.ls_extinction_coef                       ? 
_refine.ls_extinction_coef_esd                   ? 
_refine.ls_extinction_expression                 ? 
_refine.ls_extinction_method                     ? 
_refine.ls_goodness_of_fit_all                   ? 
_refine.ls_goodness_of_fit_all_esd               ? 
_refine.ls_goodness_of_fit_obs                   ? 
_refine.ls_goodness_of_fit_obs_esd               ? 
_refine.ls_hydrogen_treatment                    ? 
_refine.ls_matrix_type                           ? 
_refine.ls_number_constraints                    ? 
_refine.ls_number_parameters                     ? 
_refine.ls_number_reflns_all                     ? 
_refine.ls_number_reflns_obs                     19813 
_refine.ls_number_reflns_R_free                  1067 
_refine.ls_number_reflns_R_work                  ? 
_refine.ls_number_restraints                     ? 
_refine.ls_percent_reflns_obs                    99.6400 
_refine.ls_percent_reflns_R_free                 5.1000 
_refine.ls_R_factor_all                          ? 
_refine.ls_R_factor_obs                          0.1539 
_refine.ls_R_factor_R_free                       0.1790 
_refine.ls_R_factor_R_free_error                 ? 
_refine.ls_R_factor_R_free_error_details         ? 
_refine.ls_R_factor_R_work                       0.1526 
_refine.ls_R_Fsqd_factor_obs                     ? 
_refine.ls_R_I_factor_obs                        ? 
_refine.ls_redundancy_reflns_all                 ? 
_refine.ls_redundancy_reflns_obs                 ? 
_refine.ls_restrained_S_all                      ? 
_refine.ls_restrained_S_obs                      ? 
_refine.ls_shift_over_esd_max                    ? 
_refine.ls_shift_over_esd_mean                   ? 
_refine.ls_structure_factor_coef                 ? 
_refine.ls_weighting_details                     ? 
_refine.ls_weighting_scheme                      ? 
_refine.ls_wR_factor_all                         ? 
_refine.ls_wR_factor_obs                         ? 
_refine.ls_wR_factor_R_free                      ? 
_refine.ls_wR_factor_R_work                      ? 
_refine.occupancy_max                            ? 
_refine.occupancy_min                            ? 
_refine.solvent_model_details                    ? 
_refine.solvent_model_param_bsol                 ? 
_refine.solvent_model_param_ksol                 ? 
_refine.ls_R_factor_gt                           ? 
_refine.ls_goodness_of_fit_gt                    ? 
_refine.ls_goodness_of_fit_ref                   ? 
_refine.ls_shift_over_su_max                     ? 
_refine.ls_shift_over_su_max_lt                  ? 
_refine.ls_shift_over_su_mean                    ? 
_refine.ls_shift_over_su_mean_lt                 ? 
_refine.pdbx_ls_sigma_I                          ? 
_refine.pdbx_ls_sigma_F                          0.000 
_refine.pdbx_ls_sigma_Fsqd                       ? 
_refine.pdbx_data_cutoff_high_absF               ? 
_refine.pdbx_data_cutoff_high_rms_absF           ? 
_refine.pdbx_data_cutoff_low_absF                ? 
_refine.pdbx_isotropic_thermal_model             ? 
_refine.pdbx_ls_cross_valid_method               THROUGHOUT 
_refine.pdbx_method_to_determine_struct          'MOLECULAR REPLACEMENT' 
_refine.pdbx_starting_model                      2MBW 
_refine.pdbx_stereochemistry_target_values       ? 
_refine.pdbx_R_Free_selection_details            RANDOM 
_refine.pdbx_stereochem_target_val_spec_case     ? 
_refine.pdbx_overall_ESU_R                       0.0910 
_refine.pdbx_overall_ESU_R_Free                  0.0890 
_refine.pdbx_solvent_vdw_probe_radii             1.2000 
_refine.pdbx_solvent_ion_probe_radii             0.8000 
_refine.pdbx_solvent_shrinkage_radii             0.8000 
_refine.pdbx_real_space_R                        ? 
_refine.pdbx_density_correlation                 ? 
_refine.pdbx_pd_number_of_powder_patterns        ? 
_refine.pdbx_pd_number_of_points                 ? 
_refine.pdbx_pd_meas_number_of_points            ? 
_refine.pdbx_pd_proc_ls_prof_R_factor            ? 
_refine.pdbx_pd_proc_ls_prof_wR_factor           ? 
_refine.pdbx_pd_Marquardt_correlation_coeff      ? 
_refine.pdbx_pd_Fsqrd_R_factor                   ? 
_refine.pdbx_pd_ls_matrix_band_width             ? 
_refine.pdbx_overall_phase_error                 ? 
_refine.pdbx_overall_SU_R_free_Cruickshank_DPI   ? 
_refine.pdbx_overall_SU_R_free_Blow_DPI          ? 
_refine.pdbx_overall_SU_R_Blow_DPI               ? 
_refine.pdbx_TLS_residual_ADP_flag               ? 
_refine.pdbx_diffrn_id                           1 
_refine.overall_SU_B                             1.7550 
_refine.overall_SU_ML                            0.0550 
_refine.overall_SU_R_Cruickshank_DPI             ? 
_refine.overall_SU_R_free                        ? 
_refine.overall_FOM_free_R_set                   ? 
_refine.overall_FOM_work_R_set                   ? 
_refine.pdbx_average_fsc_overall                 ? 
_refine.pdbx_average_fsc_work                    ? 
_refine.pdbx_average_fsc_free                    ? 
# 
_refine_hist.cycle_id                         final 
_refine_hist.pdbx_refine_id                   'X-RAY DIFFRACTION' 
_refine_hist.d_res_high                       1.7700 
_refine_hist.d_res_low                        39.26 
_refine_hist.pdbx_number_atoms_ligand         80 
_refine_hist.number_atoms_solvent             184 
_refine_hist.number_atoms_total               1484 
_refine_hist.pdbx_number_residues_total       154 
_refine_hist.pdbx_B_iso_mean_ligand           32.15 
_refine_hist.pdbx_B_iso_mean_solvent          30.06 
_refine_hist.pdbx_number_atoms_protein        1220 
_refine_hist.pdbx_number_atoms_nucleic_acid   0 
# 
loop_
_refine_ls_restr.pdbx_refine_id 
_refine_ls_restr.criterion 
_refine_ls_restr.dev_ideal 
_refine_ls_restr.dev_ideal_target 
_refine_ls_restr.number 
_refine_ls_restr.rejects 
_refine_ls_restr.type 
_refine_ls_restr.weight 
_refine_ls_restr.pdbx_restraint_function 
'X-RAY DIFFRACTION' ? 0.025  0.020  1351 ? r_bond_refined_d       ? ? 
'X-RAY DIFFRACTION' ? 0.003  0.020  1311 ? r_bond_other_d         ? ? 
'X-RAY DIFFRACTION' ? 2.196  2.071  1841 ? r_angle_refined_deg    ? ? 
'X-RAY DIFFRACTION' ? 1.231  3.000  3017 ? r_angle_other_deg      ? ? 
'X-RAY DIFFRACTION' ? 5.312  5.000  159  ? r_dihedral_angle_1_deg ? ? 
'X-RAY DIFFRACTION' ? 35.803 24.364 55   ? r_dihedral_angle_2_deg ? ? 
'X-RAY DIFFRACTION' ? 14.723 15.000 244  ? r_dihedral_angle_3_deg ? ? 
'X-RAY DIFFRACTION' ? 21.318 15.000 4    ? r_dihedral_angle_4_deg ? ? 
'X-RAY DIFFRACTION' ? 0.202  0.200  194  ? r_chiral_restr         ? ? 
'X-RAY DIFFRACTION' ? 0.015  0.020  1478 ? r_gen_planes_refined   ? ? 
'X-RAY DIFFRACTION' ? 0.006  0.020  308  ? r_gen_planes_other     ? ? 
'X-RAY DIFFRACTION' ? 1.884  1.703  621  ? r_mcbond_it            ? ? 
'X-RAY DIFFRACTION' ? 1.886  1.701  620  ? r_mcbond_other         ? ? 
'X-RAY DIFFRACTION' ? 2.494  2.538  776  ? r_mcangle_it           ? ? 
'X-RAY DIFFRACTION' ? 9.171  3.000  8    ? r_rigid_bond_restr     ? ? 
'X-RAY DIFFRACTION' ? 15.128 5.000  8    ? r_sphericity_bonded    ? ? 
# 
_refine_ls_shell.pdbx_refine_id                   'X-RAY DIFFRACTION' 
_refine_ls_shell.d_res_high                       1.7710 
_refine_ls_shell.d_res_low                        1.8170 
_refine_ls_shell.number_reflns_all                1525 
_refine_ls_shell.number_reflns_obs                ? 
_refine_ls_shell.number_reflns_R_free             86 
_refine_ls_shell.number_reflns_R_work             1439 
_refine_ls_shell.percent_reflns_obs               97.3800 
_refine_ls_shell.percent_reflns_R_free            ? 
_refine_ls_shell.R_factor_all                     ? 
_refine_ls_shell.R_factor_obs                     ? 
_refine_ls_shell.R_factor_R_free                  0.2860 
_refine_ls_shell.R_factor_R_free_error            ? 
_refine_ls_shell.R_factor_R_work                  0.2080 
_refine_ls_shell.redundancy_reflns_all            ? 
_refine_ls_shell.redundancy_reflns_obs            ? 
_refine_ls_shell.wR_factor_all                    ? 
_refine_ls_shell.wR_factor_obs                    ? 
_refine_ls_shell.wR_factor_R_free                 ? 
_refine_ls_shell.wR_factor_R_work                 ? 
_refine_ls_shell.pdbx_total_number_of_bins_used   20 
_refine_ls_shell.pdbx_phase_error                 ? 
_refine_ls_shell.pdbx_fsc_work                    ? 
_refine_ls_shell.pdbx_fsc_free                    ? 
# 
_struct.entry_id                     5ILE 
_struct.title                        'H64A sperm whale myoglobin with a Fe-tolyl moiety' 
_struct.pdbx_model_details           
;This stable porphyrin-Fe(?Ea)-nitrosoalkane complex was obtained from the reaction of sperm whale myoglobin ferric H64A and N-hydroxyamphetamine.
;
_struct.pdbx_formula_weight          ? 
_struct.pdbx_formula_weight_method   ? 
_struct.pdbx_model_type_details      ? 
_struct.pdbx_CASP_flag               ? 
# 
_struct_keywords.entry_id        5ILE 
_struct_keywords.text            
;Bioorganometallic, Heme, Sigma-aryl, Hydrazine, Arylhydrazine, Phenylhydrazine, Iron-carbon, 3-methylphenylhydrazine, meta-tolylhydrazine, 4-chlorophenylhydrazine, para-chlorophenylhydrazine, OXYGEN TRANSPORT
;
_struct_keywords.pdbx_keywords   'OXYGEN TRANSPORT' 
# 
loop_
_struct_asym.id 
_struct_asym.pdbx_blank_PDB_chainid_flag 
_struct_asym.pdbx_modified 
_struct_asym.entity_id 
_struct_asym.details 
A N N 1 ? 
B N N 2 ? 
C N N 3 ? 
D N N 3 ? 
E N N 3 ? 
F N N 3 ? 
G N N 3 ? 
H N N 3 ? 
I N N 4 ? 
# 
_struct_biol.details                      'biological unit is the same as asym.' 
_struct_biol.id                           1 
_struct_biol.pdbx_parent_biol_id          ? 
_struct_biol.pdbx_formula_weight          ? 
_struct_biol.pdbx_formula_weight_method   ? 
_struct_biol.pdbx_aggregation_state       ? 
_struct_biol.pdbx_assembly_method         ? 
# 
loop_
_struct_conf.conf_type_id 
_struct_conf.id 
_struct_conf.pdbx_PDB_helix_id 
_struct_conf.beg_label_comp_id 
_struct_conf.beg_label_asym_id 
_struct_conf.beg_label_seq_id 
_struct_conf.pdbx_beg_PDB_ins_code 
_struct_conf.end_label_comp_id 
_struct_conf.end_label_asym_id 
_struct_conf.end_label_seq_id 
_struct_conf.pdbx_end_PDB_ins_code 
_struct_conf.beg_auth_comp_id 
_struct_conf.beg_auth_asym_id 
_struct_conf.beg_auth_seq_id 
_struct_conf.end_auth_comp_id 
_struct_conf.end_auth_asym_id 
_struct_conf.end_auth_seq_id 
_struct_conf.pdbx_PDB_helix_class 
_struct_conf.details 
_struct_conf.pdbx_PDB_helix_length 
HELX_P HELX_P1 AA1 SER A 4   ? GLU A 19  ? SER A 3   GLU A 18  1 ? 16 
HELX_P HELX_P2 AA2 ASP A 21  ? HIS A 37  ? ASP A 20  HIS A 36  1 ? 17 
HELX_P HELX_P3 AA3 HIS A 37  ? GLU A 42  ? HIS A 36  GLU A 41  1 ? 6  
HELX_P HELX_P4 AA4 THR A 52  ? SER A 59  ? THR A 51  SER A 58  1 ? 8  
HELX_P HELX_P5 AA5 SER A 59  ? LYS A 79  ? SER A 58  LYS A 78  1 ? 21 
HELX_P HELX_P6 AA6 HIS A 83  ? LYS A 97  ? HIS A 82  LYS A 96  1 ? 15 
HELX_P HELX_P7 AA7 PRO A 101 ? HIS A 120 ? PRO A 100 HIS A 119 1 ? 20 
HELX_P HELX_P8 AA8 GLY A 125 ? GLY A 151 ? GLY A 124 GLY A 150 1 ? 27 
# 
_struct_conf_type.id          HELX_P 
_struct_conf_type.criteria    ? 
_struct_conf_type.reference   ? 
# 
_struct_conn.id                            metalc1 
_struct_conn.conn_type_id                  metalc 
_struct_conn.pdbx_leaving_atom_flag        ? 
_struct_conn.pdbx_PDB_id                   ? 
_struct_conn.ptnr1_label_asym_id           A 
_struct_conn.ptnr1_label_comp_id           HIS 
_struct_conn.ptnr1_label_seq_id            94 
_struct_conn.ptnr1_label_atom_id           NE2 
_struct_conn.pdbx_ptnr1_label_alt_id       ? 
_struct_conn.pdbx_ptnr1_PDB_ins_code       ? 
_struct_conn.pdbx_ptnr1_standard_comp_id   ? 
_struct_conn.ptnr1_symmetry                1_555 
_struct_conn.ptnr2_label_asym_id           B 
_struct_conn.ptnr2_label_comp_id           6CQ 
_struct_conn.ptnr2_label_seq_id            . 
_struct_conn.ptnr2_label_atom_id           FE 
_struct_conn.pdbx_ptnr2_label_alt_id       ? 
_struct_conn.pdbx_ptnr2_PDB_ins_code       ? 
_struct_conn.ptnr1_auth_asym_id            A 
_struct_conn.ptnr1_auth_comp_id            HIS 
_struct_conn.ptnr1_auth_seq_id             93 
_struct_conn.ptnr2_auth_asym_id            A 
_struct_conn.ptnr2_auth_comp_id            6CQ 
_struct_conn.ptnr2_auth_seq_id             201 
_struct_conn.ptnr2_symmetry                1_555 
_struct_conn.pdbx_ptnr3_label_atom_id      ? 
_struct_conn.pdbx_ptnr3_label_seq_id       ? 
_struct_conn.pdbx_ptnr3_label_comp_id      ? 
_struct_conn.pdbx_ptnr3_label_asym_id      ? 
_struct_conn.pdbx_ptnr3_label_alt_id       ? 
_struct_conn.pdbx_ptnr3_PDB_ins_code       ? 
_struct_conn.details                       ? 
_struct_conn.pdbx_dist_value               2.233 
_struct_conn.pdbx_value_order              ? 
_struct_conn.pdbx_role                     ? 
# 
_struct_conn_type.id          metalc 
_struct_conn_type.criteria    ? 
_struct_conn_type.reference   ? 
# 
loop_
_struct_site.id 
_struct_site.pdbx_evidence_code 
_struct_site.pdbx_auth_asym_id 
_struct_site.pdbx_auth_comp_id 
_struct_site.pdbx_auth_seq_id 
_struct_site.pdbx_auth_ins_code 
_struct_site.pdbx_num_residues 
_struct_site.details 
AC1 Software A 6CQ 201 ? 17 'binding site for residue 6CQ A 201' 
AC2 Software A SO4 202 ? 8  'binding site for residue SO4 A 202' 
AC3 Software A SO4 203 ? 4  'binding site for residue SO4 A 203' 
AC4 Software A SO4 204 ? 1  'binding site for residue SO4 A 204' 
AC5 Software A SO4 205 ? 4  'binding site for residue SO4 A 205' 
AC6 Software A SO4 206 ? 3  'binding site for residue SO4 A 206' 
AC7 Software A SO4 207 ? 7  'binding site for residue SO4 A 207' 
# 
loop_
_struct_site_gen.id 
_struct_site_gen.site_id 
_struct_site_gen.pdbx_num_res 
_struct_site_gen.label_comp_id 
_struct_site_gen.label_asym_id 
_struct_site_gen.label_seq_id 
_struct_site_gen.pdbx_auth_ins_code 
_struct_site_gen.auth_comp_id 
_struct_site_gen.auth_asym_id 
_struct_site_gen.auth_seq_id 
_struct_site_gen.label_atom_id 
_struct_site_gen.label_alt_id 
_struct_site_gen.symmetry 
_struct_site_gen.details 
1  AC1 17 LEU A 30  ? LEU A 29  . ? 1_555 ? 
2  AC1 17 LYS A 43  ? LYS A 42  . ? 1_555 ? 
3  AC1 17 PHE A 44  ? PHE A 43  . ? 1_555 ? 
4  AC1 17 ARG A 46  ? ARG A 45  . ? 1_555 ? 
5  AC1 17 ALA A 65  ? ALA A 64  . ? 1_555 ? 
6  AC1 17 THR A 68  ? THR A 67  . ? 1_555 ? 
7  AC1 17 VAL A 69  ? VAL A 68  . ? 1_555 ? 
8  AC1 17 ALA A 72  ? ALA A 71  . ? 1_555 ? 
9  AC1 17 LEU A 90  ? LEU A 89  . ? 1_555 ? 
10 AC1 17 SER A 93  ? SER A 92  . ? 1_555 ? 
11 AC1 17 HIS A 94  ? HIS A 93  . ? 1_555 ? 
12 AC1 17 HIS A 98  ? HIS A 97  . ? 1_555 ? 
13 AC1 17 ILE A 100 ? ILE A 99  . ? 1_555 ? 
14 AC1 17 TYR A 104 ? TYR A 103 . ? 1_555 ? 
15 AC1 17 ILE A 108 ? ILE A 107 . ? 1_555 ? 
16 AC1 17 HOH I .   ? HOH A 312 . ? 1_555 ? 
17 AC1 17 HOH I .   ? HOH A 320 . ? 1_555 ? 
18 AC2 8  SER A 4   ? SER A 3   . ? 1_554 ? 
19 AC2 8  GLU A 5   ? GLU A 4   . ? 1_554 ? 
20 AC2 8  THR A 52  ? THR A 51  . ? 1_555 ? 
21 AC2 8  GLU A 53  ? GLU A 52  . ? 1_555 ? 
22 AC2 8  ALA A 54  ? ALA A 53  . ? 1_555 ? 
23 AC2 8  HOH I .   ? HOH A 301 . ? 1_555 ? 
24 AC2 8  HOH I .   ? HOH A 357 . ? 1_555 ? 
25 AC2 8  HOH I .   ? HOH A 388 . ? 1_554 ? 
26 AC3 4  SER A 4   ? SER A 3   . ? 1_555 ? 
27 AC3 4  GLY A 6   ? GLY A 5   . ? 1_555 ? 
28 AC3 4  HOH I .   ? HOH A 338 . ? 1_555 ? 
29 AC3 4  HOH I .   ? HOH A 388 . ? 1_555 ? 
30 AC4 1  ARG A 32  ? ARG A 31  . ? 1_555 ? 
31 AC5 4  GLN A 27  ? GLN A 26  . ? 1_555 ? 
32 AC5 4  LYS A 57  ? LYS A 56  . ? 1_555 ? 
33 AC5 4  LYS A 63  ? LYS A 62  . ? 1_555 ? 
34 AC5 4  HOH I .   ? HOH A 400 . ? 1_555 ? 
35 AC6 3  LYS A 17  ? LYS A 16  . ? 1_555 ? 
36 AC6 3  LYS A 17  ? LYS A 16  . ? 3_575 ? 
37 AC6 3  LYS A 17  ? LYS A 16  . ? 2_775 ? 
38 AC7 7  GLY A 125 ? GLY A 124 . ? 1_555 ? 
39 AC7 7  ALA A 126 ? ALA A 125 . ? 1_555 ? 
40 AC7 7  ASP A 127 ? ASP A 126 . ? 1_555 ? 
41 AC7 7  HOH I .   ? HOH A 302 . ? 1_555 ? 
42 AC7 7  HOH I .   ? HOH A 303 . ? 1_555 ? 
43 AC7 7  HOH I .   ? HOH A 370 . ? 1_555 ? 
44 AC7 7  HOH I .   ? HOH A 427 . ? 1_555 ? 
# 
_atom_sites.entry_id                    5ILE 
_atom_sites.fract_transf_matrix[1][1]   -0.01096811 
_atom_sites.fract_transf_matrix[1][2]   -0.00430486 
_atom_sites.fract_transf_matrix[1][3]   0.00478685 
_atom_sites.fract_transf_matrix[2][1]   -0.00157356 
_atom_sites.fract_transf_matrix[2][2]   -0.01244469 
_atom_sites.fract_transf_matrix[2][3]   0.00209787 
_atom_sites.fract_transf_matrix[3][1]   0.00796184 
_atom_sites.fract_transf_matrix[3][2]   0.00243822 
_atom_sites.fract_transf_matrix[3][3]   0.02043567 
_atom_sites.fract_transf_vector[1]      0.708218 
_atom_sites.fract_transf_vector[2]      1.144461 
_atom_sites.fract_transf_vector[3]      -0.189105 
# 
loop_
_atom_type.symbol 
C  
FE 
N  
O  
S  
# 
loop_
_atom_site.group_PDB 
_atom_site.id 
_atom_site.type_symbol 
_atom_site.label_atom_id 
_atom_site.label_alt_id 
_atom_site.label_comp_id 
_atom_site.label_asym_id 
_atom_site.label_entity_id 
_atom_site.label_seq_id 
_atom_site.pdbx_PDB_ins_code 
_atom_site.Cartn_x 
_atom_site.Cartn_y 
_atom_site.Cartn_z 
_atom_site.occupancy 
_atom_site.B_iso_or_equiv 
_atom_site.pdbx_formal_charge 
_atom_site.auth_seq_id 
_atom_site.auth_comp_id 
_atom_site.auth_asym_id 
_atom_site.auth_atom_id 
_atom_site.pdbx_PDB_model_num 
ATOM   1    N  N   . MET A 1 1   ? -1.961  6.355   18.072  0.80 47.05 ? 0   MET A N   1 
ATOM   2    C  CA  . MET A 1 1   ? -2.103  4.864   18.102  0.80 44.08 ? 0   MET A CA  1 
ATOM   3    C  C   . MET A 1 1   ? -0.716  4.276   17.919  0.80 39.38 ? 0   MET A C   1 
ATOM   4    O  O   . MET A 1 1   ? 0.180   4.877   17.211  0.80 35.56 ? 0   MET A O   1 
ATOM   5    C  CB  . MET A 1 1   ? -2.999  4.344   16.995  0.80 41.17 ? 0   MET A CB  1 
ATOM   6    C  CG  . MET A 1 1   ? -2.471  4.762   15.641  0.80 39.30 ? 0   MET A CG  1 
ATOM   7    S  SD  . MET A 1 1   ? -3.569  4.449   14.242  0.80 36.69 ? 0   MET A SD  1 
ATOM   8    C  CE  . MET A 1 1   ? -3.243  2.549   14.248  0.80 23.61 ? 0   MET A CE  1 
ATOM   9    N  N   . VAL A 1 2   ? -0.529  3.117   18.553  1.00 30.01 ? 1   VAL A N   1 
ATOM   10   C  CA  . VAL A 1 2   ? 0.817   2.560   18.658  1.00 26.72 ? 1   VAL A CA  1 
ATOM   11   C  C   . VAL A 1 2   ? 0.757   1.069   18.602  1.00 20.63 ? 1   VAL A C   1 
ATOM   12   O  O   . VAL A 1 2   ? 0.075   0.479   19.378  1.00 23.36 ? 1   VAL A O   1 
ATOM   13   C  CB  . VAL A 1 2   ? 1.487   2.997   19.954  1.00 30.45 ? 1   VAL A CB  1 
ATOM   14   C  CG1 . VAL A 1 2   ? 2.848   2.376   20.060  1.00 26.54 ? 1   VAL A CG1 1 
ATOM   15   C  CG2 . VAL A 1 2   ? 1.590   4.545   20.004  1.00 35.63 ? 1   VAL A CG2 1 
ATOM   16   N  N   . LEU A 1 3   ? 1.537   0.454   17.732  1.00 17.10 ? 2   LEU A N   1 
ATOM   17   C  CA  . LEU A 1 3   ? 1.541   -0.962  17.669  1.00 15.82 ? 2   LEU A CA  1 
ATOM   18   C  C   . LEU A 1 3   ? 2.520   -1.504  18.719  1.00 17.27 ? 2   LEU A C   1 
ATOM   19   O  O   . LEU A 1 3   ? 3.573   -0.860  19.061  1.00 16.49 ? 2   LEU A O   1 
ATOM   20   C  CB  . LEU A 1 3   ? 2.023   -1.480  16.298  1.00 17.06 ? 2   LEU A CB  1 
ATOM   21   C  CG  . LEU A 1 3   ? 0.939   -1.518  15.189  1.00 15.27 ? 2   LEU A CG  1 
ATOM   22   C  CD1 . LEU A 1 3   ? 0.632   -0.135  14.692  1.00 17.85 ? 2   LEU A CD1 1 
ATOM   23   C  CD2 . LEU A 1 3   ? 1.403   -2.344  14.031  1.00 15.79 ? 2   LEU A CD2 1 
ATOM   24   N  N   . SER A 1 4   ? 2.214   -2.699  19.146  1.00 17.00 ? 3   SER A N   1 
ATOM   25   C  CA  . SER A 1 4   ? 3.173   -3.463  19.958  1.00 18.37 ? 3   SER A CA  1 
ATOM   26   C  C   . SER A 1 4   ? 4.256   -4.076  19.100  1.00 17.38 ? 3   SER A C   1 
ATOM   27   O  O   . SER A 1 4   ? 4.105   -4.249  17.919  1.00 16.21 ? 3   SER A O   1 
ATOM   28   C  CB  . SER A 1 4   ? 2.450   -4.552  20.700  1.00 20.17 ? 3   SER A CB  1 
ATOM   29   O  OG  . SER A 1 4   ? 2.056   -5.577  19.850  1.00 18.05 ? 3   SER A OG  1 
ATOM   30   N  N   . GLU A 1 5   ? 5.348   -4.465  19.725  1.00 16.64 ? 4   GLU A N   1 
ATOM   31   C  CA  . GLU A 1 5   ? 6.396   -5.174  19.034  1.00 16.52 ? 4   GLU A CA  1 
ATOM   32   C  C   . GLU A 1 5   ? 5.828   -6.492  18.424  1.00 16.32 ? 4   GLU A C   1 
ATOM   33   O  O   . GLU A 1 5   ? 6.192   -6.879  17.305  1.00 15.12 ? 4   GLU A O   1 
ATOM   34   C  CB  . GLU A 1 5   ? 7.588   -5.480  19.987  1.00 19.42 ? 4   GLU A CB  1 
ATOM   35   C  CG  . GLU A 1 5   ? 8.636   -6.358  19.331  1.00 17.83 ? 4   GLU A CG  1 
ATOM   36   C  CD  . GLU A 1 5   ? 9.421   -5.770  18.151  1.00 19.92 ? 4   GLU A CD  1 
ATOM   37   O  OE1 . GLU A 1 5   ? 9.310   -4.603  17.773  1.00 20.49 ? 4   GLU A OE1 1 
ATOM   38   O  OE2 . GLU A 1 5   ? 10.218  -6.547  17.531  1.00 20.53 ? 4   GLU A OE2 1 
ATOM   39   N  N   . GLY A 1 6   ? 4.997   -7.197  19.178  1.00 16.50 ? 5   GLY A N   1 
ATOM   40   C  CA  . GLY A 1 6   ? 4.377   -8.435  18.674  1.00 18.58 ? 5   GLY A CA  1 
ATOM   41   C  C   . GLY A 1 6   ? 3.546   -8.196  17.378  1.00 16.58 ? 5   GLY A C   1 
ATOM   42   O  O   . GLY A 1 6   ? 3.634   -8.993  16.423  1.00 15.36 ? 5   GLY A O   1 
ATOM   43   N  N   . GLU A 1 7   ? 2.845   -7.074  17.373  1.00 16.53 ? 6   GLU A N   1 
ATOM   44   C  CA  . GLU A 1 7   ? 2.089   -6.606  16.192  1.00 15.66 ? 6   GLU A CA  1 
ATOM   45   C  C   . GLU A 1 7   ? 2.995   -6.327  15.023  1.00 15.52 ? 6   GLU A C   1 
ATOM   46   O  O   . GLU A 1 7   ? 2.793   -6.857  13.927  1.00 15.15 ? 6   GLU A O   1 
ATOM   47   C  CB  . GLU A 1 7   ? 1.175   -5.466  16.464  1.00 16.50 ? 6   GLU A CB  1 
ATOM   48   C  CG  . GLU A 1 7   ? -0.043  -5.881  17.320  1.00 17.25 ? 6   GLU A CG  1 
ATOM   49   C  CD  . GLU A 1 7   ? -0.784  -4.748  17.938  1.00 20.58 ? 6   GLU A CD  1 
ATOM   50   O  OE1 . GLU A 1 7   ? -0.294  -3.635  18.098  1.00 16.94 ? 6   GLU A OE1 1 
ATOM   51   O  OE2 . GLU A 1 7   ? -1.945  -4.980  18.291  1.00 20.67 ? 6   GLU A OE2 1 
ATOM   52   N  N   . TRP A 1 8   ? 4.053   -5.549  15.248  1.00 13.86 ? 7   TRP A N   1 
ATOM   53   C  CA  . TRP A 1 8   ? 5.039   -5.345  14.199  1.00 14.13 ? 7   TRP A CA  1 
ATOM   54   C  C   . TRP A 1 8   ? 5.655   -6.647  13.671  1.00 14.55 ? 7   TRP A C   1 
ATOM   55   O  O   . TRP A 1 8   ? 5.871   -6.767  12.467  1.00 14.50 ? 7   TRP A O   1 
ATOM   56   C  CB  . TRP A 1 8   ? 6.196   -4.397  14.708  1.00 14.43 ? 7   TRP A CB  1 
ATOM   57   C  CG  . TRP A 1 8   ? 5.753   -2.943  14.799  1.00 13.65 ? 7   TRP A CG  1 
ATOM   58   C  CD1 . TRP A 1 8   ? 5.706   -2.115  15.917  1.00 14.02 ? 7   TRP A CD1 1 
ATOM   59   C  CD2 . TRP A 1 8   ? 5.252   -2.148  13.726  1.00 14.16 ? 7   TRP A CD2 1 
ATOM   60   N  NE1 . TRP A 1 8   ? 5.234   -0.890  15.607  1.00 13.41 ? 7   TRP A NE1 1 
ATOM   61   C  CE2 . TRP A 1 8   ? 4.924   -0.870  14.265  1.00 13.46 ? 7   TRP A CE2 1 
ATOM   62   C  CE3 . TRP A 1 8   ? 5.061   -2.369  12.345  1.00 15.66 ? 7   TRP A CE3 1 
ATOM   63   C  CZ2 . TRP A 1 8   ? 4.444   0.171   13.479  1.00 13.39 ? 7   TRP A CZ2 1 
ATOM   64   C  CZ3 . TRP A 1 8   ? 4.555   -1.341  11.592  1.00 14.58 ? 7   TRP A CZ3 1 
ATOM   65   C  CH2 . TRP A 1 8   ? 4.240   -0.098  12.151  1.00 13.59 ? 7   TRP A CH2 1 
ATOM   66   N  N   . GLN A 1 9   ? 5.920   -7.625  14.545  1.00 15.18 ? 8   GLN A N   1 
ATOM   67   C  CA  . GLN A 1 9   ? 6.483   -8.862  14.073  1.00 16.60 ? 8   GLN A CA  1 
ATOM   68   C  C   . GLN A 1 9   ? 5.501   -9.635  13.159  1.00 14.46 ? 8   GLN A C   1 
ATOM   69   O  O   . GLN A 1 9   ? 5.974   -10.188 12.141  1.00 15.44 ? 8   GLN A O   1 
ATOM   70   C  CB  . GLN A 1 9   ? 6.994   -9.775  15.232  1.00 19.72 ? 8   GLN A CB  1 
ATOM   71   C  CG  . GLN A 1 9   ? 8.236   -9.156  15.910  1.00 23.77 ? 8   GLN A CG  1 
ATOM   72   C  CD  . GLN A 1 9   ? 9.398   -8.956  14.924  1.00 32.27 ? 8   GLN A CD  1 
ATOM   73   O  OE1 . GLN A 1 9   ? 9.647   -9.830  14.095  1.00 40.97 ? 8   GLN A OE1 1 
ATOM   74   N  NE2 . GLN A 1 9   ? 10.055  -7.786  14.943  1.00 37.68 ? 8   GLN A NE2 1 
ATOM   75   N  N   . LEU A 1 10  ? 4.230   -9.563  13.437  1.00 15.66 ? 9   LEU A N   1 
ATOM   76   C  CA  . LEU A 1 10  ? 3.240   -10.188 12.520  1.00 14.49 ? 9   LEU A CA  1 
ATOM   77   C  C   . LEU A 1 10  ? 3.251   -9.480  11.194  1.00 15.36 ? 9   LEU A C   1 
ATOM   78   O  O   . LEU A 1 10  ? 3.145   -10.135 10.128  1.00 15.64 ? 9   LEU A O   1 
ATOM   79   C  CB  . LEU A 1 10  ? 1.866   -10.168 13.122  1.00 16.76 ? 9   LEU A CB  1 
ATOM   80   C  CG  . LEU A 1 10  ? 1.686   -11.015 14.383  1.00 17.95 ? 9   LEU A CG  1 
ATOM   81   C  CD1 . LEU A 1 10  ? 0.363   -10.757 14.955  1.00 19.95 ? 9   LEU A CD1 1 
ATOM   82   C  CD2 . LEU A 1 10  ? 1.802   -12.471 13.960  1.00 22.64 ? 9   LEU A CD2 1 
ATOM   83   N  N   . VAL A 1 11  ? 3.366   -8.145  11.203  1.00 12.78 ? 10  VAL A N   1 
ATOM   84   C  CA  . VAL A 1 11  ? 3.449   -7.399  9.963   1.00 13.72 ? 10  VAL A CA  1 
ATOM   85   C  C   . VAL A 1 11  ? 4.683   -7.782  9.143   1.00 12.46 ? 10  VAL A C   1 
ATOM   86   O  O   . VAL A 1 11  ? 4.631   -8.007  7.941   1.00 12.08 ? 10  VAL A O   1 
ATOM   87   C  CB  . VAL A 1 11  ? 3.415   -5.873  10.285  1.00 12.50 ? 10  VAL A CB  1 
ATOM   88   C  CG1 . VAL A 1 11  ? 3.751   -4.975  9.067   1.00 15.01 ? 10  VAL A CG1 1 
ATOM   89   C  CG2 . VAL A 1 11  ? 2.087   -5.481  10.881  1.00 14.34 ? 10  VAL A CG2 1 
ATOM   90   N  N   . LEU A 1 12  ? 5.846   -7.764  9.796   1.00 14.28 ? 11  LEU A N   1 
ATOM   91   C  CA  . LEU A 1 12  ? 7.098   -8.029  9.191   1.00 15.31 ? 11  LEU A CA  1 
ATOM   92   C  C   . LEU A 1 12  ? 7.277   -9.480  8.731   1.00 15.22 ? 11  LEU A C   1 
ATOM   93   O  O   . LEU A 1 12  ? 7.939   -9.717  7.685   1.00 14.47 ? 11  LEU A O   1 
ATOM   94   C  CB  . LEU A 1 12  ? 8.298   -7.475  10.048  1.00 16.07 ? 11  LEU A CB  1 
ATOM   95   C  CG  . LEU A 1 12  ? 8.285   -5.963  10.213  1.00 17.22 ? 11  LEU A CG  1 
ATOM   96   C  CD1 . LEU A 1 12  ? 9.330   -5.584  11.220  1.00 22.03 ? 11  LEU A CD1 1 
ATOM   97   C  CD2 . LEU A 1 12  ? 8.264   -5.103  8.948   1.00 19.56 ? 11  LEU A CD2 1 
ATOM   98   N  N   . HIS A 1 13  ? 6.652   -10.433 9.421   1.00 16.47 ? 12  HIS A N   1 
ATOM   99   C  CA  A HIS A 1 13  ? 6.651   -11.851 8.987   0.50 17.40 ? 12  HIS A CA  1 
ATOM   100  C  CA  B HIS A 1 13  ? 6.716   -11.817 8.933   0.50 18.19 ? 12  HIS A CA  1 
ATOM   101  C  C   . HIS A 1 13  ? 5.946   -12.048 7.633   1.00 15.27 ? 12  HIS A C   1 
ATOM   102  O  O   . HIS A 1 13  ? 6.419   -12.777 6.769   1.00 15.27 ? 12  HIS A O   1 
ATOM   103  C  CB  A HIS A 1 13  ? 5.994   -12.768 10.052  0.50 19.91 ? 12  HIS A CB  1 
ATOM   104  C  CB  B HIS A 1 13  ? 6.266   -12.798 10.001  0.50 22.44 ? 12  HIS A CB  1 
ATOM   105  C  CG  A HIS A 1 13  ? 6.360   -14.222 9.894   0.50 24.33 ? 12  HIS A CG  1 
ATOM   106  C  CG  B HIS A 1 13  ? 7.355   -13.182 10.948  0.50 28.32 ? 12  HIS A CG  1 
ATOM   107  N  ND1 A HIS A 1 13  ? 7.574   -14.725 10.306  0.50 27.62 ? 12  HIS A ND1 1 
ATOM   108  N  ND1 B HIS A 1 13  ? 7.256   -12.980 12.310  0.50 34.85 ? 12  HIS A ND1 1 
ATOM   109  C  CD2 A HIS A 1 13  ? 5.717   -15.262 9.297   0.50 31.19 ? 12  HIS A CD2 1 
ATOM   110  C  CD2 B HIS A 1 13  ? 8.560   -13.765 10.744  0.50 34.39 ? 12  HIS A CD2 1 
ATOM   111  C  CE1 A HIS A 1 13  ? 7.658   -16.009 9.991   0.50 27.98 ? 12  HIS A CE1 1 
ATOM   112  C  CE1 B HIS A 1 13  ? 8.350   -13.421 12.907  0.50 35.04 ? 12  HIS A CE1 1 
ATOM   113  N  NE2 A HIS A 1 13  ? 6.551   -16.359 9.365   0.50 26.85 ? 12  HIS A NE2 1 
ATOM   114  N  NE2 B HIS A 1 13  ? 9.157   -13.897 11.980  0.50 32.54 ? 12  HIS A NE2 1 
ATOM   115  N  N   . VAL A 1 14  ? 4.772   -11.469 7.492   1.00 13.24 ? 13  VAL A N   1 
ATOM   116  C  CA  . VAL A 1 14  ? 4.103   -11.566 6.199   1.00 13.82 ? 13  VAL A CA  1 
ATOM   117  C  C   . VAL A 1 14  ? 4.797   -10.752 5.135   1.00 13.37 ? 13  VAL A C   1 
ATOM   118  O  O   . VAL A 1 14  ? 4.872   -11.161 3.957   1.00 12.60 ? 13  VAL A O   1 
ATOM   119  C  CB  . VAL A 1 14  ? 2.565   -11.276 6.251   1.00 13.86 ? 13  VAL A CB  1 
ATOM   120  C  CG1 . VAL A 1 14  ? 2.275   -9.773  6.460   1.00 14.97 ? 13  VAL A CG1 1 
ATOM   121  C  CG2 . VAL A 1 14  ? 1.886   -11.764 4.973   1.00 14.53 ? 13  VAL A CG2 1 
ATOM   122  N  N   . TRP A 1 15  ? 5.366   -9.585  5.483   1.00 12.31 ? 14  TRP A N   1 
ATOM   123  C  CA  . TRP A 1 15  ? 6.106   -8.799  4.527   1.00 13.11 ? 14  TRP A CA  1 
ATOM   124  C  C   . TRP A 1 15  ? 7.295   -9.537  3.947   1.00 13.26 ? 14  TRP A C   1 
ATOM   125  O  O   . TRP A 1 15  ? 7.654   -9.379  2.752   1.00 12.28 ? 14  TRP A O   1 
ATOM   126  C  CB  . TRP A 1 15  ? 6.530   -7.399  5.057   1.00 14.34 ? 14  TRP A CB  1 
ATOM   127  C  CG  . TRP A 1 15  ? 6.559   -6.370  3.899   1.00 13.65 ? 14  TRP A CG  1 
ATOM   128  C  CD1 . TRP A 1 15  ? 7.662   -5.887  3.159   1.00 15.18 ? 14  TRP A CD1 1 
ATOM   129  C  CD2 . TRP A 1 15  ? 5.404   -5.871  3.204   1.00 14.50 ? 14  TRP A CD2 1 
ATOM   130  N  NE1 . TRP A 1 15  ? 7.226   -5.156  2.173   1.00 16.48 ? 14  TRP A NE1 1 
ATOM   131  C  CE2 . TRP A 1 15  ? 5.878   -5.085  2.128   1.00 15.75 ? 14  TRP A CE2 1 
ATOM   132  C  CE3 . TRP A 1 15  ? 4.031   -5.979  3.412   1.00 15.19 ? 14  TRP A CE3 1 
ATOM   133  C  CZ2 . TRP A 1 15  ? 5.050   -4.433  1.261   1.00 15.82 ? 14  TRP A CZ2 1 
ATOM   134  C  CZ3 . TRP A 1 15  ? 3.182   -5.380  2.476   1.00 18.28 ? 14  TRP A CZ3 1 
ATOM   135  C  CH2 . TRP A 1 15  ? 3.724   -4.538  1.470   1.00 16.74 ? 14  TRP A CH2 1 
ATOM   136  N  N   . ALA A 1 16  ? 7.940   -10.375 4.789   1.00 14.14 ? 15  ALA A N   1 
ATOM   137  C  CA  . ALA A 1 16  ? 9.071   -11.135 4.347   1.00 17.00 ? 15  ALA A CA  1 
ATOM   138  C  C   . ALA A 1 16  ? 8.672   -12.055 3.190   1.00 15.09 ? 15  ALA A C   1 
ATOM   139  O  O   . ALA A 1 16  ? 9.509   -12.421 2.337   1.00 13.69 ? 15  ALA A O   1 
ATOM   140  C  CB  . ALA A 1 16  ? 9.695   -11.888 5.540   1.00 17.47 ? 15  ALA A CB  1 
ATOM   141  N  N   . LYS A 1 17  ? 7.403   -12.522 3.189   1.00 14.76 ? 16  LYS A N   1 
ATOM   142  C  CA  . LYS A 1 17  ? 6.904   -13.413 2.140   1.00 15.22 ? 16  LYS A CA  1 
ATOM   143  C  C   . LYS A 1 17  ? 6.635   -12.646 0.884   1.00 16.11 ? 16  LYS A C   1 
ATOM   144  O  O   . LYS A 1 17  ? 6.972   -13.064 -0.196  1.00 14.44 ? 16  LYS A O   1 
ATOM   145  C  CB  . LYS A 1 17  ? 5.651   -14.208 2.597   1.00 14.94 ? 16  LYS A CB  1 
ATOM   146  C  CG  . LYS A 1 17  ? 5.783   -15.015 3.812   1.00 17.59 ? 16  LYS A CG  1 
ATOM   147  C  CD  . LYS A 1 17  ? 6.994   -15.937 3.844   1.00 20.24 ? 16  LYS A CD  1 
ATOM   148  C  CE  . LYS A 1 17  ? 7.135   -16.596 5.157   1.00 29.46 ? 16  LYS A CE  1 
ATOM   149  N  NZ  . LYS A 1 17  ? 8.475   -17.215 5.281   1.00 36.32 ? 16  LYS A NZ  1 
ATOM   150  N  N   . VAL A 1 18  ? 6.015   -11.448 1.007   1.00 14.47 ? 17  VAL A N   1 
ATOM   151  C  CA  . VAL A 1 18  ? 5.862   -10.520 -0.102  1.00 13.97 ? 17  VAL A CA  1 
ATOM   152  C  C   . VAL A 1 18  ? 7.184   -10.329 -0.821  1.00 12.85 ? 17  VAL A C   1 
ATOM   153  O  O   . VAL A 1 18  ? 7.273   -10.302 -2.050  1.00 12.98 ? 17  VAL A O   1 
ATOM   154  C  CB  . VAL A 1 18  ? 5.320   -9.110  0.377   1.00 13.92 ? 17  VAL A CB  1 
ATOM   155  C  CG1 . VAL A 1 18  ? 5.325   -8.106  -0.763  1.00 15.26 ? 17  VAL A CG1 1 
ATOM   156  C  CG2 . VAL A 1 18  ? 4.000   -9.331  1.002   1.00 15.68 ? 17  VAL A CG2 1 
ATOM   157  N  N   . GLU A 1 19  ? 8.243   -10.169 0.014   1.00 13.29 ? 18  GLU A N   1 
ATOM   158  C  CA  . GLU A 1 19  ? 9.555   -9.877  -0.549  1.00 13.43 ? 18  GLU A CA  1 
ATOM   159  C  C   . GLU A 1 19  ? 10.236  -10.990 -1.338  1.00 11.96 ? 18  GLU A C   1 
ATOM   160  O  O   . GLU A 1 19  ? 11.228  -10.814 -2.047  1.00 13.30 ? 18  GLU A O   1 
ATOM   161  C  CB  . GLU A 1 19  ? 10.467  -9.322  0.536   1.00 15.82 ? 18  GLU A CB  1 
ATOM   162  C  CG  . GLU A 1 19  ? 10.154  -7.924  0.899   1.00 16.36 ? 18  GLU A CG  1 
ATOM   163  C  CD  . GLU A 1 19  ? 11.000  -7.403  2.034   1.00 17.82 ? 18  GLU A CD  1 
ATOM   164  O  OE1 . GLU A 1 19  ? 11.579  -8.223  2.754   1.00 16.63 ? 18  GLU A OE1 1 
ATOM   165  O  OE2 . GLU A 1 19  ? 11.109  -6.189  2.141   1.00 15.82 ? 18  GLU A OE2 1 
ATOM   166  N  N   . ALA A 1 20  ? 9.686   -12.185 -1.274  1.00 12.57 ? 19  ALA A N   1 
ATOM   167  C  CA  . ALA A 1 20  ? 10.142  -13.263 -2.129  1.00 14.10 ? 19  ALA A CA  1 
ATOM   168  C  C   . ALA A 1 20  ? 9.876   -12.913 -3.575  1.00 13.97 ? 19  ALA A C   1 
ATOM   169  O  O   . ALA A 1 20  ? 10.593  -13.318 -4.471  1.00 12.45 ? 19  ALA A O   1 
ATOM   170  C  CB  . ALA A 1 20  ? 9.405   -14.602 -1.802  1.00 15.44 ? 19  ALA A CB  1 
ATOM   171  N  N   . ASP A 1 21  ? 8.855   -12.079 -3.814  1.00 14.02 ? 20  ASP A N   1 
ATOM   172  C  CA  . ASP A 1 21  ? 8.512   -11.703 -5.172  1.00 12.76 ? 20  ASP A CA  1 
ATOM   173  C  C   . ASP A 1 21  ? 7.714   -10.418 -5.187  1.00 14.08 ? 20  ASP A C   1 
ATOM   174  O  O   . ASP A 1 21  ? 6.456   -10.403 -5.330  1.00 11.68 ? 20  ASP A O   1 
ATOM   175  C  CB  . ASP A 1 21  ? 7.688   -12.809 -5.835  1.00 15.73 ? 20  ASP A CB  1 
ATOM   176  C  CG  . ASP A 1 21  ? 7.234   -12.461 -7.303  1.00 15.01 ? 20  ASP A CG  1 
ATOM   177  O  OD1 . ASP A 1 21  ? 7.705   -11.536 -8.010  1.00 14.62 ? 20  ASP A OD1 1 
ATOM   178  O  OD2 . ASP A 1 21  ? 6.323   -13.170 -7.754  1.00 19.94 ? 20  ASP A OD2 1 
ATOM   179  N  N   . VAL A 1 22  ? 8.419   -9.314  -4.954  1.00 11.60 ? 21  VAL A N   1 
ATOM   180  C  CA  . VAL A 1 22  ? 7.673   -8.089  -4.801  1.00 12.22 ? 21  VAL A CA  1 
ATOM   181  C  C   . VAL A 1 22  ? 6.915   -7.693  -6.106  1.00 11.19 ? 21  VAL A C   1 
ATOM   182  O  O   . VAL A 1 22  ? 5.811   -7.172  -6.039  1.00 10.86 ? 21  VAL A O   1 
ATOM   183  C  CB  . VAL A 1 22  ? 8.570   -6.929  -4.238  1.00 15.05 ? 21  VAL A CB  1 
ATOM   184  C  CG1 . VAL A 1 22  ? 9.569   -6.398  -5.188  1.00 18.50 ? 21  VAL A CG1 1 
ATOM   185  C  CG2 . VAL A 1 22  ? 7.646   -5.751  -3.855  1.00 16.53 ? 21  VAL A CG2 1 
ATOM   186  N  N   . ALA A 1 23  ? 7.506   -7.975  -7.256  1.00 11.69 ? 22  ALA A N   1 
ATOM   187  C  CA  . ALA A 1 23  ? 6.859   -7.572  -8.519  1.00 12.19 ? 22  ALA A CA  1 
ATOM   188  C  C   . ALA A 1 23  ? 5.504   -8.300  -8.707  1.00 12.73 ? 22  ALA A C   1 
ATOM   189  O  O   . ALA A 1 23  ? 4.549   -7.670  -9.066  1.00 11.72 ? 22  ALA A O   1 
ATOM   190  C  CB  . ALA A 1 23  ? 7.750   -7.882  -9.696  1.00 13.28 ? 22  ALA A CB  1 
ATOM   191  N  N   . GLY A 1 24  ? 5.468   -9.610  -8.424  1.00 12.53 ? 23  GLY A N   1 
ATOM   192  C  CA  . GLY A 1 24  ? 4.230   -10.395 -8.550  1.00 12.17 ? 23  GLY A CA  1 
ATOM   193  C  C   . GLY A 1 24  ? 3.166   -9.895  -7.596  1.00 11.07 ? 23  GLY A C   1 
ATOM   194  O  O   . GLY A 1 24  ? 1.953   -9.840  -7.934  1.00 12.85 ? 23  GLY A O   1 
ATOM   195  N  N   . HIS A 1 25  ? 3.569   -9.641  -6.363  1.00 10.56 ? 24  HIS A N   1 
ATOM   196  C  CA  . HIS A 1 25  ? 2.634   -9.134  -5.376  1.00 10.61 ? 24  HIS A CA  1 
ATOM   197  C  C   . HIS A 1 25  ? 2.118   -7.759  -5.816  1.00 12.03 ? 24  HIS A C   1 
ATOM   198  O  O   . HIS A 1 25  ? 0.932   -7.447  -5.617  1.00 10.70 ? 24  HIS A O   1 
ATOM   199  C  CB  . HIS A 1 25  ? 3.258   -9.049  -3.995  1.00 11.24 ? 24  HIS A CB  1 
ATOM   200  C  CG  . HIS A 1 25  ? 3.431   -10.372 -3.317  1.00 12.30 ? 24  HIS A CG  1 
ATOM   201  N  ND1 . HIS A 1 25  ? 4.481   -11.211 -3.583  1.00 12.69 ? 24  HIS A ND1 1 
ATOM   202  C  CD2 . HIS A 1 25  ? 2.665   -10.996 -2.372  1.00 13.04 ? 24  HIS A CD2 1 
ATOM   203  C  CE1 . HIS A 1 25  ? 4.364   -12.316 -2.856  1.00 13.87 ? 24  HIS A CE1 1 
ATOM   204  N  NE2 . HIS A 1 25  ? 3.286   -12.198 -2.103  1.00 13.04 ? 24  HIS A NE2 1 
ATOM   205  N  N   . GLY A 1 26  ? 3.006   -6.880  -6.334  1.00 11.22 ? 25  GLY A N   1 
ATOM   206  C  CA  . GLY A 1 26  ? 2.573   -5.565  -6.818  1.00 12.08 ? 25  GLY A CA  1 
ATOM   207  C  C   . GLY A 1 26  ? 1.609   -5.606  -7.966  1.00 11.53 ? 25  GLY A C   1 
ATOM   208  O  O   . GLY A 1 26  ? 0.614   -4.894  -7.953  1.00 12.11 ? 25  GLY A O   1 
ATOM   209  N  N   . GLN A 1 27  ? 1.794   -6.554  -8.907  1.00 12.81 ? 26  GLN A N   1 
ATOM   210  C  CA  . GLN A 1 27  ? 0.837   -6.742  -9.989  1.00 13.57 ? 26  GLN A CA  1 
ATOM   211  C  C   . GLN A 1 27  ? -0.539  -7.141  -9.418  1.00 13.62 ? 26  GLN A C   1 
ATOM   212  O  O   . GLN A 1 27  ? -1.566  -6.532  -9.736  1.00 13.26 ? 26  GLN A O   1 
ATOM   213  C  CB  . GLN A 1 27  ? 1.268   -7.809  -10.949 1.00 13.73 ? 26  GLN A CB  1 
ATOM   214  C  CG  . GLN A 1 27  ? 2.472   -7.351  -11.812 1.00 14.22 ? 26  GLN A CG  1 
ATOM   215  C  CD  . GLN A 1 27  ? 3.016   -8.505  -12.571 1.00 18.07 ? 26  GLN A CD  1 
ATOM   216  O  OE1 . GLN A 1 27  ? 3.377   -9.541  -11.954 1.00 17.73 ? 26  GLN A OE1 1 
ATOM   217  N  NE2 . GLN A 1 27  ? 3.065   -8.391  -13.876 1.00 19.28 ? 26  GLN A NE2 1 
ATOM   218  N  N   . ASP A 1 28  ? -0.560  -8.078  -8.507  1.00 12.02 ? 27  ASP A N   1 
ATOM   219  C  CA  . ASP A 1 28  ? -1.863  -8.537  -7.946  1.00 12.23 ? 27  ASP A CA  1 
ATOM   220  C  C   . ASP A 1 28  ? -2.579  -7.413  -7.175  1.00 12.97 ? 27  ASP A C   1 
ATOM   221  O  O   . ASP A 1 28  ? -3.770  -7.228  -7.322  1.00 11.33 ? 27  ASP A O   1 
ATOM   222  C  CB  . ASP A 1 28  ? -1.716  -9.752  -6.984  1.00 13.32 ? 27  ASP A CB  1 
ATOM   223  C  CG  . ASP A 1 28  ? -1.365  -11.050 -7.637  1.00 17.59 ? 27  ASP A CG  1 
ATOM   224  O  OD1 . ASP A 1 28  ? -1.272  -11.114 -8.854  1.00 15.52 ? 27  ASP A OD1 1 
ATOM   225  O  OD2 . ASP A 1 28  ? -1.154  -11.981 -6.861  1.00 15.61 ? 27  ASP A OD2 1 
ATOM   226  N  N   . ILE A 1 29  ? -1.808  -6.665  -6.375  1.00 10.92 ? 28  ILE A N   1 
ATOM   227  C  CA  . ILE A 1 29  ? -2.371  -5.598  -5.574  1.00 11.10 ? 28  ILE A CA  1 
ATOM   228  C  C   . ILE A 1 29  ? -2.897  -4.441  -6.444  1.00 11.22 ? 28  ILE A C   1 
ATOM   229  O  O   . ILE A 1 29  ? -4.029  -3.956  -6.233  1.00 13.31 ? 28  ILE A O   1 
ATOM   230  C  CB  . ILE A 1 29  ? -1.317  -5.145  -4.532  1.00 11.49 ? 28  ILE A CB  1 
ATOM   231  C  CG1 . ILE A 1 29  ? -1.251  -6.163  -3.396  1.00 11.76 ? 28  ILE A CG1 1 
ATOM   232  C  CG2 . ILE A 1 29  ? -1.726  -3.818  -3.847  1.00 12.32 ? 28  ILE A CG2 1 
ATOM   233  C  CD1 . ILE A 1 29  ? -0.071  -6.014  -2.468  1.00 11.61 ? 28  ILE A CD1 1 
ATOM   234  N  N   . LEU A 1 30  ? -2.153  -4.004  -7.441  1.00 11.61 ? 29  LEU A N   1 
ATOM   235  C  CA  . LEU A 1 30  ? -2.608  -2.929  -8.308  1.00 13.12 ? 29  LEU A CA  1 
ATOM   236  C  C   . LEU A 1 30  ? -3.769  -3.402  -9.146  1.00 14.87 ? 29  LEU A C   1 
ATOM   237  O  O   . LEU A 1 30  ? -4.726  -2.643  -9.334  1.00 15.65 ? 29  LEU A O   1 
ATOM   238  C  CB  . LEU A 1 30  ? -1.558  -2.351  -9.236  1.00 14.24 ? 29  LEU A CB  1 
ATOM   239  C  CG  . LEU A 1 30  ? -0.391  -1.592  -8.715  1.00 17.33 ? 29  LEU A CG  1 
ATOM   240  C  CD1 . LEU A 1 30  ? 0.513   -0.895  -9.680  1.00 15.70 ? 29  LEU A CD1 1 
ATOM   241  C  CD2 . LEU A 1 30  ? -0.379  -1.251  -7.317  1.00 22.32 ? 29  LEU A CD2 1 
ATOM   242  N  N   . ILE A 1 31  ? -3.734  -4.628  -9.661  1.00 13.11 ? 30  ILE A N   1 
ATOM   243  C  CA  . ILE A 1 31  ? -4.915  -5.107  -10.379 1.00 14.30 ? 30  ILE A CA  1 
ATOM   244  C  C   . ILE A 1 31  ? -6.142  -5.136  -9.511  1.00 15.36 ? 30  ILE A C   1 
ATOM   245  O  O   . ILE A 1 31  ? -7.279  -4.768  -9.966  1.00 14.59 ? 30  ILE A O   1 
ATOM   246  C  CB  . ILE A 1 31  ? -4.580  -6.436  -11.057 1.00 16.00 ? 30  ILE A CB  1 
ATOM   247  C  CG1 . ILE A 1 31  ? -3.561  -6.195  -12.182 1.00 17.38 ? 30  ILE A CG1 1 
ATOM   248  C  CG2 . ILE A 1 31  ? -5.850  -7.135  -11.521 1.00 17.18 ? 30  ILE A CG2 1 
ATOM   249  C  CD1 . ILE A 1 31  ? -3.012  -7.479  -12.800 1.00 18.11 ? 30  ILE A CD1 1 
ATOM   250  N  N   . ARG A 1 32  ? -6.001  -5.599  -8.268  1.00 14.28 ? 31  ARG A N   1 
ATOM   251  C  CA  . ARG A 1 32  ? -7.148  -5.647  -7.388  1.00 14.73 ? 31  ARG A CA  1 
ATOM   252  C  C   . ARG A 1 32  ? -7.670  -4.248  -7.110  1.00 15.42 ? 31  ARG A C   1 
ATOM   253  O  O   . ARG A 1 32  ? -8.928  -4.025  -7.140  1.00 15.90 ? 31  ARG A O   1 
ATOM   254  C  CB  . ARG A 1 32  ? -6.772  -6.342  -6.089  1.00 14.23 ? 31  ARG A CB  1 
ATOM   255  C  CG  . ARG A 1 32  ? -7.780  -6.311  -4.946  1.00 15.51 ? 31  ARG A CG  1 
ATOM   256  C  CD  . ARG A 1 32  ? -8.978  -7.190  -5.369  1.00 18.43 ? 31  ARG A CD  1 
ATOM   257  N  NE  . ARG A 1 32  ? -9.996  -6.997  -4.357  1.00 23.66 ? 31  ARG A NE  1 
ATOM   258  C  CZ  . ARG A 1 32  ? -11.134 -7.662  -4.351  1.00 25.98 ? 31  ARG A CZ  1 
ATOM   259  N  NH1 . ARG A 1 32  ? -11.335 -8.576  -5.268  1.00 25.31 ? 31  ARG A NH1 1 
ATOM   260  N  NH2 . ARG A 1 32  ? -12.024 -7.414  -3.372  1.00 27.59 ? 31  ARG A NH2 1 
ATOM   261  N  N   . LEU A 1 33  ? -6.742  -3.305  -6.878  1.00 14.63 ? 32  LEU A N   1 
ATOM   262  C  CA  . LEU A 1 33  ? -7.166  -1.885  -6.674  1.00 15.50 ? 32  LEU A CA  1 
ATOM   263  C  C   . LEU A 1 33  ? -7.968  -1.371  -7.863  1.00 16.96 ? 32  LEU A C   1 
ATOM   264  O  O   . LEU A 1 33  ? -9.039  -0.748  -7.726  1.00 16.04 ? 32  LEU A O   1 
ATOM   265  C  CB  . LEU A 1 33  ? -5.934  -1.038  -6.483  1.00 15.23 ? 32  LEU A CB  1 
ATOM   266  C  CG  . LEU A 1 33  ? -6.135  0.480   -6.364  1.00 15.53 ? 32  LEU A CG  1 
ATOM   267  C  CD1 . LEU A 1 33  ? -7.023  0.802   -5.165  1.00 15.75 ? 32  LEU A CD1 1 
ATOM   268  C  CD2 . LEU A 1 33  ? -4.803  1.179   -6.191  1.00 16.17 ? 32  LEU A CD2 1 
ATOM   269  N  N   . PHE A 1 34  ? -7.361  -1.527  -9.029  1.00 13.78 ? 33  PHE A N   1 
ATOM   270  C  CA  . PHE A 1 34  ? -7.963  -0.959  -10.279 1.00 17.47 ? 33  PHE A CA  1 
ATOM   271  C  C   . PHE A 1 34  ? -9.258  -1.621  -10.688 1.00 22.62 ? 33  PHE A C   1 
ATOM   272  O  O   . PHE A 1 34  ? -10.172 -0.936  -11.306 1.00 21.98 ? 33  PHE A O   1 
ATOM   273  C  CB  . PHE A 1 34  ? -7.018  -0.966  -11.401 1.00 15.88 ? 33  PHE A CB  1 
ATOM   274  C  CG  . PHE A 1 34  ? -5.759  -0.245  -11.177 1.00 17.26 ? 33  PHE A CG  1 
ATOM   275  C  CD1 . PHE A 1 34  ? -5.706  0.939   -10.431 1.00 17.83 ? 33  PHE A CD1 1 
ATOM   276  C  CD2 . PHE A 1 34  ? -4.563  -0.704  -11.765 1.00 18.22 ? 33  PHE A CD2 1 
ATOM   277  C  CE1 . PHE A 1 34  ? -4.510  1.587   -10.252 1.00 17.86 ? 33  PHE A CE1 1 
ATOM   278  C  CE2 . PHE A 1 34  ? -3.377  -0.004  -11.616 1.00 19.49 ? 33  PHE A CE2 1 
ATOM   279  C  CZ  . PHE A 1 34  ? -3.339  1.161   -10.836 1.00 18.27 ? 33  PHE A CZ  1 
ATOM   280  N  N   . LYS A 1 35  ? -9.403  -2.899  -10.329 1.00 20.86 ? 34  LYS A N   1 
ATOM   281  C  CA  . LYS A 1 35  ? -10.687 -3.607  -10.563 1.00 26.24 ? 34  LYS A CA  1 
ATOM   282  C  C   . LYS A 1 35  ? -11.733 -3.211  -9.573  1.00 26.93 ? 34  LYS A C   1 
ATOM   283  O  O   . LYS A 1 35  ? -12.828 -2.916  -10.007 1.00 25.42 ? 34  LYS A O   1 
ATOM   284  C  CB  . LYS A 1 35  ? -10.484 -5.114  -10.606 1.00 29.95 ? 34  LYS A CB  1 
ATOM   285  C  CG  . LYS A 1 35  ? -9.680  -5.537  -11.842 1.00 31.16 ? 34  LYS A CG  1 
ATOM   286  C  CD  . LYS A 1 35  ? -9.699  -7.077  -12.148 1.00 42.78 ? 34  LYS A CD  1 
ATOM   287  C  CE  . LYS A 1 35  ? -10.108 -8.065  -10.998 1.00 45.70 ? 34  LYS A CE  1 
ATOM   288  N  NZ  . LYS A 1 35  ? -9.318  -9.372  -10.960 1.00 44.54 ? 34  LYS A NZ  1 
ATOM   289  N  N   . SER A 1 36  ? -11.390 -3.109  -8.289  1.00 20.75 ? 35  SER A N   1 
ATOM   290  C  CA  . SER A 1 36  ? -12.293 -2.808  -7.250  1.00 22.19 ? 35  SER A CA  1 
ATOM   291  C  C   . SER A 1 36  ? -12.707 -1.305  -7.289  1.00 23.77 ? 35  SER A C   1 
ATOM   292  O  O   . SER A 1 36  ? -13.892 -1.007  -6.939  1.00 22.21 ? 35  SER A O   1 
ATOM   293  C  CB  . SER A 1 36  ? -11.731 -3.148  -5.884  1.00 24.52 ? 35  SER A CB  1 
ATOM   294  O  OG  . SER A 1 36  ? -11.525 -4.524  -5.732  1.00 25.22 ? 35  SER A OG  1 
ATOM   295  N  N   . HIS A 1 37  ? -11.781 -0.398  -7.678  1.00 20.84 ? 36  HIS A N   1 
ATOM   296  C  CA  . HIS A 1 37  ? -11.985 1.097   -7.690  1.00 21.80 ? 36  HIS A CA  1 
ATOM   297  C  C   . HIS A 1 37  ? -11.396 1.659   -8.907  1.00 20.30 ? 36  HIS A C   1 
ATOM   298  O  O   . HIS A 1 37  ? -10.303 2.276   -8.925  1.00 19.75 ? 36  HIS A O   1 
ATOM   299  C  CB  . HIS A 1 37  ? -11.386 1.686   -6.391  1.00 21.42 ? 36  HIS A CB  1 
ATOM   300  C  CG  . HIS A 1 37  ? -11.863 0.990   -5.162  1.00 22.29 ? 36  HIS A CG  1 
ATOM   301  N  ND1 . HIS A 1 37  ? -13.055 1.293   -4.548  1.00 25.67 ? 36  HIS A ND1 1 
ATOM   302  C  CD2 . HIS A 1 37  ? -11.344 -0.032  -4.460  1.00 22.37 ? 36  HIS A CD2 1 
ATOM   303  C  CE1 . HIS A 1 37  ? -13.230 0.528   -3.498  1.00 25.45 ? 36  HIS A CE1 1 
ATOM   304  N  NE2 . HIS A 1 37  ? -12.193 -0.273  -3.411  1.00 25.61 ? 36  HIS A NE2 1 
ATOM   305  N  N   . PRO A 1 38  ? -12.085 1.465   -10.091 1.00 21.23 ? 37  PRO A N   1 
ATOM   306  C  CA  . PRO A 1 38  ? -11.555 1.928   -11.365 1.00 22.64 ? 37  PRO A CA  1 
ATOM   307  C  C   . PRO A 1 38  ? -11.112 3.405   -11.484 1.00 19.16 ? 37  PRO A C   1 
ATOM   308  O  O   . PRO A 1 38  ? -10.254 3.776   -12.244 1.00 21.20 ? 37  PRO A O   1 
ATOM   309  C  CB  . PRO A 1 38  ? -12.690 1.583   -12.364 1.00 25.59 ? 37  PRO A CB  1 
ATOM   310  C  CG  . PRO A 1 38  ? -13.412 0.473   -11.674 1.00 29.24 ? 37  PRO A CG  1 
ATOM   311  C  CD  . PRO A 1 38  ? -13.382 0.758   -10.219 1.00 25.14 ? 37  PRO A CD  1 
ATOM   312  N  N   . GLU A 1 39  ? -11.717 4.246   -10.660 1.00 24.35 ? 38  GLU A N   1 
ATOM   313  C  CA  . GLU A 1 39  ? -11.370 5.622   -10.607 1.00 23.37 ? 38  GLU A CA  1 
ATOM   314  C  C   . GLU A 1 39  ? -9.948  5.859   -10.205 1.00 22.08 ? 38  GLU A C   1 
ATOM   315  O  O   . GLU A 1 39  ? -9.309  6.830   -10.660 1.00 23.22 ? 38  GLU A O   1 
ATOM   316  C  CB  . GLU A 1 39  ? -12.376 6.355   -9.669  1.00 24.27 ? 38  GLU A CB  1 
ATOM   317  C  CG  . GLU A 1 39  ? -12.337 5.997   -8.185  1.00 27.73 ? 38  GLU A CG  1 
ATOM   318  C  CD  . GLU A 1 39  ? -13.295 4.938   -7.707  1.00 29.28 ? 38  GLU A CD  1 
ATOM   319  O  OE1 . GLU A 1 39  ? -13.651 3.938   -8.472  1.00 29.06 ? 38  GLU A OE1 1 
ATOM   320  O  OE2 . GLU A 1 39  ? -13.743 5.190   -6.542  1.00 32.66 ? 38  GLU A OE2 1 
ATOM   321  N  N   . THR A 1 40  ? -9.395  4.960   -9.354  1.00 20.15 ? 39  THR A N   1 
ATOM   322  C  CA  . THR A 1 40  ? -7.985  5.089   -8.989  1.00 20.21 ? 39  THR A CA  1 
ATOM   323  C  C   . THR A 1 40  ? -7.027  4.960   -10.189 1.00 20.00 ? 39  THR A C   1 
ATOM   324  O  O   . THR A 1 40  ? -5.948  5.550   -10.274 1.00 19.91 ? 39  THR A O   1 
ATOM   325  C  CB  . THR A 1 40  ? -7.598  4.056   -7.902  1.00 19.09 ? 39  THR A CB  1 
ATOM   326  O  OG1 . THR A 1 40  ? -7.812  2.699   -8.381  1.00 17.42 ? 39  THR A OG1 1 
ATOM   327  C  CG2 . THR A 1 40  ? -8.391  4.277   -6.658  1.00 19.22 ? 39  THR A CG2 1 
ATOM   328  N  N   . LEU A 1 41  ? -7.425  4.163   -11.215 1.00 19.75 ? 40  LEU A N   1 
ATOM   329  C  CA  . LEU A 1 41  ? -6.545  4.025   -12.349 1.00 20.38 ? 40  LEU A CA  1 
ATOM   330  C  C   . LEU A 1 41  ? -6.266  5.296   -13.104 1.00 19.34 ? 40  LEU A C   1 
ATOM   331  O  O   . LEU A 1 41  ? -5.213  5.436   -13.728 1.00 21.42 ? 40  LEU A O   1 
ATOM   332  C  CB  . LEU A 1 41  ? -7.143  2.977   -13.335 1.00 21.53 ? 40  LEU A CB  1 
ATOM   333  C  CG  . LEU A 1 41  ? -6.292  2.571   -14.519 1.00 24.35 ? 40  LEU A CG  1 
ATOM   334  C  CD1 . LEU A 1 41  ? -4.879  2.070   -14.307 1.00 21.94 ? 40  LEU A CD1 1 
ATOM   335  C  CD2 . LEU A 1 41  ? -7.096  1.508   -15.312 1.00 26.95 ? 40  LEU A CD2 1 
ATOM   336  N  N   . GLU A 1 42  ? -7.226  6.214   -13.056 1.00 24.38 ? 41  GLU A N   1 
ATOM   337  C  CA  . GLU A 1 42  ? -7.106  7.514   -13.705 1.00 26.54 ? 41  GLU A CA  1 
ATOM   338  C  C   . GLU A 1 42  ? -5.955  8.364   -13.247 1.00 31.14 ? 41  GLU A C   1 
ATOM   339  O  O   . GLU A 1 42  ? -5.496  9.269   -13.951 1.00 27.53 ? 41  GLU A O   1 
ATOM   340  C  CB  . GLU A 1 42  ? -8.374  8.295   -13.520 1.00 29.29 ? 41  GLU A CB  1 
ATOM   341  C  CG  . GLU A 1 42  ? -9.569  7.671   -14.153 1.00 32.25 ? 41  GLU A CG  1 
ATOM   342  C  CD  . GLU A 1 42  ? -10.883 8.427   -13.844 1.00 42.45 ? 41  GLU A CD  1 
ATOM   343  O  OE1 . GLU A 1 42  ? -10.835 9.610   -13.509 1.00 50.53 ? 41  GLU A OE1 1 
ATOM   344  O  OE2 . GLU A 1 42  ? -11.976 7.844   -13.880 1.00 49.75 ? 41  GLU A OE2 1 
ATOM   345  N  N   . LYS A 1 43  ? -5.435  8.073   -12.084 1.00 26.91 ? 42  LYS A N   1 
ATOM   346  C  CA  . LYS A 1 43  ? -4.290  8.845   -11.587 1.00 26.22 ? 42  LYS A CA  1 
ATOM   347  C  C   . LYS A 1 43  ? -2.977  8.544   -12.218 1.00 27.84 ? 42  LYS A C   1 
ATOM   348  O  O   . LYS A 1 43  ? -2.017  9.284   -11.974 1.00 29.99 ? 42  LYS A O   1 
ATOM   349  C  CB  . LYS A 1 43  ? -4.180  8.634   -10.078 1.00 25.76 ? 42  LYS A CB  1 
ATOM   350  C  CG  . LYS A 1 43  ? -5.349  9.158   -9.305  1.00 23.56 ? 42  LYS A CG  1 
ATOM   351  C  CD  . LYS A 1 43  ? -5.452  10.697  -9.318  1.00 28.50 ? 42  LYS A CD  1 
ATOM   352  C  CE  . LYS A 1 43  ? -6.510  11.170  -8.350  1.00 32.08 ? 42  LYS A CE  1 
ATOM   353  N  NZ  . LYS A 1 43  ? -6.514  12.673  -8.406  1.00 34.70 ? 42  LYS A NZ  1 
ATOM   354  N  N   . PHE A 1 44  ? -2.864  7.426   -12.960 1.00 25.10 ? 43  PHE A N   1 
ATOM   355  C  CA  . PHE A 1 44  ? -1.659  6.931   -13.474 1.00 24.31 ? 43  PHE A CA  1 
ATOM   356  C  C   . PHE A 1 44  ? -1.532  7.162   -14.985 1.00 29.79 ? 43  PHE A C   1 
ATOM   357  O  O   . PHE A 1 44  ? -1.926  6.314   -15.782 1.00 26.28 ? 43  PHE A O   1 
ATOM   358  C  CB  . PHE A 1 44  ? -1.525  5.429   -13.206 1.00 25.61 ? 43  PHE A CB  1 
ATOM   359  C  CG  . PHE A 1 44  ? -1.392  5.130   -11.720 1.00 24.46 ? 43  PHE A CG  1 
ATOM   360  C  CD1 . PHE A 1 44  ? -2.536  5.018   -10.933 1.00 23.53 ? 43  PHE A CD1 1 
ATOM   361  C  CD2 . PHE A 1 44  ? -0.120  5.121   -11.129 1.00 24.72 ? 43  PHE A CD2 1 
ATOM   362  C  CE1 . PHE A 1 44  ? -2.443  4.752   -9.588  1.00 22.36 ? 43  PHE A CE1 1 
ATOM   363  C  CE2 . PHE A 1 44  ? -0.051  4.955   -9.751  1.00 24.59 ? 43  PHE A CE2 1 
ATOM   364  C  CZ  . PHE A 1 44  ? -1.203  4.722   -9.009  1.00 22.10 ? 43  PHE A CZ  1 
ATOM   365  N  N   . ASP A 1 45  ? -0.937  8.289   -15.349 1.00 31.46 ? 44  ASP A N   1 
ATOM   366  C  CA  . ASP A 1 45  ? -0.936  8.662   -16.762 1.00 36.03 ? 44  ASP A CA  1 
ATOM   367  C  C   . ASP A 1 45  ? -0.323  7.661   -17.671 1.00 29.69 ? 44  ASP A C   1 
ATOM   368  O  O   . ASP A 1 45  ? -0.828  7.492   -18.791 1.00 30.19 ? 44  ASP A O   1 
ATOM   369  C  CB  . ASP A 1 45  ? -0.338  10.073  -16.997 1.00 41.78 ? 44  ASP A CB  1 
ATOM   370  C  CG  . ASP A 1 45  ? -1.416  11.045  -17.281 1.00 49.14 ? 44  ASP A CG  1 
ATOM   371  O  OD1 . ASP A 1 45  ? -2.233  11.301  -16.374 1.00 50.73 ? 44  ASP A OD1 1 
ATOM   372  O  OD2 . ASP A 1 45  ? -1.561  11.387  -18.475 1.00 57.38 ? 44  ASP A OD2 1 
ATOM   373  N  N   . ARG A 1 46  ? 0.699   6.950   -17.212 1.00 29.47 ? 45  ARG A N   1 
ATOM   374  C  CA  . ARG A 1 46  ? 1.446   6.045   -18.076 1.00 35.61 ? 45  ARG A CA  1 
ATOM   375  C  C   . ARG A 1 46  ? 0.607   4.867   -18.496 1.00 31.77 ? 45  ARG A C   1 
ATOM   376  O  O   . ARG A 1 46  ? 0.866   4.331   -19.541 1.00 36.17 ? 45  ARG A O   1 
ATOM   377  C  CB  . ARG A 1 46  ? 2.697   5.469   -17.424 1.00 40.86 ? 45  ARG A CB  1 
ATOM   378  C  CG  . ARG A 1 46  ? 3.745   6.449   -16.995 1.00 50.66 ? 45  ARG A CG  1 
ATOM   379  C  CD  . ARG A 1 46  ? 4.876   5.682   -16.336 1.00 60.70 ? 45  ARG A CD  1 
ATOM   380  N  NE  . ARG A 1 46  ? 5.691   6.578   -15.530 1.00 76.85 ? 45  ARG A NE  1 
ATOM   381  C  CZ  . ARG A 1 46  ? 6.607   7.427   -16.001 1.00 82.38 ? 45  ARG A CZ  1 
ATOM   382  N  NH1 . ARG A 1 46  ? 6.862   7.527   -17.308 1.00 85.75 ? 45  ARG A NH1 1 
ATOM   383  N  NH2 . ARG A 1 46  ? 7.279   8.192   -15.143 1.00 82.43 ? 45  ARG A NH2 1 
ATOM   384  N  N   . PHE A 1 47  ? -0.351  4.460   -17.676 1.00 26.60 ? 46  PHE A N   1 
ATOM   385  C  CA  . PHE A 1 47  ? -1.117  3.200   -17.952 1.00 31.22 ? 46  PHE A CA  1 
ATOM   386  C  C   . PHE A 1 47  ? -2.633  3.277   -17.630 1.00 28.12 ? 46  PHE A C   1 
ATOM   387  O  O   . PHE A 1 47  ? -3.362  2.253   -17.665 1.00 28.55 ? 46  PHE A O   1 
ATOM   388  C  CB  . PHE A 1 47  ? -0.392  1.949   -17.324 1.00 27.88 ? 46  PHE A CB  1 
ATOM   389  C  CG  . PHE A 1 47  ? -0.084  2.097   -15.831 1.00 21.30 ? 46  PHE A CG  1 
ATOM   390  C  CD1 . PHE A 1 47  ? -1.105  1.793   -14.912 1.00 24.80 ? 46  PHE A CD1 1 
ATOM   391  C  CD2 . PHE A 1 47  ? 1.189   2.391   -15.355 1.00 24.68 ? 46  PHE A CD2 1 
ATOM   392  C  CE1 . PHE A 1 47  ? -0.872  1.887   -13.513 1.00 22.91 ? 46  PHE A CE1 1 
ATOM   393  C  CE2 . PHE A 1 47  ? 1.402   2.587   -13.962 1.00 21.63 ? 46  PHE A CE2 1 
ATOM   394  C  CZ  . PHE A 1 47  ? 0.392   2.318   -13.066 1.00 21.93 ? 46  PHE A CZ  1 
ATOM   395  N  N   . LYS A 1 48  ? -3.158  4.500   -17.465 1.00 24.41 ? 47  LYS A N   1 
ATOM   396  C  CA  . LYS A 1 48  ? -4.570  4.718   -17.284 1.00 24.52 ? 47  LYS A CA  1 
ATOM   397  C  C   . LYS A 1 48  ? -5.501  4.236   -18.461 1.00 24.54 ? 47  LYS A C   1 
ATOM   398  O  O   . LYS A 1 48  ? -6.650  4.007   -18.286 1.00 24.39 ? 47  LYS A O   1 
ATOM   399  C  CB  . LYS A 1 48  ? -4.902  6.151   -16.967 1.00 30.77 ? 47  LYS A CB  1 
ATOM   400  C  CG  . LYS A 1 48  ? -4.542  7.219   -18.026 1.00 32.46 ? 47  LYS A CG  1 
ATOM   401  C  CD  . LYS A 1 48  ? -5.406  8.445   -17.721 1.00 42.43 ? 47  LYS A CD  1 
ATOM   402  C  CE  . LYS A 1 48  ? -5.412  9.493   -18.839 1.00 41.74 ? 47  LYS A CE  1 
ATOM   403  N  NZ  . LYS A 1 48  ? -4.239  10.381  -18.704 1.00 48.88 ? 47  LYS A NZ  1 
ATOM   404  N  N   . HIS A 1 49  ? -4.946  4.120   -19.639 1.00 23.70 ? 48  HIS A N   1 
ATOM   405  C  CA  . HIS A 1 49  ? -5.632  3.568   -20.845 1.00 24.28 ? 48  HIS A CA  1 
ATOM   406  C  C   . HIS A 1 49  ? -5.875  2.028   -20.789 1.00 24.58 ? 48  HIS A C   1 
ATOM   407  O  O   . HIS A 1 49  ? -6.623  1.482   -21.614 1.00 22.25 ? 48  HIS A O   1 
ATOM   408  C  CB  . HIS A 1 49  ? -4.791  3.882   -22.072 1.00 24.78 ? 48  HIS A CB  1 
ATOM   409  C  CG  . HIS A 1 49  ? -3.484  3.173   -22.082 1.00 25.85 ? 48  HIS A CG  1 
ATOM   410  N  ND1 . HIS A 1 49  ? -2.427  3.540   -21.265 1.00 27.70 ? 48  HIS A ND1 1 
ATOM   411  C  CD2 . HIS A 1 49  ? -3.047  2.135   -22.815 1.00 28.42 ? 48  HIS A CD2 1 
ATOM   412  C  CE1 . HIS A 1 49  ? -1.390  2.764   -21.506 1.00 29.18 ? 48  HIS A CE1 1 
ATOM   413  N  NE2 . HIS A 1 49  ? -1.742  1.884   -22.430 1.00 33.10 ? 48  HIS A NE2 1 
ATOM   414  N  N   . LEU A 1 50  ? -5.236  1.304   -19.858 1.00 21.29 ? 49  LEU A N   1 
ATOM   415  C  CA  . LEU A 1 50  ? -5.383  -0.139  -19.885 1.00 20.27 ? 49  LEU A CA  1 
ATOM   416  C  C   . LEU A 1 50  ? -6.810  -0.525  -19.573 1.00 19.12 ? 49  LEU A C   1 
ATOM   417  O  O   . LEU A 1 50  ? -7.481  0.040   -18.741 1.00 20.24 ? 49  LEU A O   1 
ATOM   418  C  CB  . LEU A 1 50  ? -4.379  -0.890  -18.945 1.00 24.72 ? 49  LEU A CB  1 
ATOM   419  C  CG  . LEU A 1 50  ? -2.882  -0.655  -19.100 1.00 25.20 ? 49  LEU A CG  1 
ATOM   420  C  CD1 . LEU A 1 50  ? -2.158  -1.176  -17.872 1.00 31.80 ? 49  LEU A CD1 1 
ATOM   421  C  CD2 . LEU A 1 50  ? -2.208  -1.158  -20.350 1.00 30.26 ? 49  LEU A CD2 1 
ATOM   422  N  N   . LYS A 1 51  ? -7.342  -1.490  -20.349 1.00 17.73 ? 50  LYS A N   1 
ATOM   423  C  CA  . LYS A 1 51  ? -8.775  -1.771  -20.364 1.00 18.94 ? 50  LYS A CA  1 
ATOM   424  C  C   . LYS A 1 51  ? -9.182  -3.057  -19.617 1.00 21.63 ? 50  LYS A C   1 
ATOM   425  O  O   . LYS A 1 51  ? -10.328 -3.201  -19.166 1.00 24.76 ? 50  LYS A O   1 
ATOM   426  C  CB  . LYS A 1 51  ? -9.213  -1.896  -21.852 1.00 19.05 ? 50  LYS A CB  1 
ATOM   427  C  CG  . LYS A 1 51  ? -9.217  -0.616  -22.614 1.00 19.00 ? 50  LYS A CG  1 
ATOM   428  C  CD  . LYS A 1 51  ? -9.755  -0.869  -24.047 1.00 17.88 ? 50  LYS A CD  1 
ATOM   429  C  CE  . LYS A 1 51  ? -9.565  0.340   -24.917 1.00 19.08 ? 50  LYS A CE  1 
ATOM   430  N  NZ  . LYS A 1 51  ? -10.402 1.449   -24.507 1.00 19.89 ? 50  LYS A NZ  1 
ATOM   431  N  N   . THR A 1 52  ? -8.257  -3.977  -19.508 1.00 18.34 ? 51  THR A N   1 
ATOM   432  C  CA  . THR A 1 52  ? -8.469  -5.316  -19.035 1.00 18.98 ? 51  THR A CA  1 
ATOM   433  C  C   . THR A 1 52  ? -7.372  -5.784  -18.080 1.00 16.86 ? 51  THR A C   1 
ATOM   434  O  O   . THR A 1 52  ? -6.256  -5.276  -18.133 1.00 17.27 ? 51  THR A O   1 
ATOM   435  C  CB  . THR A 1 52  ? -8.486  -6.351  -20.204 1.00 17.33 ? 51  THR A CB  1 
ATOM   436  O  OG1 . THR A 1 52  ? -7.245  -6.497  -20.823 1.00 18.26 ? 51  THR A OG1 1 
ATOM   437  C  CG2 . THR A 1 52  ? -9.578  -6.003  -21.187 1.00 18.38 ? 51  THR A CG2 1 
ATOM   438  N  N   . GLU A 1 53  ? -7.706  -6.810  -17.279 1.00 19.07 ? 52  GLU A N   1 
ATOM   439  C  CA  . GLU A 1 53  ? -6.739  -7.473  -16.425 1.00 19.70 ? 52  GLU A CA  1 
ATOM   440  C  C   . GLU A 1 53  ? -5.608  -8.079  -17.223 1.00 20.33 ? 52  GLU A C   1 
ATOM   441  O  O   . GLU A 1 53  ? -4.442  -7.972  -16.813 1.00 16.34 ? 52  GLU A O   1 
ATOM   442  C  CB  . GLU A 1 53  ? -7.401  -8.504  -15.479 1.00 19.97 ? 52  GLU A CB  1 
ATOM   443  C  CG  . GLU A 1 53  ? -6.407  -9.362  -14.773 1.00 23.18 ? 52  GLU A CG  1 
ATOM   444  C  CD  . GLU A 1 53  ? -7.039  -10.200 -13.628 1.00 29.70 ? 52  GLU A CD  1 
ATOM   445  O  OE1 . GLU A 1 53  ? -8.273  -10.177 -13.516 1.00 27.08 ? 52  GLU A OE1 1 
ATOM   446  O  OE2 . GLU A 1 53  ? -6.268  -10.768 -12.830 1.00 25.43 ? 52  GLU A OE2 1 
ATOM   447  N  N   . ALA A 1 54  ? -5.886  -8.665  -18.418 1.00 17.91 ? 53  ALA A N   1 
ATOM   448  C  CA  . ALA A 1 54  ? -4.817  -9.136  -19.212 1.00 18.93 ? 53  ALA A CA  1 
ATOM   449  C  C   . ALA A 1 54  ? -3.872  -8.059  -19.620 1.00 17.44 ? 53  ALA A C   1 
ATOM   450  O  O   . ALA A 1 54  ? -2.649  -8.308  -19.612 1.00 18.01 ? 53  ALA A O   1 
ATOM   451  C  CB  . ALA A 1 54  ? -5.343  -9.884  -20.450 1.00 21.28 ? 53  ALA A CB  1 
ATOM   452  N  N   . GLU A 1 55  ? -4.375  -6.906  -20.037 1.00 15.80 ? 54  GLU A N   1 
ATOM   453  C  CA  . GLU A 1 55  ? -3.512  -5.803  -20.369 1.00 17.45 ? 54  GLU A CA  1 
ATOM   454  C  C   . GLU A 1 55  ? -2.655  -5.339  -19.173 1.00 16.31 ? 54  GLU A C   1 
ATOM   455  O  O   . GLU A 1 55  ? -1.445  -5.029  -19.292 1.00 15.33 ? 54  GLU A O   1 
ATOM   456  C  CB  . GLU A 1 55  ? -4.313  -4.636  -20.894 1.00 18.95 ? 54  GLU A CB  1 
ATOM   457  C  CG  . GLU A 1 55  ? -4.792  -4.937  -22.342 1.00 19.53 ? 54  GLU A CG  1 
ATOM   458  C  CD  . GLU A 1 55  ? -5.609  -3.818  -22.944 1.00 20.50 ? 54  GLU A CD  1 
ATOM   459  O  OE1 . GLU A 1 55  ? -5.811  -2.774  -22.276 1.00 21.92 ? 54  GLU A OE1 1 
ATOM   460  O  OE2 . GLU A 1 55  ? -5.852  -4.031  -24.203 1.00 21.16 ? 54  GLU A OE2 1 
ATOM   461  N  N   . MET A 1 56  ? -3.312  -5.357  -18.028 1.00 17.49 ? 55  MET A N   1 
ATOM   462  C  CA  . MET A 1 56  ? -2.599  -4.953  -16.804 1.00 16.77 ? 55  MET A CA  1 
ATOM   463  C  C   . MET A 1 56  ? -1.420  -5.899  -16.486 1.00 15.29 ? 55  MET A C   1 
ATOM   464  O  O   . MET A 1 56  ? -0.311  -5.432  -16.098 1.00 17.12 ? 55  MET A O   1 
ATOM   465  C  CB  . MET A 1 56  ? -3.568  -4.889  -15.667 1.00 15.59 ? 55  MET A CB  1 
ATOM   466  C  CG  . MET A 1 56  ? -4.525  -3.751  -15.795 1.00 16.86 ? 55  MET A CG  1 
ATOM   467  S  SD  . MET A 1 56  ? -5.773  -3.758  -14.473 1.00 18.70 ? 55  MET A SD  1 
ATOM   468  C  CE  . MET A 1 56  ? -6.903  -2.473  -15.121 1.00 22.34 ? 55  MET A CE  1 
ATOM   469  N  N   . LYS A 1 57  ? -1.676  -7.200  -16.622 1.00 16.53 ? 56  LYS A N   1 
ATOM   470  C  CA  . LYS A 1 57  ? -0.675  -8.261  -16.338 1.00 19.04 ? 56  LYS A CA  1 
ATOM   471  C  C   . LYS A 1 57  ? 0.533   -8.193  -17.233 1.00 19.04 ? 56  LYS A C   1 
ATOM   472  O  O   . LYS A 1 57  ? 1.659   -8.531  -16.830 1.00 19.99 ? 56  LYS A O   1 
ATOM   473  C  CB  . LYS A 1 57  ? -1.273  -9.650  -16.355 1.00 24.36 ? 56  LYS A CB  1 
ATOM   474  C  CG  . LYS A 1 57  ? -2.192  -9.860  -15.186 1.00 29.14 ? 56  LYS A CG  1 
ATOM   475  C  CD  . LYS A 1 57  ? -2.737  -11.256 -15.234 1.00 36.53 ? 56  LYS A CD  1 
ATOM   476  C  CE  . LYS A 1 57  ? -3.415  -11.673 -13.947 1.00 38.26 ? 56  LYS A CE  1 
ATOM   477  N  NZ  . LYS A 1 57  ? -4.226  -12.846 -14.385 1.00 44.14 ? 56  LYS A NZ  1 
ATOM   478  N  N   . ALA A 1 58  ? 0.307   -7.728  -18.490 1.00 18.39 ? 57  ALA A N   1 
ATOM   479  C  CA  . ALA A 1 58  ? 1.317   -7.639  -19.517 1.00 18.62 ? 57  ALA A CA  1 
ATOM   480  C  C   . ALA A 1 58  ? 2.091   -6.336  -19.515 1.00 20.90 ? 57  ALA A C   1 
ATOM   481  O  O   . ALA A 1 58  ? 3.106   -6.214  -20.247 1.00 21.55 ? 57  ALA A O   1 
ATOM   482  C  CB  . ALA A 1 58  ? 0.641   -7.803  -20.900 1.00 22.68 ? 57  ALA A CB  1 
ATOM   483  N  N   . SER A 1 59  ? 1.665   -5.343  -18.718 1.00 17.08 ? 58  SER A N   1 
ATOM   484  C  CA  . SER A 1 59  ? 2.230   -4.040  -18.699 1.00 17.39 ? 58  SER A CA  1 
ATOM   485  C  C   . SER A 1 59  ? 3.514   -4.019  -17.844 1.00 19.40 ? 58  SER A C   1 
ATOM   486  O  O   . SER A 1 59  ? 3.487   -4.128  -16.608 1.00 17.51 ? 58  SER A O   1 
ATOM   487  C  CB  . SER A 1 59  ? 1.267   -3.028  -18.185 1.00 19.26 ? 58  SER A CB  1 
ATOM   488  O  OG  . SER A 1 59  ? 1.869   -1.764  -17.938 1.00 16.04 ? 58  SER A OG  1 
ATOM   489  N  N   . GLU A 1 60  ? 4.595   -3.695  -18.499 1.00 19.97 ? 59  GLU A N   1 
ATOM   490  C  CA  . GLU A 1 60  ? 5.857   -3.520  -17.787 1.00 21.26 ? 59  GLU A CA  1 
ATOM   491  C  C   . GLU A 1 60  ? 5.816   -2.265  -16.912 1.00 21.29 ? 59  GLU A C   1 
ATOM   492  O  O   . GLU A 1 60  ? 6.319   -2.274  -15.763 1.00 18.74 ? 59  GLU A O   1 
ATOM   493  C  CB  . GLU A 1 60  ? 7.018   -3.464  -18.785 1.00 24.01 ? 59  GLU A CB  1 
ATOM   494  C  CG  . GLU A 1 60  ? 8.363   -3.509  -18.075 1.00 34.61 ? 59  GLU A CG  1 
ATOM   495  C  CD  . GLU A 1 60  ? 8.663   -4.832  -17.327 1.00 39.77 ? 59  GLU A CD  1 
ATOM   496  O  OE1 . GLU A 1 60  ? 8.035   -5.921  -17.589 1.00 39.29 ? 59  GLU A OE1 1 
ATOM   497  O  OE2 . GLU A 1 60  ? 9.579   -4.730  -16.458 1.00 52.64 ? 59  GLU A OE2 1 
ATOM   498  N  N   . ASP A 1 61  ? 5.195   -1.201  -17.389 1.00 18.63 ? 60  ASP A N   1 
ATOM   499  C  CA  . ASP A 1 61  ? 5.074   0.009   -16.582 1.00 20.53 ? 60  ASP A CA  1 
ATOM   500  C  C   . ASP A 1 61  ? 4.268   -0.219  -15.299 1.00 19.32 ? 60  ASP A C   1 
ATOM   501  O  O   . ASP A 1 61  ? 4.645   0.293   -14.238 1.00 18.32 ? 60  ASP A O   1 
ATOM   502  C  CB  . ASP A 1 61  ? 4.381   1.170   -17.345 1.00 23.66 ? 60  ASP A CB  1 
ATOM   503  C  CG  . ASP A 1 61  ? 5.323   1.866   -18.331 1.00 29.18 ? 60  ASP A CG  1 
ATOM   504  O  OD1 . ASP A 1 61  ? 6.558   1.738   -18.227 1.00 29.01 ? 60  ASP A OD1 1 
ATOM   505  O  OD2 . ASP A 1 61  ? 4.797   2.520   -19.220 1.00 29.55 ? 60  ASP A OD2 1 
ATOM   506  N  N   . LEU A 1 62  ? 3.151   -0.938  -15.418 1.00 16.62 ? 61  LEU A N   1 
ATOM   507  C  CA  . LEU A 1 62  ? 2.325   -1.301  -14.198 1.00 16.00 ? 61  LEU A CA  1 
ATOM   508  C  C   . LEU A 1 62  ? 3.178   -2.166  -13.212 1.00 16.44 ? 61  LEU A C   1 
ATOM   509  O  O   . LEU A 1 62  ? 3.186   -1.909  -11.978 1.00 15.79 ? 61  LEU A O   1 
ATOM   510  C  CB  . LEU A 1 62  ? 1.057   -2.016  -14.619 1.00 16.28 ? 61  LEU A CB  1 
ATOM   511  C  CG  . LEU A 1 62  ? 0.075   -2.255  -13.439 1.00 17.52 ? 61  LEU A CG  1 
ATOM   512  C  CD1 . LEU A 1 62  ? -1.342  -2.205  -13.908 1.00 17.42 ? 61  LEU A CD1 1 
ATOM   513  C  CD2 . LEU A 1 62  ? 0.217   -3.597  -12.703 1.00 18.85 ? 61  LEU A CD2 1 
ATOM   514  N  N   . LYS A 1 63  ? 3.945   -3.133  -13.736 1.00 14.90 ? 62  LYS A N   1 
ATOM   515  C  CA  . LYS A 1 63  ? 4.802   -3.982  -12.897 1.00 15.71 ? 62  LYS A CA  1 
ATOM   516  C  C   . LYS A 1 63  ? 5.848   -3.156  -12.179 1.00 16.81 ? 62  LYS A C   1 
ATOM   517  O  O   . LYS A 1 63  ? 6.053   -3.292  -10.946 1.00 15.34 ? 62  LYS A O   1 
ATOM   518  C  CB  . LYS A 1 63  ? 5.465   -5.058  -13.721 1.00 17.35 ? 62  LYS A CB  1 
ATOM   519  C  CG  . LYS A 1 63  ? 6.314   -5.992  -12.889 1.00 17.44 ? 62  LYS A CG  1 
ATOM   520  C  CD  . LYS A 1 63  ? 7.260   -6.793  -13.753 1.00 27.93 ? 62  LYS A CD  1 
ATOM   521  C  CE  . LYS A 1 63  ? 6.584   -7.755  -14.638 1.00 37.31 ? 62  LYS A CE  1 
ATOM   522  N  NZ  . LYS A 1 63  ? 7.696   -8.535  -15.327 1.00 48.09 ? 62  LYS A NZ  1 
ATOM   523  N  N   . LYS A 1 64  ? 6.484   -2.234  -12.895 1.00 16.92 ? 63  LYS A N   1 
ATOM   524  C  CA  . LYS A 1 64  ? 7.414   -1.333  -12.224 1.00 18.60 ? 63  LYS A CA  1 
ATOM   525  C  C   . LYS A 1 64  ? 6.769   -0.479  -11.167 1.00 17.11 ? 63  LYS A C   1 
ATOM   526  O  O   . LYS A 1 64  ? 7.363   -0.254  -10.091 1.00 17.74 ? 63  LYS A O   1 
ATOM   527  C  CB  . LYS A 1 64  ? 8.098   -0.416  -13.280 1.00 20.09 ? 63  LYS A CB  1 
ATOM   528  C  CG  . LYS A 1 64  ? 9.042   -1.233  -14.091 1.00 23.90 ? 63  LYS A CG  1 
ATOM   529  C  CD  . LYS A 1 64  ? 9.512   -0.399  -15.300 1.00 33.56 ? 63  LYS A CD  1 
ATOM   530  C  CE  . LYS A 1 64  ? 10.503  -1.144  -16.171 1.00 38.02 ? 63  LYS A CE  1 
ATOM   531  N  NZ  . LYS A 1 64  ? 10.902  -0.141  -17.204 1.00 45.52 ? 63  LYS A NZ  1 
ATOM   532  N  N   . ALA A 1 65  ? 5.571   0.016   -11.406 1.00 15.63 ? 64  ALA A N   1 
ATOM   533  C  CA  . ALA A 1 65  ? 4.860   0.810   -10.428 1.00 17.23 ? 64  ALA A CA  1 
ATOM   534  C  C   . ALA A 1 65  ? 4.605   -0.003  -9.160  1.00 15.09 ? 64  ALA A C   1 
ATOM   535  O  O   . ALA A 1 65  ? 4.701   0.524   -8.045  1.00 16.12 ? 64  ALA A O   1 
ATOM   536  C  CB  . ALA A 1 65  ? 3.566   1.308   -11.019 1.00 17.66 ? 64  ALA A CB  1 
ATOM   537  N  N   . GLY A 1 66  ? 4.152   -1.244  -9.349  1.00 13.09 ? 65  GLY A N   1 
ATOM   538  C  CA  . GLY A 1 66  ? 3.863   -2.074  -8.202  1.00 13.97 ? 65  GLY A CA  1 
ATOM   539  C  C   . GLY A 1 66  ? 5.131   -2.274  -7.338  1.00 12.40 ? 65  GLY A C   1 
ATOM   540  O  O   . GLY A 1 66  ? 5.035   -2.265  -6.123  1.00 12.44 ? 65  GLY A O   1 
ATOM   541  N  N   . VAL A 1 67  ? 6.266   -2.475  -7.979  1.00 11.66 ? 66  VAL A N   1 
ATOM   542  C  CA  . VAL A 1 67  ? 7.547   -2.596  -7.223  1.00 13.11 ? 66  VAL A CA  1 
ATOM   543  C  C   . VAL A 1 67  ? 7.816   -1.324  -6.431  1.00 13.07 ? 66  VAL A C   1 
ATOM   544  O  O   . VAL A 1 67  ? 8.224   -1.367  -5.278  1.00 13.19 ? 66  VAL A O   1 
ATOM   545  C  CB  . VAL A 1 67  ? 8.682   -2.937  -8.174  1.00 12.73 ? 66  VAL A CB  1 
ATOM   546  C  CG1 . VAL A 1 67  ? 10.020  -2.929  -7.412  1.00 13.76 ? 66  VAL A CG1 1 
ATOM   547  C  CG2 . VAL A 1 67  ? 8.473   -4.375  -8.707  1.00 13.25 ? 66  VAL A CG2 1 
ATOM   548  N  N   . THR A 1 68  ? 7.676   -0.203  -7.101  1.00 13.47 ? 67  THR A N   1 
ATOM   549  C  CA  . THR A 1 68  ? 7.837   1.113   -6.417  1.00 15.07 ? 67  THR A CA  1 
ATOM   550  C  C   . THR A 1 68  ? 6.982   1.283   -5.167  1.00 14.16 ? 67  THR A C   1 
ATOM   551  O  O   . THR A 1 68  ? 7.497   1.700   -4.106  1.00 14.35 ? 67  THR A O   1 
ATOM   552  C  CB  . THR A 1 68  ? 7.551   2.258   -7.415  1.00 18.10 ? 67  THR A CB  1 
ATOM   553  O  OG1 . THR A 1 68  ? 8.502   2.126   -8.481  1.00 17.74 ? 67  THR A OG1 1 
ATOM   554  C  CG2 . THR A 1 68  ? 7.642   3.619   -6.742  1.00 20.49 ? 67  THR A CG2 1 
ATOM   555  N  N   . VAL A 1 69  ? 5.645   1.114   -5.306  1.00 13.53 ? 68  VAL A N   1 
ATOM   556  C  CA  . VAL A 1 69  ? 4.786   1.284   -4.169  1.00 12.79 ? 68  VAL A CA  1 
ATOM   557  C  C   . VAL A 1 69  ? 5.116   0.327   -3.052  1.00 14.06 ? 68  VAL A C   1 
ATOM   558  O  O   . VAL A 1 69  ? 5.181   0.704   -1.894  1.00 12.39 ? 68  VAL A O   1 
ATOM   559  C  CB  . VAL A 1 69  ? 3.247   1.239   -4.534  1.00 14.54 ? 68  VAL A CB  1 
ATOM   560  C  CG1 . VAL A 1 69  ? 2.811   -0.033  -5.177  1.00 18.18 ? 68  VAL A CG1 1 
ATOM   561  C  CG2 . VAL A 1 69  ? 2.455   1.526   -3.348  1.00 14.46 ? 68  VAL A CG2 1 
ATOM   562  N  N   . LEU A 1 70  ? 5.271   -0.963  -3.398  1.00 12.12 ? 69  LEU A N   1 
ATOM   563  C  CA  . LEU A 1 70  ? 5.485   -1.920  -2.311  1.00 12.49 ? 69  LEU A CA  1 
ATOM   564  C  C   . LEU A 1 70  ? 6.817   -1.770  -1.619  1.00 11.70 ? 69  LEU A C   1 
ATOM   565  O  O   . LEU A 1 70  ? 6.927   -2.063  -0.416  1.00 12.46 ? 69  LEU A O   1 
ATOM   566  C  CB  . LEU A 1 70  ? 5.253   -3.306  -2.850  1.00 12.27 ? 69  LEU A CB  1 
ATOM   567  C  CG  . LEU A 1 70  ? 3.840   -3.736  -3.300  1.00 12.18 ? 69  LEU A CG  1 
ATOM   568  C  CD1 . LEU A 1 70  ? 3.854   -5.236  -3.488  1.00 13.61 ? 69  LEU A CD1 1 
ATOM   569  C  CD2 . LEU A 1 70  ? 2.786   -3.300  -2.288  1.00 13.88 ? 69  LEU A CD2 1 
ATOM   570  N  N   . THR A 1 71  ? 7.824   -1.369  -2.398  1.00 11.43 ? 70  THR A N   1 
ATOM   571  C  CA  . THR A 1 71  ? 9.169   -1.132  -1.805  1.00 12.30 ? 70  THR A CA  1 
ATOM   572  C  C   . THR A 1 71  ? 9.142   0.042   -0.843  1.00 13.36 ? 70  THR A C   1 
ATOM   573  O  O   . THR A 1 71  ? 9.676   -0.013  0.255   1.00 12.66 ? 70  THR A O   1 
ATOM   574  C  CB  . THR A 1 71  ? 10.275  -1.035  -2.928  1.00 14.41 ? 70  THR A CB  1 
ATOM   575  O  OG1 . THR A 1 71  ? 10.296  -2.269  -3.662  1.00 15.32 ? 70  THR A OG1 1 
ATOM   576  C  CG2 . THR A 1 71  ? 11.653  -0.735  -2.337  1.00 16.18 ? 70  THR A CG2 1 
ATOM   577  N  N   . ALA A 1 72  ? 8.486   1.134   -1.279  1.00 12.29 ? 71  ALA A N   1 
ATOM   578  C  CA  . ALA A 1 72  ? 8.292   2.257   -0.374  1.00 13.54 ? 71  ALA A CA  1 
ATOM   579  C  C   . ALA A 1 72  ? 7.527   1.922   0.894   1.00 13.74 ? 71  ALA A C   1 
ATOM   580  O  O   . ALA A 1 72  ? 7.868   2.320   2.009   1.00 12.79 ? 71  ALA A O   1 
ATOM   581  C  CB  . ALA A 1 72  ? 7.631   3.390   -1.118  1.00 13.27 ? 71  ALA A CB  1 
ATOM   582  N  N   . LEU A 1 73  ? 6.424   1.167   0.725   1.00 12.39 ? 72  LEU A N   1 
ATOM   583  C  CA  . LEU A 1 73  ? 5.656   0.747   1.853   1.00 12.61 ? 72  LEU A CA  1 
ATOM   584  C  C   . LEU A 1 73  ? 6.409   -0.153  2.751   1.00 12.47 ? 72  LEU A C   1 
ATOM   585  O  O   . LEU A 1 73  ? 6.368   0.006   3.998   1.00 12.65 ? 72  LEU A O   1 
ATOM   586  C  CB  . LEU A 1 73  ? 4.359   0.079   1.426   1.00 12.77 ? 72  LEU A CB  1 
ATOM   587  C  CG  . LEU A 1 73  ? 3.448   -0.410  2.523   1.00 13.89 ? 72  LEU A CG  1 
ATOM   588  C  CD1 . LEU A 1 73  ? 3.023   0.728   3.453   1.00 17.24 ? 72  LEU A CD1 1 
ATOM   589  C  CD2 . LEU A 1 73  ? 2.217   -1.104  1.983   1.00 15.75 ? 72  LEU A CD2 1 
ATOM   590  N  N   . GLY A 1 74  ? 7.140   -1.078  2.178   1.00 11.99 ? 73  GLY A N   1 
ATOM   591  C  CA  . GLY A 1 74  ? 8.010   -1.953  2.946   1.00 12.43 ? 73  GLY A CA  1 
ATOM   592  C  C   . GLY A 1 74  ? 9.028   -1.200  3.836   1.00 11.65 ? 73  GLY A C   1 
ATOM   593  O  O   . GLY A 1 74  ? 9.256   -1.544  5.014   1.00 12.00 ? 73  GLY A O   1 
ATOM   594  N  N   . ALA A 1 75  ? 9.611   -0.144  3.280   1.00 13.89 ? 74  ALA A N   1 
ATOM   595  C  CA  . ALA A 1 75  ? 10.612  0.656   4.012   1.00 15.02 ? 74  ALA A CA  1 
ATOM   596  C  C   . ALA A 1 75  ? 9.913   1.339   5.175   1.00 13.84 ? 74  ALA A C   1 
ATOM   597  O  O   . ALA A 1 75  ? 10.440  1.421   6.305   1.00 14.49 ? 74  ALA A O   1 
ATOM   598  C  CB  . ALA A 1 75  ? 11.329  1.640   3.082   1.00 15.77 ? 74  ALA A CB  1 
ATOM   599  N  N   . ILE A 1 76  ? 8.700   1.815   4.949   1.00 11.45 ? 75  ILE A N   1 
ATOM   600  C  CA  . ILE A 1 76  ? 7.909   2.462   6.013   1.00 11.76 ? 75  ILE A CA  1 
ATOM   601  C  C   . ILE A 1 76  ? 7.594   1.425   7.115   1.00 12.97 ? 75  ILE A C   1 
ATOM   602  O  O   . ILE A 1 76  ? 7.793   1.709   8.304   1.00 13.29 ? 75  ILE A O   1 
ATOM   603  C  CB  . ILE A 1 76  ? 6.637   3.102   5.418   1.00 13.78 ? 75  ILE A CB  1 
ATOM   604  C  CG1 . ILE A 1 76  ? 7.029   4.402   4.651   1.00 16.11 ? 75  ILE A CG1 1 
ATOM   605  C  CG2 . ILE A 1 76  ? 5.639   3.429   6.530   1.00 14.21 ? 75  ILE A CG2 1 
ATOM   606  C  CD1 . ILE A 1 76  ? 6.002   4.772   3.568   1.00 20.31 ? 75  ILE A CD1 1 
ATOM   607  N  N   . LEU A 1 77  ? 7.084   0.235   6.726   1.00 11.57 ? 76  LEU A N   1 
ATOM   608  C  CA  . LEU A 1 77  ? 6.727   -0.777  7.746   1.00 12.97 ? 76  LEU A CA  1 
ATOM   609  C  C   . LEU A 1 77  ? 7.918   -1.176  8.609   1.00 13.00 ? 76  LEU A C   1 
ATOM   610  O  O   . LEU A 1 77  ? 7.780   -1.344  9.824   1.00 15.32 ? 76  LEU A O   1 
ATOM   611  C  CB  . LEU A 1 77  ? 6.094   -1.921  7.021   1.00 13.66 ? 76  LEU A CB  1 
ATOM   612  C  CG  . LEU A 1 77  ? 4.725   -1.730  6.403   1.00 14.23 ? 76  LEU A CG  1 
ATOM   613  C  CD1 . LEU A 1 77  ? 4.349   -2.942  5.555   1.00 16.05 ? 76  LEU A CD1 1 
ATOM   614  C  CD2 . LEU A 1 77  ? 3.588   -1.323  7.306   1.00 16.01 ? 76  LEU A CD2 1 
ATOM   615  N  N   . LYS A 1 78  ? 9.093   -1.275  7.981   1.00 11.91 ? 77  LYS A N   1 
ATOM   616  C  CA  . LYS A 1 78  ? 10.308  -1.627  8.677   1.00 13.04 ? 77  LYS A CA  1 
ATOM   617  C  C   . LYS A 1 78  ? 10.765  -0.604  9.694   1.00 13.74 ? 77  LYS A C   1 
ATOM   618  O  O   . LYS A 1 78  ? 11.483  -0.982  10.650  1.00 15.15 ? 77  LYS A O   1 
ATOM   619  C  CB  . LYS A 1 78  ? 11.400  -1.969  7.718   1.00 13.08 ? 77  LYS A CB  1 
ATOM   620  C  CG  . LYS A 1 78  ? 11.147  -3.269  6.974   1.00 14.77 ? 77  LYS A CG  1 
ATOM   621  C  CD  . LYS A 1 78  ? 12.127  -3.341  5.791   1.00 15.52 ? 77  LYS A CD  1 
ATOM   622  C  CE  . LYS A 1 78  ? 11.695  -4.426  4.792   1.00 17.15 ? 77  LYS A CE  1 
ATOM   623  N  NZ  . LYS A 1 78  ? 12.685  -4.858  3.834   1.00 17.81 ? 77  LYS A NZ  1 
ATOM   624  N  N   . LYS A 1 79  ? 10.290  0.614   9.568   1.00 13.29 ? 78  LYS A N   1 
ATOM   625  C  CA  . LYS A 1 79  ? 10.488  1.669   10.602  1.00 14.46 ? 78  LYS A CA  1 
ATOM   626  C  C   . LYS A 1 79  ? 9.635   1.481   11.846  1.00 13.59 ? 78  LYS A C   1 
ATOM   627  O  O   . LYS A 1 79  ? 9.964   2.096   12.897  1.00 14.08 ? 78  LYS A O   1 
ATOM   628  C  CB  . LYS A 1 79  ? 10.285  3.031   10.065  1.00 15.56 ? 78  LYS A CB  1 
ATOM   629  C  CG  . LYS A 1 79  ? 11.348  3.449   9.004   1.00 18.25 ? 78  LYS A CG  1 
ATOM   630  C  CD  . LYS A 1 79  ? 12.750  3.321   9.368   1.00 22.62 ? 78  LYS A CD  1 
ATOM   631  C  CE  . LYS A 1 79  ? 13.112  4.159   10.501  1.00 29.91 ? 78  LYS A CE  1 
ATOM   632  N  NZ  . LYS A 1 79  ? 13.046  5.578   9.953   1.00 35.44 ? 78  LYS A NZ  1 
ATOM   633  N  N   . LYS A 1 80  ? 8.627   0.592   11.792  1.00 12.85 ? 79  LYS A N   1 
ATOM   634  C  CA  . LYS A 1 80  ? 7.803   0.296   12.962  1.00 13.65 ? 79  LYS A CA  1 
ATOM   635  C  C   . LYS A 1 80  ? 7.288   1.551   13.641  1.00 14.56 ? 79  LYS A C   1 
ATOM   636  O  O   . LYS A 1 80  ? 7.335   1.676   14.868  1.00 15.53 ? 79  LYS A O   1 
ATOM   637  C  CB  . LYS A 1 80  ? 8.596   -0.607  13.939  1.00 14.25 ? 79  LYS A CB  1 
ATOM   638  C  CG  . LYS A 1 80  ? 9.077   -1.899  13.277  1.00 16.44 ? 79  LYS A CG  1 
ATOM   639  C  CD  . LYS A 1 80  ? 9.554   -2.920  14.310  1.00 24.00 ? 79  LYS A CD  1 
ATOM   640  C  CE  . LYS A 1 80  ? 10.813  -2.559  14.967  1.00 28.98 ? 79  LYS A CE  1 
ATOM   641  N  NZ  . LYS A 1 80  ? 11.198  -3.795  15.801  1.00 29.44 ? 79  LYS A NZ  1 
ATOM   642  N  N   . GLY A 1 81  ? 6.767   2.465   12.795  1.00 13.52 ? 80  GLY A N   1 
ATOM   643  C  CA  . GLY A 1 81  ? 6.087   3.678   13.264  1.00 14.59 ? 80  GLY A CA  1 
ATOM   644  C  C   . GLY A 1 81  ? 7.027   4.877   13.279  1.00 14.04 ? 80  GLY A C   1 
ATOM   645  O  O   . GLY A 1 81  ? 6.529   6.023   13.389  1.00 16.07 ? 80  GLY A O   1 
ATOM   646  N  N   . HIS A 1 82  ? 8.319   4.628   13.220  1.00 14.19 ? 81  HIS A N   1 
ATOM   647  C  CA  . HIS A 1 82  ? 9.323   5.744   13.184  1.00 15.73 ? 81  HIS A CA  1 
ATOM   648  C  C   . HIS A 1 82  ? 9.630   6.259   11.758  1.00 15.31 ? 81  HIS A C   1 
ATOM   649  O  O   . HIS A 1 82  ? 10.761  6.189   11.282  1.00 15.90 ? 81  HIS A O   1 
ATOM   650  C  CB  . HIS A 1 82  ? 10.614  5.319   13.861  1.00 16.81 ? 81  HIS A CB  1 
ATOM   651  C  CG  . HIS A 1 82  ? 10.451  5.045   15.325  1.00 16.96 ? 81  HIS A CG  1 
ATOM   652  N  ND1 . HIS A 1 82  ? 10.272  3.782   15.864  1.00 20.29 ? 81  HIS A ND1 1 
ATOM   653  C  CD2 . HIS A 1 82  ? 10.533  5.893   16.372  1.00 17.37 ? 81  HIS A CD2 1 
ATOM   654  C  CE1 . HIS A 1 82  ? 10.229  3.866   17.201  1.00 17.27 ? 81  HIS A CE1 1 
ATOM   655  N  NE2 . HIS A 1 82  ? 10.381  5.141   17.515  1.00 23.36 ? 81  HIS A NE2 1 
ATOM   656  N  N   . HIS A 1 83  ? 8.592   6.690   11.089  1.00 14.07 ? 82  HIS A N   1 
ATOM   657  C  CA  . HIS A 1 83  ? 8.594   6.829   9.617   1.00 15.64 ? 82  HIS A CA  1 
ATOM   658  C  C   . HIS A 1 83  ? 8.390   8.274   9.158   1.00 18.07 ? 82  HIS A C   1 
ATOM   659  O  O   . HIS A 1 83  ? 8.018   8.531   8.007   1.00 17.09 ? 82  HIS A O   1 
ATOM   660  C  CB  . HIS A 1 83  ? 7.499   5.905   9.028   1.00 15.33 ? 82  HIS A CB  1 
ATOM   661  C  CG  . HIS A 1 83  ? 6.152   6.115   9.616   1.00 16.03 ? 82  HIS A CG  1 
ATOM   662  N  ND1 . HIS A 1 83  ? 5.303   5.046   9.852   1.00 17.28 ? 82  HIS A ND1 1 
ATOM   663  C  CD2 . HIS A 1 83  ? 5.476   7.232   9.990   1.00 16.98 ? 82  HIS A CD2 1 
ATOM   664  C  CE1 . HIS A 1 83  ? 4.170   5.514   10.367  1.00 17.37 ? 82  HIS A CE1 1 
ATOM   665  N  NE2 . HIS A 1 83  ? 4.248   6.838   10.452  1.00 14.94 ? 82  HIS A NE2 1 
ATOM   666  N  N   . GLU A 1 84  ? 8.606   9.208   10.086  1.00 19.13 ? 83  GLU A N   1 
ATOM   667  C  CA  . GLU A 1 84  ? 8.433   10.634  9.767   1.00 24.12 ? 83  GLU A CA  1 
ATOM   668  C  C   . GLU A 1 84  ? 9.276   11.020  8.552   1.00 21.76 ? 83  GLU A C   1 
ATOM   669  O  O   . GLU A 1 84  ? 8.795   11.739  7.727   1.00 19.81 ? 83  GLU A O   1 
ATOM   670  C  CB  . GLU A 1 84  ? 8.717   11.533  10.996  1.00 30.99 ? 83  GLU A CB  1 
ATOM   671  C  CG  . GLU A 1 84  ? 9.736   11.065  12.018  1.00 45.15 ? 83  GLU A CG  1 
ATOM   672  C  CD  . GLU A 1 84  ? 9.279   9.838   12.926  1.00 41.70 ? 83  GLU A CD  1 
ATOM   673  O  OE1 . GLU A 1 84  ? 8.113   9.729   13.459  1.00 56.38 ? 83  GLU A OE1 1 
ATOM   674  O  OE2 . GLU A 1 84  ? 10.150  9.019   13.087  1.00 26.69 ? 83  GLU A OE2 1 
ATOM   675  N  N   . ALA A 1 85  ? 10.517  10.557  8.439   1.00 20.06 ? 84  ALA A N   1 
ATOM   676  C  CA  . ALA A 1 85  ? 11.379  10.987  7.323   1.00 25.29 ? 84  ALA A CA  1 
ATOM   677  C  C   . ALA A 1 85  ? 10.901  10.460  6.005   1.00 25.45 ? 84  ALA A C   1 
ATOM   678  O  O   . ALA A 1 85  ? 10.905  11.192  4.951   1.00 21.44 ? 84  ALA A O   1 
ATOM   679  C  CB  . ALA A 1 85  ? 12.821  10.567  7.538   1.00 26.90 ? 84  ALA A CB  1 
ATOM   680  N  N   . GLU A 1 86  ? 10.394  9.232   6.047   1.00 19.84 ? 85  GLU A N   1 
ATOM   681  C  CA  . GLU A 1 86  ? 9.922   8.570   4.810   1.00 19.96 ? 85  GLU A CA  1 
ATOM   682  C  C   . GLU A 1 86  ? 8.593   9.149   4.336   1.00 20.32 ? 85  GLU A C   1 
ATOM   683  O  O   . GLU A 1 86  ? 8.294   9.194   3.131   1.00 19.56 ? 85  GLU A O   1 
ATOM   684  C  CB  . GLU A 1 86  ? 9.718   7.042   5.061   1.00 20.87 ? 85  GLU A CB  1 
ATOM   685  C  CG  . GLU A 1 86  ? 10.992  6.271   5.219   1.00 22.60 ? 85  GLU A CG  1 
ATOM   686  C  CD  . GLU A 1 86  ? 11.658  6.465   6.564   1.00 22.94 ? 85  GLU A CD  1 
ATOM   687  O  OE1 . GLU A 1 86  ? 11.125  7.049   7.524   1.00 20.36 ? 85  GLU A OE1 1 
ATOM   688  O  OE2 . GLU A 1 86  ? 12.794  6.017   6.698   1.00 24.92 ? 85  GLU A OE2 1 
ATOM   689  N  N   . LEU A 1 87  ? 7.764   9.551   5.288   1.00 18.61 ? 86  LEU A N   1 
ATOM   690  C  CA  . LEU A 1 87  ? 6.458   10.047  4.956   1.00 18.25 ? 86  LEU A CA  1 
ATOM   691  C  C   . LEU A 1 87  ? 6.468   11.472  4.391   1.00 18.65 ? 86  LEU A C   1 
ATOM   692  O  O   . LEU A 1 87  ? 5.573   11.863  3.641   1.00 18.04 ? 86  LEU A O   1 
ATOM   693  C  CB  . LEU A 1 87  ? 5.508   10.003  6.174   1.00 21.01 ? 86  LEU A CB  1 
ATOM   694  C  CG  . LEU A 1 87  ? 4.574   8.853   6.280   1.00 26.91 ? 86  LEU A CG  1 
ATOM   695  C  CD1 . LEU A 1 87  ? 5.041   7.479   5.916   1.00 27.75 ? 86  LEU A CD1 1 
ATOM   696  C  CD2 . LEU A 1 87  ? 3.683   9.031   7.533   1.00 21.81 ? 86  LEU A CD2 1 
ATOM   697  N  N   . LYS A 1 88  ? 7.420   12.277  4.790   1.00 17.95 ? 87  LYS A N   1 
ATOM   698  C  CA  . LYS A 1 88  ? 7.424   13.670  4.378   1.00 20.21 ? 87  LYS A CA  1 
ATOM   699  C  C   . LYS A 1 88  ? 7.399   13.875  2.840   1.00 18.39 ? 87  LYS A C   1 
ATOM   700  O  O   . LYS A 1 88  ? 6.440   14.536  2.285   1.00 17.83 ? 87  LYS A O   1 
ATOM   701  C  CB  . LYS A 1 88  ? 8.664   14.273  5.120   1.00 26.97 ? 87  LYS A CB  1 
ATOM   702  C  CG  . LYS A 1 88  ? 8.652   15.701  5.385   1.00 32.95 ? 87  LYS A CG  1 
ATOM   703  C  CD  . LYS A 1 88  ? 9.888   16.108  6.208   1.00 32.92 ? 87  LYS A CD  1 
ATOM   704  C  CE  . LYS A 1 88  ? 9.611   16.036  7.696   1.00 37.88 ? 87  LYS A CE  1 
ATOM   705  N  NZ  . LYS A 1 88  ? 10.358  17.141  8.363   1.00 39.37 ? 87  LYS A NZ  1 
ATOM   706  N  N   . PRO A 1 89  ? 8.382   13.310  2.100   1.00 19.29 ? 88  PRO A N   1 
ATOM   707  C  CA  . PRO A 1 89  ? 8.372   13.510  0.645   1.00 19.37 ? 88  PRO A CA  1 
ATOM   708  C  C   . PRO A 1 89  ? 7.205   12.842  -0.057  1.00 18.58 ? 88  PRO A C   1 
ATOM   709  O  O   . PRO A 1 89  ? 6.630   13.391  -1.031  1.00 18.82 ? 88  PRO A O   1 
ATOM   710  C  CB  . PRO A 1 89  ? 9.721   12.950  0.186   1.00 21.25 ? 88  PRO A CB  1 
ATOM   711  C  CG  . PRO A 1 89  ? 10.109  11.915  1.267   1.00 23.32 ? 88  PRO A CG  1 
ATOM   712  C  CD  . PRO A 1 89  ? 9.586   12.547  2.524   1.00 20.90 ? 88  PRO A CD  1 
ATOM   713  N  N   . LEU A 1 90  ? 6.756   11.688  0.486   1.00 18.28 ? 89  LEU A N   1 
ATOM   714  C  CA  . LEU A 1 90  ? 5.627   10.962  -0.083  1.00 18.79 ? 89  LEU A CA  1 
ATOM   715  C  C   . LEU A 1 90  ? 4.332   11.769  0.062   1.00 16.15 ? 89  LEU A C   1 
ATOM   716  O  O   . LEU A 1 90  ? 3.507   11.828  -0.844  1.00 16.42 ? 89  LEU A O   1 
ATOM   717  C  CB  . LEU A 1 90  ? 5.515   9.619   0.655   1.00 22.43 ? 89  LEU A CB  1 
ATOM   718  C  CG  . LEU A 1 90  ? 4.675   8.546   -0.026  1.00 36.34 ? 89  LEU A CG  1 
ATOM   719  C  CD1 . LEU A 1 90  ? 5.422   8.070   -1.301  1.00 41.14 ? 89  LEU A CD1 1 
ATOM   720  C  CD2 . LEU A 1 90  ? 4.378   7.404   0.968   1.00 37.81 ? 89  LEU A CD2 1 
ATOM   721  N  N   . ALA A 1 91  ? 4.105   12.294  1.271   1.00 15.34 ? 90  ALA A N   1 
ATOM   722  C  CA  . ALA A 1 91  ? 2.907   13.129  1.512   1.00 16.37 ? 90  ALA A CA  1 
ATOM   723  C  C   . ALA A 1 91  ? 2.910   14.317  0.573   1.00 18.31 ? 90  ALA A C   1 
ATOM   724  O  O   . ALA A 1 91  ? 1.851   14.679  0.015   1.00 15.39 ? 90  ALA A O   1 
ATOM   725  C  CB  . ALA A 1 91  ? 2.843   13.622  2.944   1.00 17.48 ? 90  ALA A CB  1 
ATOM   726  N  N   . GLN A 1 92  ? 4.061   14.948  0.401   1.00 16.96 ? 91  GLN A N   1 
ATOM   727  C  CA  . GLN A 1 92  ? 4.056   16.149  -0.465  1.00 16.44 ? 91  GLN A CA  1 
ATOM   728  C  C   . GLN A 1 92  ? 3.734   15.782  -1.921  1.00 17.52 ? 91  GLN A C   1 
ATOM   729  O  O   . GLN A 1 92  ? 2.941   16.438  -2.593  1.00 19.09 ? 91  GLN A O   1 
ATOM   730  C  CB  . GLN A 1 92  ? 5.360   16.909  -0.424  1.00 15.17 ? 91  GLN A CB  1 
ATOM   731  C  CG  . GLN A 1 92  ? 5.290   18.120  -1.371  1.00 15.87 ? 91  GLN A CG  1 
ATOM   732  C  CD  . GLN A 1 92  ? 6.566   18.930  -1.304  1.00 15.74 ? 91  GLN A CD  1 
ATOM   733  O  OE1 . GLN A 1 92  ? 7.713   18.371  -1.370  1.00 17.24 ? 91  GLN A OE1 1 
ATOM   734  N  NE2 . GLN A 1 92  ? 6.405   20.235  -1.272  1.00 15.81 ? 91  GLN A NE2 1 
ATOM   735  N  N   . SER A 1 93  ? 4.349   14.737  -2.429  1.00 16.06 ? 92  SER A N   1 
ATOM   736  C  CA  . SER A 1 93  ? 4.096   14.415  -3.810  1.00 17.86 ? 92  SER A CA  1 
ATOM   737  C  C   . SER A 1 93  ? 2.642   13.975  -4.015  1.00 17.65 ? 92  SER A C   1 
ATOM   738  O  O   . SER A 1 93  ? 2.022   14.301  -5.025  1.00 18.03 ? 92  SER A O   1 
ATOM   739  C  CB  . SER A 1 93  ? 5.105   13.420  -4.357  1.00 20.64 ? 92  SER A CB  1 
ATOM   740  O  OG  . SER A 1 93  ? 4.931   12.138  -3.810  1.00 22.26 ? 92  SER A OG  1 
ATOM   741  N  N   . HIS A 1 94  ? 2.074   13.226  -3.054  1.00 16.67 ? 93  HIS A N   1 
ATOM   742  C  CA  . HIS A 1 94  ? 0.726   12.673  -3.245  1.00 17.61 ? 93  HIS A CA  1 
ATOM   743  C  C   . HIS A 1 94  ? -0.308  13.738  -3.009  1.00 16.87 ? 93  HIS A C   1 
ATOM   744  O  O   . HIS A 1 94  ? -1.391  13.701  -3.547  1.00 22.01 ? 93  HIS A O   1 
ATOM   745  C  CB  . HIS A 1 94  ? 0.467   11.472  -2.367  1.00 17.35 ? 93  HIS A CB  1 
ATOM   746  C  CG  . HIS A 1 94  ? 1.196   10.241  -2.843  1.00 19.73 ? 93  HIS A CG  1 
ATOM   747  N  ND1 . HIS A 1 94  ? 2.576   10.154  -2.887  1.00 21.11 ? 93  HIS A ND1 1 
ATOM   748  C  CD2 . HIS A 1 94  ? 0.734   9.122   -3.436  1.00 18.88 ? 93  HIS A CD2 1 
ATOM   749  C  CE1 . HIS A 1 94  ? 2.929   9.032   -3.494  1.00 21.76 ? 93  HIS A CE1 1 
ATOM   750  N  NE2 . HIS A 1 94  ? 1.828   8.376   -3.797  1.00 19.34 ? 93  HIS A NE2 1 
ATOM   751  N  N   . ALA A 1 95  ? 0.040   14.717  -2.186  1.00 17.29 ? 94  ALA A N   1 
ATOM   752  C  CA  . ALA A 1 95  ? -0.926  15.791  -1.893  1.00 17.70 ? 94  ALA A CA  1 
ATOM   753  C  C   . ALA A 1 95  ? -0.970  16.781  -3.079  1.00 19.81 ? 94  ALA A C   1 
ATOM   754  O  O   . ALA A 1 95  ? -2.041  17.203  -3.508  1.00 25.54 ? 94  ALA A O   1 
ATOM   755  C  CB  . ALA A 1 95  ? -0.542  16.529  -0.615  1.00 19.37 ? 94  ALA A CB  1 
ATOM   756  N  N   . THR A 1 96  ? 0.216   17.168  -3.540  1.00 20.82 ? 95  THR A N   1 
ATOM   757  C  CA  . THR A 1 96  ? 0.389   18.350  -4.378  1.00 21.49 ? 95  THR A CA  1 
ATOM   758  C  C   . THR A 1 96  ? 0.562   18.015  -5.845  1.00 23.79 ? 95  THR A C   1 
ATOM   759  O  O   . THR A 1 96  ? 0.023   18.730  -6.678  1.00 29.85 ? 95  THR A O   1 
ATOM   760  C  CB  . THR A 1 96  ? 1.581   19.176  -3.883  1.00 23.38 ? 95  THR A CB  1 
ATOM   761  O  OG1 . THR A 1 96  ? 1.453   19.352  -2.489  1.00 23.16 ? 95  THR A OG1 1 
ATOM   762  C  CG2 . THR A 1 96  ? 1.622   20.560  -4.567  1.00 22.28 ? 95  THR A CG2 1 
ATOM   763  N  N   . LYS A 1 97  ? 1.285   16.972  -6.188  1.00 24.68 ? 96  LYS A N   1 
ATOM   764  C  CA  . LYS A 1 97  ? 1.412   16.618  -7.600  1.00 26.88 ? 96  LYS A CA  1 
ATOM   765  C  C   . LYS A 1 97  ? 0.305   15.639  -7.990  1.00 31.71 ? 96  LYS A C   1 
ATOM   766  O  O   . LYS A 1 97  ? -0.548  15.930  -8.866  1.00 31.87 ? 96  LYS A O   1 
ATOM   767  C  CB  . LYS A 1 97  ? 2.751   16.009  -7.823  1.00 31.13 ? 96  LYS A CB  1 
ATOM   768  C  CG  . LYS A 1 97  ? 2.868   15.711  -9.334  1.00 37.98 ? 96  LYS A CG  1 
ATOM   769  C  CD  . LYS A 1 97  ? 4.279   15.435  -9.722  1.00 42.79 ? 96  LYS A CD  1 
ATOM   770  C  CE  . LYS A 1 97  ? 4.314   15.115  -11.226 1.00 50.07 ? 96  LYS A CE  1 
ATOM   771  N  NZ  . LYS A 1 97  ? 5.487   14.243  -11.437 1.00 54.91 ? 96  LYS A NZ  1 
ATOM   772  N  N   . HIS A 1 98  ? 0.257   14.486  -7.304  1.00 29.12 ? 97  HIS A N   1 
ATOM   773  C  CA  . HIS A 1 98  ? -0.654  13.434  -7.762  1.00 28.89 ? 97  HIS A CA  1 
ATOM   774  C  C   . HIS A 1 98  ? -2.109  13.670  -7.355  1.00 29.12 ? 97  HIS A C   1 
ATOM   775  O  O   . HIS A 1 98  ? -3.000  13.168  -8.037  1.00 34.94 ? 97  HIS A O   1 
ATOM   776  C  CB  . HIS A 1 98  ? -0.160  12.058  -7.340  1.00 26.87 ? 97  HIS A CB  1 
ATOM   777  C  CG  . HIS A 1 98  ? 1.322   11.834  -7.498  1.00 26.96 ? 97  HIS A CG  1 
ATOM   778  N  ND1 . HIS A 1 98  ? 2.015   12.078  -8.671  1.00 27.74 ? 97  HIS A ND1 1 
ATOM   779  C  CD2 . HIS A 1 98  ? 2.244   11.320  -6.621  1.00 31.40 ? 97  HIS A CD2 1 
ATOM   780  C  CE1 . HIS A 1 98  ? 3.290   11.762  -8.512  1.00 30.47 ? 97  HIS A CE1 1 
ATOM   781  N  NE2 . HIS A 1 98  ? 3.464   11.306  -7.277  1.00 33.76 ? 97  HIS A NE2 1 
ATOM   782  N  N   . LYS A 1 99  ? -2.370  14.361  -6.238  1.00 29.21 ? 98  LYS A N   1 
ATOM   783  C  CA  . LYS A 1 99  ? -3.717  14.543  -5.599  1.00 29.40 ? 98  LYS A CA  1 
ATOM   784  C  C   . LYS A 1 99  ? -4.482  13.248  -5.251  1.00 28.29 ? 98  LYS A C   1 
ATOM   785  O  O   . LYS A 1 99  ? -5.575  12.955  -5.801  1.00 25.63 ? 98  LYS A O   1 
ATOM   786  C  CB  . LYS A 1 99  ? -4.633  15.464  -6.410  1.00 40.47 ? 98  LYS A CB  1 
ATOM   787  C  CG  . LYS A 1 99  ? -4.457  16.943  -6.105  1.00 51.18 ? 98  LYS A CG  1 
ATOM   788  C  CD  . LYS A 1 99  ? -3.631  17.676  -7.151  1.00 60.95 ? 98  LYS A CD  1 
ATOM   789  C  CE  . LYS A 1 99  ? -4.010  19.157  -7.125  1.00 69.52 ? 98  LYS A CE  1 
ATOM   790  N  NZ  . LYS A 1 99  ? -2.886  20.028  -7.570  1.00 82.81 ? 98  LYS A NZ  1 
ATOM   791  N  N   . ILE A 1 100 ? -3.928  12.518  -4.293  1.00 23.57 ? 99  ILE A N   1 
ATOM   792  C  CA  . ILE A 1 100 ? -4.515  11.239  -3.835  1.00 22.19 ? 99  ILE A CA  1 
ATOM   793  C  C   . ILE A 1 100 ? -5.257  11.405  -2.555  1.00 21.86 ? 99  ILE A C   1 
ATOM   794  O  O   . ILE A 1 100 ? -4.672  11.617  -1.455  1.00 19.42 ? 99  ILE A O   1 
ATOM   795  C  CB  . ILE A 1 100 ? -3.385  10.186  -3.701  1.00 19.64 ? 99  ILE A CB  1 
ATOM   796  C  CG1 . ILE A 1 100 ? -2.494  10.165  -4.923  1.00 21.09 ? 99  ILE A CG1 1 
ATOM   797  C  CG2 . ILE A 1 100 ? -3.956  8.835   -3.305  1.00 17.44 ? 99  ILE A CG2 1 
ATOM   798  C  CD1 . ILE A 1 100 ? -3.227  9.971   -6.228  1.00 23.35 ? 99  ILE A CD1 1 
ATOM   799  N  N   . PRO A 1 101 ? -6.599  11.284  -2.594  1.00 21.20 ? 100 PRO A N   1 
ATOM   800  C  CA  . PRO A 1 101 ? -7.325  11.420  -1.348  1.00 22.02 ? 100 PRO A CA  1 
ATOM   801  C  C   . PRO A 1 101 ? -7.045  10.275  -0.365  1.00 21.96 ? 100 PRO A C   1 
ATOM   802  O  O   . PRO A 1 101 ? -6.726  9.184   -0.768  1.00 21.81 ? 100 PRO A O   1 
ATOM   803  C  CB  . PRO A 1 101 ? -8.812  11.367  -1.785  1.00 24.72 ? 100 PRO A CB  1 
ATOM   804  C  CG  . PRO A 1 101 ? -8.821  11.357  -3.249  1.00 24.81 ? 100 PRO A CG  1 
ATOM   805  C  CD  . PRO A 1 101 ? -7.449  11.245  -3.774  1.00 25.97 ? 100 PRO A CD  1 
ATOM   806  N  N   . ILE A 1 102 ? -7.259  10.503  0.900   1.00 20.78 ? 101 ILE A N   1 
ATOM   807  C  CA  . ILE A 1 102 ? -7.178  9.440   1.918   1.00 22.19 ? 101 ILE A CA  1 
ATOM   808  C  C   . ILE A 1 102 ? -8.096  8.294   1.567   1.00 22.04 ? 101 ILE A C   1 
ATOM   809  O  O   . ILE A 1 102 ? -7.732  7.145   1.817   1.00 20.55 ? 101 ILE A O   1 
ATOM   810  C  CB  . ILE A 1 102 ? -7.594  9.988   3.343   1.00 23.22 ? 101 ILE A CB  1 
ATOM   811  C  CG1 . ILE A 1 102 ? -6.622  11.152  3.769   1.00 24.14 ? 101 ILE A CG1 1 
ATOM   812  C  CG2 . ILE A 1 102 ? -7.780  8.883   4.373   1.00 23.71 ? 101 ILE A CG2 1 
ATOM   813  C  CD1 . ILE A 1 102 ? -5.177  10.757  3.894   1.00 25.41 ? 101 ILE A CD1 1 
ATOM   814  N  N   . LYS A 1 103 ? -9.269  8.577   0.983   1.00 18.90 ? 102 LYS A N   1 
ATOM   815  C  CA  . LYS A 1 103 ? -10.166 7.491   0.549   1.00 21.77 ? 102 LYS A CA  1 
ATOM   816  C  C   . LYS A 1 103 ? -9.383  6.552   -0.371  1.00 18.94 ? 102 LYS A C   1 
ATOM   817  O  O   . LYS A 1 103 ? -9.689  5.301   -0.364  1.00 17.78 ? 102 LYS A O   1 
ATOM   818  C  CB  . LYS A 1 103 ? -11.343 8.170   -0.195  1.00 29.18 ? 102 LYS A CB  1 
ATOM   819  C  CG  . LYS A 1 103 ? -12.422 7.376   -0.865  1.00 43.28 ? 102 LYS A CG  1 
ATOM   820  C  CD  . LYS A 1 103 ? -13.133 8.245   -1.965  1.00 51.24 ? 102 LYS A CD  1 
ATOM   821  C  CE  . LYS A 1 103 ? -14.430 7.631   -2.546  1.00 59.87 ? 102 LYS A CE  1 
ATOM   822  N  NZ  . LYS A 1 103 ? -15.321 6.843   -1.597  1.00 62.14 ? 102 LYS A NZ  1 
ATOM   823  N  N   . TYR A 1 104 ? -8.497  7.089   -1.217  1.00 15.73 ? 103 TYR A N   1 
ATOM   824  C  CA  . TYR A 1 104 ? -7.742  6.199   -2.146  1.00 16.13 ? 103 TYR A CA  1 
ATOM   825  C  C   . TYR A 1 104 ? -6.691  5.386   -1.425  1.00 16.46 ? 103 TYR A C   1 
ATOM   826  O  O   . TYR A 1 104 ? -6.447  4.244   -1.797  1.00 13.82 ? 103 TYR A O   1 
ATOM   827  C  CB  . TYR A 1 104 ? -7.112  6.920   -3.294  1.00 17.20 ? 103 TYR A CB  1 
ATOM   828  C  CG  . TYR A 1 104 ? -8.077  7.452   -4.397  1.00 16.53 ? 103 TYR A CG  1 
ATOM   829  C  CD1 . TYR A 1 104 ? -9.457  7.400   -4.263  1.00 20.03 ? 103 TYR A CD1 1 
ATOM   830  C  CD2 . TYR A 1 104 ? -7.530  7.895   -5.585  1.00 19.53 ? 103 TYR A CD2 1 
ATOM   831  C  CE1 . TYR A 1 104 ? -10.307 7.905   -5.303  1.00 22.48 ? 103 TYR A CE1 1 
ATOM   832  C  CE2 . TYR A 1 104 ? -8.332  8.378   -6.605  1.00 19.88 ? 103 TYR A CE2 1 
ATOM   833  C  CZ  . TYR A 1 104 ? -9.702  8.398   -6.428  1.00 23.47 ? 103 TYR A CZ  1 
ATOM   834  O  OH  . TYR A 1 104 ? -10.460 8.912   -7.472  1.00 27.16 ? 103 TYR A OH  1 
ATOM   835  N  N   . LEU A 1 105 ? -6.143  5.969   -0.353  1.00 16.04 ? 104 LEU A N   1 
ATOM   836  C  CA  . LEU A 1 105 ? -5.169  5.231   0.457   1.00 14.53 ? 104 LEU A CA  1 
ATOM   837  C  C   . LEU A 1 105 ? -5.939  4.127   1.164   1.00 14.29 ? 104 LEU A C   1 
ATOM   838  O  O   . LEU A 1 105 ? -5.407  3.023   1.432   1.00 13.34 ? 104 LEU A O   1 
ATOM   839  C  CB  . LEU A 1 105 ? -4.495  6.151   1.438   1.00 15.67 ? 104 LEU A CB  1 
ATOM   840  C  CG  . LEU A 1 105 ? -3.730  7.316   0.801   1.00 20.27 ? 104 LEU A CG  1 
ATOM   841  C  CD1 . LEU A 1 105 ? -3.042  8.091   1.913   1.00 24.10 ? 104 LEU A CD1 1 
ATOM   842  C  CD2 . LEU A 1 105 ? -2.693  6.793   -0.143  1.00 23.56 ? 104 LEU A CD2 1 
ATOM   843  N  N   . GLU A 1 106 ? -7.153  4.386   1.568   1.00 13.60 ? 105 GLU A N   1 
ATOM   844  C  CA  . GLU A 1 106 ? -8.000  3.296   2.109   1.00 14.24 ? 105 GLU A CA  1 
ATOM   845  C  C   . GLU A 1 106 ? -8.218  2.162   1.076   1.00 14.67 ? 105 GLU A C   1 
ATOM   846  O  O   . GLU A 1 106 ? -8.089  0.995   1.437   1.00 13.78 ? 105 GLU A O   1 
ATOM   847  C  CB  . GLU A 1 106 ? -9.345  3.807   2.637   1.00 16.02 ? 105 GLU A CB  1 
ATOM   848  C  CG  . GLU A 1 106 ? -9.211  4.721   3.841   1.00 19.20 ? 105 GLU A CG  1 
ATOM   849  C  CD  . GLU A 1 106 ? -10.458 5.527   4.183   1.00 24.44 ? 105 GLU A CD  1 
ATOM   850  O  OE1 . GLU A 1 106 ? -11.447 5.463   3.423   1.00 23.66 ? 105 GLU A OE1 1 
ATOM   851  O  OE2 . GLU A 1 106 ? -10.360 6.253   5.184   1.00 21.57 ? 105 GLU A OE2 1 
ATOM   852  N  N   . PHE A 1 107 ? -8.517  2.513   -0.163  1.00 13.71 ? 106 PHE A N   1 
ATOM   853  C  CA  . PHE A 1 107 ? -8.722  1.526   -1.215  1.00 12.69 ? 106 PHE A CA  1 
ATOM   854  C  C   . PHE A 1 107 ? -7.466  0.674   -1.432  1.00 11.25 ? 106 PHE A C   1 
ATOM   855  O  O   . PHE A 1 107 ? -7.579  -0.580  -1.590  1.00 12.24 ? 106 PHE A O   1 
ATOM   856  C  CB  . PHE A 1 107 ? -9.088  2.148   -2.518  1.00 13.95 ? 106 PHE A CB  1 
ATOM   857  C  CG  . PHE A 1 107 ? -10.436 2.917   -2.511  1.00 16.75 ? 106 PHE A CG  1 
ATOM   858  C  CD1 . PHE A 1 107 ? -11.383 2.650   -1.601  1.00 18.39 ? 106 PHE A CD1 1 
ATOM   859  C  CD2 . PHE A 1 107 ? -10.623 3.914   -3.449  1.00 19.19 ? 106 PHE A CD2 1 
ATOM   860  C  CE1 . PHE A 1 107 ? -12.631 3.347   -1.632  1.00 22.74 ? 106 PHE A CE1 1 
ATOM   861  C  CE2 . PHE A 1 107 ? -11.812 4.649   -3.472  1.00 20.66 ? 106 PHE A CE2 1 
ATOM   862  C  CZ  . PHE A 1 107 ? -12.827 4.295   -2.604  1.00 20.63 ? 106 PHE A CZ  1 
ATOM   863  N  N   . ILE A 1 108 ? -6.281  1.296   -1.456  1.00 11.77 ? 107 ILE A N   1 
ATOM   864  C  CA  . ILE A 1 108 ? -5.064  0.454   -1.674  1.00 12.70 ? 107 ILE A CA  1 
ATOM   865  C  C   . ILE A 1 108 ? -4.763  -0.415  -0.449  1.00 12.54 ? 107 ILE A C   1 
ATOM   866  O  O   . ILE A 1 108 ? -4.305  -1.555  -0.603  1.00 11.18 ? 107 ILE A O   1 
ATOM   867  C  CB  . ILE A 1 108 ? -3.830  1.257   -2.136  1.00 13.50 ? 107 ILE A CB  1 
ATOM   868  C  CG1 . ILE A 1 108 ? -2.796  0.333   -2.820  1.00 14.33 ? 107 ILE A CG1 1 
ATOM   869  C  CG2 . ILE A 1 108 ? -3.296  2.086   -0.986  1.00 12.29 ? 107 ILE A CG2 1 
ATOM   870  C  CD1 . ILE A 1 108 ? -1.653  1.067   -3.502  1.00 15.88 ? 107 ILE A CD1 1 
ATOM   871  N  N   . SER A 1 109 ? -5.085  0.076   0.755   1.00 11.99 ? 108 SER A N   1 
ATOM   872  C  CA  . SER A 1 109 ? -4.923  -0.743  1.976   1.00 11.84 ? 108 SER A CA  1 
ATOM   873  C  C   . SER A 1 109 ? -5.795  -1.995  1.914   1.00 12.46 ? 108 SER A C   1 
ATOM   874  O  O   . SER A 1 109 ? -5.354  -3.059  2.266   1.00 12.25 ? 108 SER A O   1 
ATOM   875  C  CB  . SER A 1 109 ? -5.314  0.078   3.215   1.00 12.85 ? 108 SER A CB  1 
ATOM   876  O  OG  . SER A 1 109 ? -4.401  1.224   3.396   1.00 13.99 ? 108 SER A OG  1 
ATOM   877  N  N   . GLU A 1 110 ? -7.025  -1.812  1.423   1.00 11.80 ? 109 GLU A N   1 
ATOM   878  C  CA  . GLU A 1 110 ? -8.016  -2.902  1.226   1.00 14.06 ? 109 GLU A CA  1 
ATOM   879  C  C   . GLU A 1 110 ? -7.446  -3.915  0.248   1.00 12.38 ? 109 GLU A C   1 
ATOM   880  O  O   . GLU A 1 110 ? -7.535  -5.180  0.483   1.00 13.00 ? 109 GLU A O   1 
ATOM   881  C  CB  . GLU A 1 110 ? -9.361  -2.325  0.706   1.00 15.77 ? 109 GLU A CB  1 
ATOM   882  C  CG  . GLU A 1 110 ? -10.006 -1.573  1.847   1.00 21.78 ? 109 GLU A CG  1 
ATOM   883  C  CD  . GLU A 1 110 ? -11.155 -0.591  1.446   1.00 30.35 ? 109 GLU A CD  1 
ATOM   884  O  OE1 . GLU A 1 110 ? -11.613 -0.633  0.277   1.00 33.42 ? 109 GLU A OE1 1 
ATOM   885  O  OE2 . GLU A 1 110 ? -11.506 0.226   2.341   1.00 34.05 ? 109 GLU A OE2 1 
ATOM   886  N  N   . ALA A 1 111 ? -6.874  -3.406  -0.827  1.00 13.58 ? 110 ALA A N   1 
ATOM   887  C  CA  . ALA A 1 111 ? -6.280  -4.269  -1.880  1.00 13.29 ? 110 ALA A CA  1 
ATOM   888  C  C   . ALA A 1 111 ? -5.073  -5.092  -1.338  1.00 12.13 ? 110 ALA A C   1 
ATOM   889  O  O   . ALA A 1 111 ? -4.954  -6.294  -1.638  1.00 11.74 ? 110 ALA A O   1 
ATOM   890  C  CB  . ALA A 1 111 ? -5.896  -3.485  -3.113  1.00 12.48 ? 110 ALA A CB  1 
ATOM   891  N  N   . ILE A 1 112 ? -4.221  -4.432  -0.551  1.00 10.84 ? 111 ILE A N   1 
ATOM   892  C  CA  . ILE A 1 112 ? -3.124  -5.101  0.135   1.00 10.26 ? 111 ILE A CA  1 
ATOM   893  C  C   . ILE A 1 112 ? -3.556  -6.222  1.017   1.00 10.77 ? 111 ILE A C   1 
ATOM   894  O  O   . ILE A 1 112 ? -3.079  -7.373  0.902   1.00 11.19 ? 111 ILE A O   1 
ATOM   895  C  CB  . ILE A 1 112 ? -2.215  -4.098  0.881   1.00 10.89 ? 111 ILE A CB  1 
ATOM   896  C  CG1 . ILE A 1 112 ? -1.475  -3.175  -0.064  1.00 11.33 ? 111 ILE A CG1 1 
ATOM   897  C  CG2 . ILE A 1 112 ? -1.182  -4.808  1.737   1.00 12.18 ? 111 ILE A CG2 1 
ATOM   898  C  CD1 . ILE A 1 112 ? -1.103  -1.849  0.520   1.00 13.04 ? 111 ILE A CD1 1 
ATOM   899  N  N   . ILE A 1 113 ? -4.545  -5.944  1.849   1.00 10.50 ? 112 ILE A N   1 
ATOM   900  C  CA  . ILE A 1 113 ? -5.079  -6.929  2.756   1.00 11.12 ? 112 ILE A CA  1 
ATOM   901  C  C   . ILE A 1 113 ? -5.717  -8.116  2.011   1.00 12.84 ? 112 ILE A C   1 
ATOM   902  O  O   . ILE A 1 113 ? -5.502  -9.266  2.379   1.00 13.73 ? 112 ILE A O   1 
ATOM   903  C  CB  . ILE A 1 113 ? -6.040  -6.264  3.737   1.00 12.55 ? 112 ILE A CB  1 
ATOM   904  C  CG1 . ILE A 1 113 ? -5.265  -5.440  4.759   1.00 14.08 ? 112 ILE A CG1 1 
ATOM   905  C  CG2 . ILE A 1 113 ? -6.892  -7.323  4.496   1.00 13.55 ? 112 ILE A CG2 1 
ATOM   906  C  CD1 . ILE A 1 113 ? -6.126  -4.492  5.583   1.00 17.72 ? 112 ILE A CD1 1 
ATOM   907  N  N   . HIS A 1 114 ? -6.453  -7.801  0.950   1.00 12.81 ? 113 HIS A N   1 
ATOM   908  C  CA  . HIS A 1 114 ? -7.081  -8.812  0.136   1.00 14.49 ? 113 HIS A CA  1 
ATOM   909  C  C   . HIS A 1 114 ? -6.055  -9.816  -0.445  1.00 14.50 ? 113 HIS A C   1 
ATOM   910  O  O   . HIS A 1 114 ? -6.222  -11.056 -0.365  1.00 12.83 ? 113 HIS A O   1 
ATOM   911  C  CB  . HIS A 1 114 ? -7.940  -8.172  -0.933  1.00 14.26 ? 113 HIS A CB  1 
ATOM   912  C  CG  . HIS A 1 114 ? -8.434  -9.163  -1.921  1.00 18.68 ? 113 HIS A CG  1 
ATOM   913  N  ND1 . HIS A 1 114 ? -9.699  -9.681  -1.857  1.00 24.01 ? 113 HIS A ND1 1 
ATOM   914  C  CD2 . HIS A 1 114 ? -7.871  -9.656  -3.035  1.00 22.18 ? 113 HIS A CD2 1 
ATOM   915  C  CE1 . HIS A 1 114 ? -9.871  -10.511 -2.861  1.00 23.24 ? 113 HIS A CE1 1 
ATOM   916  N  NE2 . HIS A 1 114 ? -8.758  -10.561 -3.567  1.00 24.76 ? 113 HIS A NE2 1 
ATOM   917  N  N   . VAL A 1 115 ? -5.009  -9.261  -1.039  1.00 12.93 ? 114 VAL A N   1 
ATOM   918  C  CA  . VAL A 1 115 ? -3.970  -10.051 -1.711  1.00 12.98 ? 114 VAL A CA  1 
ATOM   919  C  C   . VAL A 1 115 ? -3.178  -10.891 -0.691  1.00 13.38 ? 114 VAL A C   1 
ATOM   920  O  O   . VAL A 1 115 ? -2.898  -12.085 -0.918  1.00 12.27 ? 114 VAL A O   1 
ATOM   921  C  CB  . VAL A 1 115 ? -3.046  -9.179  -2.634  1.00 12.07 ? 114 VAL A CB  1 
ATOM   922  C  CG1 . VAL A 1 115 ? -1.878  -10.022 -3.148  1.00 12.35 ? 114 VAL A CG1 1 
ATOM   923  C  CG2 . VAL A 1 115 ? -3.874  -8.680  -3.806  1.00 11.28 ? 114 VAL A CG2 1 
ATOM   924  N  N   . LEU A 1 116 ? -2.807  -10.254 0.434   1.00 12.20 ? 115 LEU A N   1 
ATOM   925  C  CA  . LEU A 1 116 ? -2.129  -10.976 1.476   1.00 12.29 ? 115 LEU A CA  1 
ATOM   926  C  C   . LEU A 1 116 ? -2.959  -12.114 2.019   1.00 12.07 ? 115 LEU A C   1 
ATOM   927  O  O   . LEU A 1 116 ? -2.430  -13.227 2.293   1.00 11.53 ? 115 LEU A O   1 
ATOM   928  C  CB  . LEU A 1 116 ? -1.638  -10.050 2.618   1.00 12.72 ? 115 LEU A CB  1 
ATOM   929  C  CG  . LEU A 1 116 ? -0.557  -9.060  2.207   1.00 16.32 ? 115 LEU A CG  1 
ATOM   930  C  CD1 . LEU A 1 116 ? -0.078  -8.303  3.406   1.00 16.43 ? 115 LEU A CD1 1 
ATOM   931  C  CD2 . LEU A 1 116 ? 0.553   -9.593  1.513   1.00 21.10 ? 115 LEU A CD2 1 
ATOM   932  N  N   . HIS A 1 117 ? -4.250  -11.871 2.174   1.00 12.04 ? 116 HIS A N   1 
ATOM   933  C  CA  . HIS A 1 117 ? -5.126  -12.898 2.716   1.00 14.06 ? 116 HIS A CA  1 
ATOM   934  C  C   . HIS A 1 117 ? -5.214  -14.096 1.738   1.00 13.51 ? 116 HIS A C   1 
ATOM   935  O  O   . HIS A 1 117 ? -5.196  -15.278 2.175   1.00 14.90 ? 116 HIS A O   1 
ATOM   936  C  CB  . HIS A 1 117 ? -6.494  -12.286 2.994   1.00 14.55 ? 116 HIS A CB  1 
ATOM   937  C  CG  . HIS A 1 117 ? -7.576  -13.294 3.304   1.00 17.29 ? 116 HIS A CG  1 
ATOM   938  N  ND1 . HIS A 1 117 ? -7.803  -13.801 4.566   1.00 23.91 ? 116 HIS A ND1 1 
ATOM   939  C  CD2 . HIS A 1 117 ? -8.432  -13.946 2.473   1.00 17.69 ? 116 HIS A CD2 1 
ATOM   940  C  CE1 . HIS A 1 117 ? -8.775  -14.711 4.513   1.00 17.29 ? 116 HIS A CE1 1 
ATOM   941  N  NE2 . HIS A 1 117 ? -9.183  -14.795 3.252   1.00 24.10 ? 116 HIS A NE2 1 
ATOM   942  N  N   . SER A 1 118 ? -5.210  -13.790 0.460   1.00 13.11 ? 117 SER A N   1 
ATOM   943  C  CA  . SER A 1 118 ? -5.342  -14.795 -0.605  1.00 14.56 ? 117 SER A CA  1 
ATOM   944  C  C   . SER A 1 118 ? -4.045  -15.609 -0.753  1.00 13.44 ? 117 SER A C   1 
ATOM   945  O  O   . SER A 1 118 ? -4.079  -16.885 -0.837  1.00 12.53 ? 117 SER A O   1 
ATOM   946  C  CB  . SER A 1 118 ? -5.759  -14.116 -1.910  1.00 16.03 ? 117 SER A CB  1 
ATOM   947  O  OG  . SER A 1 118 ? -5.795  -15.094 -2.924  1.00 23.42 ? 117 SER A OG  1 
ATOM   948  N  N   . ARG A 1 119 ? -2.916  -14.899 -0.755  1.00 10.94 ? 118 ARG A N   1 
ATOM   949  C  CA  . ARG A 1 119 ? -1.610  -15.531 -1.013  1.00 11.30 ? 118 ARG A CA  1 
ATOM   950  C  C   . ARG A 1 119 ? -0.958  -16.170 0.170   1.00 10.81 ? 118 ARG A C   1 
ATOM   951  O  O   . ARG A 1 119 ? -0.203  -17.112 -0.027  1.00 11.55 ? 118 ARG A O   1 
ATOM   952  C  CB  . ARG A 1 119 ? -0.632  -14.520 -1.663  1.00 12.11 ? 118 ARG A CB  1 
ATOM   953  C  CG  . ARG A 1 119 ? -0.951  -14.100 -3.052  1.00 13.84 ? 118 ARG A CG  1 
ATOM   954  C  CD  . ARG A 1 119 ? -0.018  -13.064 -3.744  1.00 16.61 ? 118 ARG A CD  1 
ATOM   955  N  NE  . ARG A 1 119 ? 1.173   -13.712 -4.122  1.00 21.37 ? 118 ARG A NE  1 
ATOM   956  C  CZ  . ARG A 1 119 ? 1.875   -13.570 -5.244  1.00 17.57 ? 118 ARG A CZ  1 
ATOM   957  N  NH1 . ARG A 1 119 ? 1.522   -12.914 -6.326  1.00 18.69 ? 118 ARG A NH1 1 
ATOM   958  N  NH2 . ARG A 1 119 ? 2.992   -14.122 -5.249  1.00 18.95 ? 118 ARG A NH2 1 
ATOM   959  N  N   . HIS A 1 120 ? -1.219  -15.677 1.397   1.00 10.39 ? 119 HIS A N   1 
ATOM   960  C  CA  . HIS A 1 120 ? -0.438  -15.989 2.562   1.00 10.98 ? 119 HIS A CA  1 
ATOM   961  C  C   . HIS A 1 120 ? -1.299  -16.395 3.746   1.00 11.74 ? 119 HIS A C   1 
ATOM   962  O  O   . HIS A 1 120 ? -1.136  -15.907 4.865   1.00 14.13 ? 119 HIS A O   1 
ATOM   963  C  CB  . HIS A 1 120 ? 0.451   -14.819 2.950   1.00 11.56 ? 119 HIS A CB  1 
ATOM   964  C  CG  . HIS A 1 120 ? 1.416   -14.517 1.912   1.00 11.50 ? 119 HIS A CG  1 
ATOM   965  N  ND1 . HIS A 1 120 ? 2.394   -15.435 1.560   1.00 12.53 ? 119 HIS A ND1 1 
ATOM   966  C  CD2 . HIS A 1 120 ? 1.535   -13.492 1.070   1.00 11.17 ? 119 HIS A CD2 1 
ATOM   967  C  CE1 . HIS A 1 120 ? 3.069   -14.985 0.536   1.00 12.69 ? 119 HIS A CE1 1 
ATOM   968  N  NE2 . HIS A 1 120 ? 2.552   -13.816 0.199   1.00 12.28 ? 119 HIS A NE2 1 
ATOM   969  N  N   . PRO A 1 121 ? -2.149  -17.401 3.531   1.00 12.90 ? 120 PRO A N   1 
ATOM   970  C  CA  . PRO A 1 121 ? -2.937  -17.873 4.724   1.00 15.34 ? 120 PRO A CA  1 
ATOM   971  C  C   . PRO A 1 121 ? -2.002  -18.498 5.829   1.00 14.42 ? 120 PRO A C   1 
ATOM   972  O  O   . PRO A 1 121 ? -2.367  -18.408 6.978   1.00 22.26 ? 120 PRO A O   1 
ATOM   973  C  CB  . PRO A 1 121 ? -3.901  -18.887 4.087   1.00 16.87 ? 120 PRO A CB  1 
ATOM   974  C  CG  . PRO A 1 121 ? -3.153  -19.426 2.885   1.00 15.08 ? 120 PRO A CG  1 
ATOM   975  C  CD  . PRO A 1 121 ? -2.485  -18.158 2.316   1.00 12.81 ? 120 PRO A CD  1 
ATOM   976  N  N   . GLY A 1 122 ? -0.770  -18.848 5.523   1.00 18.38 ? 121 GLY A N   1 
ATOM   977  C  CA  . GLY A 1 122 ? 0.255   -19.315 6.480   1.00 18.31 ? 121 GLY A CA  1 
ATOM   978  C  C   . GLY A 1 122 ? 0.773   -18.245 7.448   1.00 19.16 ? 121 GLY A C   1 
ATOM   979  O  O   . GLY A 1 122 ? 1.306   -18.522 8.603   1.00 22.30 ? 121 GLY A O   1 
ATOM   980  N  N   . ASN A 1 123 ? 0.671   -17.008 6.979   1.00 17.77 ? 122 ASN A N   1 
ATOM   981  C  CA  A ASN A 1 123 ? 1.192   -15.853 7.700   0.50 14.83 ? 122 ASN A CA  1 
ATOM   982  C  CA  B ASN A 1 123 ? 1.130   -15.875 7.740   0.50 17.07 ? 122 ASN A CA  1 
ATOM   983  C  C   . ASN A 1 123 ? 0.182   -14.662 7.795   1.00 15.60 ? 122 ASN A C   1 
ATOM   984  O  O   . ASN A 1 123 ? 0.588   -13.560 8.237   1.00 15.37 ? 122 ASN A O   1 
ATOM   985  C  CB  A ASN A 1 123 ? 2.505   -15.367 7.121   0.50 13.92 ? 122 ASN A CB  1 
ATOM   986  C  CB  B ASN A 1 123 ? 2.458   -15.517 7.224   0.50 18.73 ? 122 ASN A CB  1 
ATOM   987  C  CG  A ASN A 1 123 ? 3.675   -16.340 7.417   0.50 12.74 ? 122 ASN A CG  1 
ATOM   988  C  CG  B ASN A 1 123 ? 3.418   -16.675 7.398   0.50 20.76 ? 122 ASN A CG  1 
ATOM   989  O  OD1 A ASN A 1 123 ? 4.332   -16.257 8.493   0.50 10.04 ? 122 ASN A OD1 1 
ATOM   990  O  OD1 B ASN A 1 123 ? 3.400   -17.311 8.460   0.50 21.30 ? 122 ASN A OD1 1 
ATOM   991  N  ND2 A ASN A 1 123 ? 3.787   -17.383 6.516   0.50 11.12 ? 122 ASN A ND2 1 
ATOM   992  N  ND2 B ASN A 1 123 ? 4.087   -17.069 6.317   0.50 18.83 ? 122 ASN A ND2 1 
ATOM   993  N  N   . PHE A 1 124 ? -1.076  -14.893 7.458   1.00 13.66 ? 123 PHE A N   1 
ATOM   994  C  CA  . PHE A 1 124 ? -2.075  -13.841 7.441   1.00 13.38 ? 123 PHE A CA  1 
ATOM   995  C  C   . PHE A 1 124 ? -3.389  -14.365 7.962   1.00 15.80 ? 123 PHE A C   1 
ATOM   996  O  O   . PHE A 1 124 ? -4.453  -14.143 7.386   1.00 14.64 ? 123 PHE A O   1 
ATOM   997  C  CB  . PHE A 1 124 ? -2.155  -13.217 6.073   1.00 12.75 ? 123 PHE A CB  1 
ATOM   998  C  CG  . PHE A 1 124 ? -2.523  -11.744 6.104   1.00 12.28 ? 123 PHE A CG  1 
ATOM   999  C  CD1 . PHE A 1 124 ? -1.610  -10.786 6.605   1.00 12.76 ? 123 PHE A CD1 1 
ATOM   1000 C  CD2 . PHE A 1 124 ? -3.746  -11.329 5.600   1.00 12.63 ? 123 PHE A CD2 1 
ATOM   1001 C  CE1 . PHE A 1 124 ? -1.962  -9.442  6.512   1.00 13.09 ? 123 PHE A CE1 1 
ATOM   1002 C  CE2 . PHE A 1 124 ? -4.080  -9.987  5.520   1.00 11.61 ? 123 PHE A CE2 1 
ATOM   1003 C  CZ  . PHE A 1 124 ? -3.202  -9.045  6.075   1.00 10.89 ? 123 PHE A CZ  1 
ATOM   1004 N  N   . GLY A 1 125 ? -3.318  -14.994 9.163   1.00 17.17 ? 124 GLY A N   1 
ATOM   1005 C  CA  . GLY A 1 125 ? -4.532  -15.236 9.921   1.00 17.96 ? 124 GLY A CA  1 
ATOM   1006 C  C   . GLY A 1 125 ? -5.041  -13.986 10.591  1.00 17.92 ? 124 GLY A C   1 
ATOM   1007 O  O   . GLY A 1 125 ? -4.596  -12.899 10.306  1.00 14.46 ? 124 GLY A O   1 
ATOM   1008 N  N   . ALA A 1 126 ? -6.038  -14.120 11.463  1.00 17.84 ? 125 ALA A N   1 
ATOM   1009 C  CA  . ALA A 1 126 ? -6.798  -13.013 11.919  1.00 18.32 ? 125 ALA A CA  1 
ATOM   1010 C  C   . ALA A 1 126 ? -5.923  -12.020 12.710  1.00 16.36 ? 125 ALA A C   1 
ATOM   1011 O  O   . ALA A 1 126 ? -6.008  -10.815 12.529  1.00 14.68 ? 125 ALA A O   1 
ATOM   1012 C  CB  . ALA A 1 126 ? -7.994  -13.465 12.787  1.00 22.46 ? 125 ALA A CB  1 
ATOM   1013 N  N   . ASP A 1 127 ? -5.119  -12.540 13.606  1.00 17.02 ? 126 ASP A N   1 
ATOM   1014 C  CA  . ASP A 1 127 ? -4.205  -11.698 14.340  1.00 16.66 ? 126 ASP A CA  1 
ATOM   1015 C  C   . ASP A 1 127 ? -3.211  -10.917 13.423  1.00 15.31 ? 126 ASP A C   1 
ATOM   1016 O  O   . ASP A 1 127 ? -2.991  -9.710  13.642  1.00 13.29 ? 126 ASP A O   1 
ATOM   1017 C  CB  . ASP A 1 127 ? -3.496  -12.471 15.338  1.00 18.02 ? 126 ASP A CB  1 
ATOM   1018 C  CG  . ASP A 1 127 ? -4.427  -12.904 16.533  1.00 20.84 ? 126 ASP A CG  1 
ATOM   1019 O  OD1 . ASP A 1 127 ? -5.494  -12.353 16.826  1.00 23.52 ? 126 ASP A OD1 1 
ATOM   1020 O  OD2 . ASP A 1 127 ? -3.959  -13.771 17.188  1.00 26.61 ? 126 ASP A OD2 1 
ATOM   1021 N  N   . ALA A 1 128 ? -2.642  -11.580 12.453  1.00 15.38 ? 127 ALA A N   1 
ATOM   1022 C  CA  . ALA A 1 128 ? -1.693  -10.896 11.546  1.00 15.16 ? 127 ALA A CA  1 
ATOM   1023 C  C   . ALA A 1 128 ? -2.441  -9.862  10.712  1.00 14.73 ? 127 ALA A C   1 
ATOM   1024 O  O   . ALA A 1 128 ? -1.894  -8.763  10.419  1.00 13.44 ? 127 ALA A O   1 
ATOM   1025 C  CB  . ALA A 1 128 ? -1.064  -11.951 10.623  1.00 17.18 ? 127 ALA A CB  1 
ATOM   1026 N  N   . GLN A 1 129 ? -3.650  -10.170 10.241  1.00 12.68 ? 128 GLN A N   1 
ATOM   1027 C  CA  . GLN A 1 129 ? -4.422  -9.189  9.434   1.00 13.26 ? 128 GLN A CA  1 
ATOM   1028 C  C   . GLN A 1 129 ? -4.772  -7.974  10.315  1.00 13.56 ? 128 GLN A C   1 
ATOM   1029 O  O   . GLN A 1 129 ? -4.703  -6.824  9.873   1.00 13.00 ? 128 GLN A O   1 
ATOM   1030 C  CB  . GLN A 1 129 ? -5.684  -9.791  8.817   1.00 13.89 ? 128 GLN A CB  1 
ATOM   1031 C  CG  . GLN A 1 129 ? -6.513  -8.767  8.079   1.00 15.27 ? 128 GLN A CG  1 
ATOM   1032 C  CD  . GLN A 1 129 ? -7.732  -9.388  7.353   1.00 16.29 ? 128 GLN A CD  1 
ATOM   1033 O  OE1 . GLN A 1 129 ? -7.660  -10.500 6.903   1.00 17.74 ? 128 GLN A OE1 1 
ATOM   1034 N  NE2 . GLN A 1 129 ? -8.725  -8.600  7.116   1.00 16.23 ? 128 GLN A NE2 1 
ATOM   1035 N  N   . GLY A 1 130 ? -5.164  -8.232  11.568  1.00 13.56 ? 129 GLY A N   1 
ATOM   1036 C  CA  . GLY A 1 130 ? -5.429  -7.140  12.538  1.00 13.30 ? 129 GLY A CA  1 
ATOM   1037 C  C   . GLY A 1 130 ? -4.191  -6.214  12.733  1.00 14.05 ? 129 GLY A C   1 
ATOM   1038 O  O   . GLY A 1 130 ? -4.310  -4.951  12.746  1.00 13.97 ? 129 GLY A O   1 
ATOM   1039 N  N   . ALA A 1 131 ? -3.006  -6.829  12.851  1.00 13.01 ? 130 ALA A N   1 
ATOM   1040 C  CA  . ALA A 1 131 ? -1.758  -6.077  12.998  1.00 13.83 ? 130 ALA A CA  1 
ATOM   1041 C  C   . ALA A 1 131 ? -1.446  -5.267  11.739  1.00 11.80 ? 130 ALA A C   1 
ATOM   1042 O  O   . ALA A 1 131 ? -1.095  -4.076  11.781  1.00 13.14 ? 130 ALA A O   1 
ATOM   1043 C  CB  . ALA A 1 131 ? -0.622  -7.084  13.271  1.00 14.84 ? 130 ALA A CB  1 
ATOM   1044 N  N   . MET A 1 132 ? -1.621  -5.869  10.580  1.00 11.71 ? 131 MET A N   1 
ATOM   1045 C  CA  . MET A 1 132 ? -1.417  -5.125  9.311   1.00 13.06 ? 131 MET A CA  1 
ATOM   1046 C  C   . MET A 1 132 ? -2.420  -4.022  9.082   1.00 11.97 ? 131 MET A C   1 
ATOM   1047 O  O   . MET A 1 132 ? -2.044  -2.890  8.719   1.00 11.89 ? 131 MET A O   1 
ATOM   1048 C  CB  . MET A 1 132 ? -1.524  -6.062  8.101   1.00 13.59 ? 131 MET A CB  1 
ATOM   1049 C  CG  . MET A 1 132 ? -1.320  -5.418  6.765   1.00 13.92 ? 131 MET A CG  1 
ATOM   1050 S  SD  . MET A 1 132 ? 0.355   -4.711  6.529   1.00 14.19 ? 131 MET A SD  1 
ATOM   1051 C  CE  . MET A 1 132 ? 1.342   -6.177  6.241   1.00 15.19 ? 131 MET A CE  1 
ATOM   1052 N  N   . ASN A 1 133 ? -3.680  -4.271  9.462   1.00 11.35 ? 132 ASN A N   1 
ATOM   1053 C  CA  . ASN A 1 133 ? -4.649  -3.192  9.473   1.00 11.62 ? 132 ASN A CA  1 
ATOM   1054 C  C   . ASN A 1 133 ? -4.228  -2.032  10.385  1.00 13.08 ? 132 ASN A C   1 
ATOM   1055 O  O   . ASN A 1 133 ? -4.354  -0.861  9.981   1.00 13.53 ? 132 ASN A O   1 
ATOM   1056 C  CB  . ASN A 1 133 ? -6.062  -3.678  9.811   1.00 13.24 ? 132 ASN A CB  1 
ATOM   1057 C  CG  . ASN A 1 133 ? -7.058  -2.543  9.777   1.00 14.25 ? 132 ASN A CG  1 
ATOM   1058 O  OD1 . ASN A 1 133 ? -7.239  -1.838  8.782   1.00 16.64 ? 132 ASN A OD1 1 
ATOM   1059 N  ND2 . ASN A 1 133 ? -7.634  -2.314  10.917  1.00 16.76 ? 132 ASN A ND2 1 
ATOM   1060 N  N   . LYS A 1 134 ? -3.756  -2.355  11.575  1.00 13.59 ? 133 LYS A N   1 
ATOM   1061 C  CA  A LYS A 1 134 ? -3.341  -1.342  12.511  0.50 14.15 ? 133 LYS A CA  1 
ATOM   1062 C  CA  B LYS A 1 134 ? -3.319  -1.324  12.512  0.50 15.35 ? 133 LYS A CA  1 
ATOM   1063 C  C   . LYS A 1 134 ? -2.163  -0.525  11.909  1.00 13.19 ? 133 LYS A C   1 
ATOM   1064 O  O   . LYS A 1 134 ? -2.128  0.739   12.020  1.00 13.20 ? 133 LYS A O   1 
ATOM   1065 C  CB  A LYS A 1 134 ? -3.011  -1.980  13.867  0.50 14.13 ? 133 LYS A CB  1 
ATOM   1066 C  CB  B LYS A 1 134 ? -2.896  -1.879  13.876  0.50 17.04 ? 133 LYS A CB  1 
ATOM   1067 C  CG  A LYS A 1 134 ? -3.049  -1.038  15.050  0.50 14.32 ? 133 LYS A CG  1 
ATOM   1068 C  CG  B LYS A 1 134 ? -4.016  -2.181  14.842  0.50 19.82 ? 133 LYS A CG  1 
ATOM   1069 C  CD  A LYS A 1 134 ? -2.848  -1.819  16.368  0.50 15.21 ? 133 LYS A CD  1 
ATOM   1070 C  CD  B LYS A 1 134 ? -3.425  -2.671  16.153  0.50 21.82 ? 133 LYS A CD  1 
ATOM   1071 C  CE  A LYS A 1 134 ? -2.527  -0.962  17.550  0.50 17.69 ? 133 LYS A CE  1 
ATOM   1072 C  CE  B LYS A 1 134 ? -4.438  -2.779  17.273  0.50 22.75 ? 133 LYS A CE  1 
ATOM   1073 N  NZ  A LYS A 1 134 ? -2.188  -1.659  18.804  0.50 18.02 ? 133 LYS A NZ  1 
ATOM   1074 N  NZ  B LYS A 1 134 ? -3.675  -2.669  18.531  0.50 21.64 ? 133 LYS A NZ  1 
ATOM   1075 N  N   . ALA A 1 135 ? -1.230  -1.223  11.299  1.00 12.00 ? 134 ALA A N   1 
ATOM   1076 C  CA  . ALA A 1 135 ? -0.062  -0.574  10.648  1.00 12.64 ? 134 ALA A CA  1 
ATOM   1077 C  C   . ALA A 1 135 ? -0.487  0.348   9.527   1.00 13.06 ? 134 ALA A C   1 
ATOM   1078 O  O   . ALA A 1 135 ? 0.017   1.497   9.428   1.00 12.40 ? 134 ALA A O   1 
ATOM   1079 C  CB  . ALA A 1 135 ? 0.970   -1.590  10.147  1.00 13.44 ? 134 ALA A CB  1 
ATOM   1080 N  N   . LEU A 1 136 ? -1.424  -0.091  8.697   1.00 11.31 ? 135 LEU A N   1 
ATOM   1081 C  CA  . LEU A 1 136 ? -1.881  0.697   7.591   1.00 12.86 ? 135 LEU A CA  1 
ATOM   1082 C  C   . LEU A 1 136 ? -2.734  1.868   8.084   1.00 12.70 ? 135 LEU A C   1 
ATOM   1083 O  O   . LEU A 1 136 ? -2.633  2.955   7.516   1.00 13.83 ? 135 LEU A O   1 
ATOM   1084 C  CB  . LEU A 1 136 ? -2.637  -0.121  6.559   1.00 12.93 ? 135 LEU A CB  1 
ATOM   1085 C  CG  . LEU A 1 136 ? -1.706  -1.163  5.928   1.00 12.96 ? 135 LEU A CG  1 
ATOM   1086 C  CD1 . LEU A 1 136 ? -2.562  -2.049  5.023   1.00 14.31 ? 135 LEU A CD1 1 
ATOM   1087 C  CD2 . LEU A 1 136 ? -0.603  -0.610  5.117   1.00 16.77 ? 135 LEU A CD2 1 
ATOM   1088 N  N   . GLU A 1 137 ? -3.493  1.682   9.157   1.00 13.18 ? 136 GLU A N   1 
ATOM   1089 C  CA  . GLU A 1 137 ? -4.311  2.765   9.724   1.00 13.59 ? 136 GLU A CA  1 
ATOM   1090 C  C   . GLU A 1 137 ? -3.361  3.843   10.271  1.00 12.99 ? 136 GLU A C   1 
ATOM   1091 O  O   . GLU A 1 137 ? -3.671  5.056   10.091  1.00 14.11 ? 136 GLU A O   1 
ATOM   1092 C  CB  . GLU A 1 137 ? -5.200  2.286   10.841  1.00 15.79 ? 136 GLU A CB  1 
ATOM   1093 C  CG  . GLU A 1 137 ? -6.350  1.489   10.376  1.00 23.74 ? 136 GLU A CG  1 
ATOM   1094 C  CD  . GLU A 1 137 ? -7.413  1.112   11.448  1.00 31.51 ? 136 GLU A CD  1 
ATOM   1095 O  OE1 . GLU A 1 137 ? -7.149  1.267   12.632  1.00 35.81 ? 136 GLU A OE1 1 
ATOM   1096 O  OE2 . GLU A 1 137 ? -8.482  0.572   11.052  1.00 32.42 ? 136 GLU A OE2 1 
ATOM   1097 N  N   . LEU A 1 138 ? -2.268  3.406   10.920  1.00 14.28 ? 137 LEU A N   1 
ATOM   1098 C  CA  . LEU A 1 138 ? -1.261  4.322   11.454  1.00 14.06 ? 137 LEU A CA  1 
ATOM   1099 C  C   . LEU A 1 138 ? -0.685  5.171   10.343  1.00 13.96 ? 137 LEU A C   1 
ATOM   1100 O  O   . LEU A 1 138 ? -0.576  6.424   10.445  1.00 14.61 ? 137 LEU A O   1 
ATOM   1101 C  CB  . LEU A 1 138 ? -0.125  3.597   12.201  1.00 15.33 ? 137 LEU A CB  1 
ATOM   1102 C  CG  . LEU A 1 138 ? 1.001   4.450   12.722  1.00 14.53 ? 137 LEU A CG  1 
ATOM   1103 C  CD1 . LEU A 1 138 ? 0.506   5.497   13.704  1.00 18.96 ? 137 LEU A CD1 1 
ATOM   1104 C  CD2 . LEU A 1 138 ? 2.033   3.563   13.343  1.00 17.47 ? 137 LEU A CD2 1 
ATOM   1105 N  N   . PHE A 1 139 ? -0.266  4.468   9.296   1.00 11.92 ? 138 PHE A N   1 
ATOM   1106 C  CA  . PHE A 1 139 ? 0.273   5.141   8.076   1.00 13.93 ? 138 PHE A CA  1 
ATOM   1107 C  C   . PHE A 1 139 ? -0.703  6.210   7.586   1.00 13.27 ? 138 PHE A C   1 
ATOM   1108 O  O   . PHE A 1 139 ? -0.309  7.323   7.263   1.00 14.06 ? 138 PHE A O   1 
ATOM   1109 C  CB  . PHE A 1 139 ? 0.588   4.048   7.050   1.00 14.03 ? 138 PHE A CB  1 
ATOM   1110 C  CG  . PHE A 1 139 ? 0.841   4.510   5.643   1.00 18.98 ? 138 PHE A CG  1 
ATOM   1111 C  CD1 . PHE A 1 139 ? 1.996   5.210   5.283   1.00 19.20 ? 138 PHE A CD1 1 
ATOM   1112 C  CD2 . PHE A 1 139 ? -0.151  4.250   4.634   1.00 19.44 ? 138 PHE A CD2 1 
ATOM   1113 C  CE1 . PHE A 1 139 ? 2.158   5.657   3.948   1.00 21.40 ? 138 PHE A CE1 1 
ATOM   1114 C  CE2 . PHE A 1 139 ? -0.008  4.731   3.338   1.00 23.83 ? 138 PHE A CE2 1 
ATOM   1115 C  CZ  . PHE A 1 139 ? 1.147   5.462   2.985   1.00 25.18 ? 138 PHE A CZ  1 
ATOM   1116 N  N   . ARG A 1 140 ? -1.958  5.814   7.373   1.00 12.03 ? 139 ARG A N   1 
ATOM   1117 C  CA  . ARG A 1 140 ? -2.982  6.717   6.817   1.00 12.90 ? 139 ARG A CA  1 
ATOM   1118 C  C   . ARG A 1 140 ? -3.238  7.868   7.745   1.00 13.37 ? 139 ARG A C   1 
ATOM   1119 O  O   . ARG A 1 140 ? -3.455  9.007   7.268   1.00 14.45 ? 139 ARG A O   1 
ATOM   1120 C  CB  . ARG A 1 140 ? -4.312  6.010   6.527   1.00 13.18 ? 139 ARG A CB  1 
ATOM   1121 C  CG  . ARG A 1 140 ? -4.168  4.960   5.415   1.00 15.28 ? 139 ARG A CG  1 
ATOM   1122 C  CD  . ARG A 1 140 ? -5.506  4.569   4.865   1.00 14.30 ? 139 ARG A CD  1 
ATOM   1123 N  NE  . ARG A 1 140 ? -6.407  4.136   5.917   1.00 15.28 ? 139 ARG A NE  1 
ATOM   1124 C  CZ  . ARG A 1 140 ? -6.532  2.897   6.377   1.00 17.70 ? 139 ARG A CZ  1 
ATOM   1125 N  NH1 . ARG A 1 140 ? -5.827  1.860   5.862   1.00 17.01 ? 139 ARG A NH1 1 
ATOM   1126 N  NH2 . ARG A 1 140 ? -7.436  2.659   7.321   1.00 18.54 ? 139 ARG A NH2 1 
ATOM   1127 N  N   . LYS A 1 141 ? -3.233  7.594   9.063   1.00 14.13 ? 140 LYS A N   1 
ATOM   1128 C  CA  . LYS A 1 141 ? -3.448  8.648   10.061  1.00 15.32 ? 140 LYS A CA  1 
ATOM   1129 C  C   . LYS A 1 141 ? -2.307  9.687   9.953   1.00 15.39 ? 140 LYS A C   1 
ATOM   1130 O  O   . LYS A 1 141 ? -2.593  10.912  9.900   1.00 13.87 ? 140 LYS A O   1 
ATOM   1131 C  CB  . LYS A 1 141 ? -3.494  8.083   11.478  1.00 16.02 ? 140 LYS A CB  1 
ATOM   1132 C  CG  . LYS A 1 141 ? -3.633  9.098   12.620  1.00 22.21 ? 140 LYS A CG  1 
ATOM   1133 C  CD  . LYS A 1 141 ? -3.430  8.475   14.036  1.00 30.29 ? 140 LYS A CD  1 
ATOM   1134 C  CE  . LYS A 1 141 ? -3.775  9.547   15.112  1.00 37.76 ? 140 LYS A CE  1 
ATOM   1135 N  NZ  . LYS A 1 141 ? -3.665  8.927   16.439  1.00 48.57 ? 140 LYS A NZ  1 
ATOM   1136 N  N   . ASP A 1 142 ? -1.073  9.192   9.854   1.00 12.73 ? 141 ASP A N   1 
ATOM   1137 C  CA  . ASP A 1 142 ? 0.082   10.121  9.787   1.00 14.55 ? 141 ASP A CA  1 
ATOM   1138 C  C   . ASP A 1 142 ? 0.118   10.883  8.471   1.00 15.13 ? 141 ASP A C   1 
ATOM   1139 O  O   . ASP A 1 142 ? 0.425   12.087  8.445   1.00 15.00 ? 141 ASP A O   1 
ATOM   1140 C  CB  . ASP A 1 142 ? 1.324   9.397   10.116  1.00 14.41 ? 141 ASP A CB  1 
ATOM   1141 C  CG  . ASP A 1 142 ? 1.452   9.030   11.587  1.00 16.84 ? 141 ASP A CG  1 
ATOM   1142 O  OD1 . ASP A 1 142 ? 0.662   9.468   12.454  1.00 16.41 ? 141 ASP A OD1 1 
ATOM   1143 O  OD2 . ASP A 1 142 ? 2.418   8.350   11.935  1.00 17.55 ? 141 ASP A OD2 1 
ATOM   1144 N  N   . ILE A 1 143 ? -0.202  10.214  7.346   1.00 14.08 ? 142 ILE A N   1 
ATOM   1145 C  CA  . ILE A 1 143 ? -0.334  10.885  6.075   1.00 16.68 ? 142 ILE A CA  1 
ATOM   1146 C  C   . ILE A 1 143 ? -1.391  11.948  6.101   1.00 16.63 ? 142 ILE A C   1 
ATOM   1147 O  O   . ILE A 1 143 ? -1.152  13.055  5.587   1.00 16.61 ? 142 ILE A O   1 
ATOM   1148 C  CB  . ILE A 1 143 ? -0.619  9.908   4.896   1.00 17.58 ? 142 ILE A CB  1 
ATOM   1149 C  CG1 . ILE A 1 143 ? 0.645   9.074   4.682   1.00 19.57 ? 142 ILE A CG1 1 
ATOM   1150 C  CG2 . ILE A 1 143 ? -1.059  10.659  3.621   1.00 20.53 ? 142 ILE A CG2 1 
ATOM   1151 C  CD1 . ILE A 1 143 ? 1.758   9.784   3.887   1.00 25.98 ? 142 ILE A CD1 1 
ATOM   1152 N  N   . ALA A 1 144 ? -2.558  11.657  6.673   1.00 15.42 ? 143 ALA A N   1 
ATOM   1153 C  CA  . ALA A 1 144 ? -3.659  12.642  6.764   1.00 16.62 ? 143 ALA A CA  1 
ATOM   1154 C  C   . ALA A 1 144 ? -3.205  13.864  7.546   1.00 15.56 ? 143 ALA A C   1 
ATOM   1155 O  O   . ALA A 1 144 ? -3.501  14.984  7.075   1.00 16.44 ? 143 ALA A O   1 
ATOM   1156 C  CB  . ALA A 1 144 ? -4.904  12.037  7.428   1.00 18.43 ? 143 ALA A CB  1 
ATOM   1157 N  N   . ALA A 1 145 ? -2.449  13.672  8.618   1.00 15.49 ? 144 ALA A N   1 
ATOM   1158 C  CA  . ALA A 1 145 ? -1.951  14.815  9.456   1.00 16.87 ? 144 ALA A CA  1 
ATOM   1159 C  C   . ALA A 1 145 ? -0.975  15.692  8.625   1.00 16.34 ? 144 ALA A C   1 
ATOM   1160 O  O   . ALA A 1 145 ? -1.037  16.933  8.593   1.00 17.52 ? 144 ALA A O   1 
ATOM   1161 C  CB  . ALA A 1 145 ? -1.252  14.357  10.706  1.00 18.56 ? 144 ALA A CB  1 
ATOM   1162 N  N   . LYS A 1 146 ? -0.162  15.038  7.808   1.00 16.28 ? 145 LYS A N   1 
ATOM   1163 C  CA  . LYS A 1 146 ? 0.778   15.746  6.899   1.00 15.96 ? 145 LYS A CA  1 
ATOM   1164 C  C   . LYS A 1 146 ? 0.069   16.445  5.775   1.00 15.58 ? 145 LYS A C   1 
ATOM   1165 O  O   . LYS A 1 146 ? 0.422   17.599  5.452   1.00 15.16 ? 145 LYS A O   1 
ATOM   1166 C  CB  . LYS A 1 146 ? 1.853   14.808  6.312   1.00 19.81 ? 145 LYS A CB  1 
ATOM   1167 C  CG  . LYS A 1 146 ? 3.004   14.594  7.156   1.00 29.93 ? 145 LYS A CG  1 
ATOM   1168 C  CD  . LYS A 1 146 ? 3.852   15.894  6.970   1.00 31.43 ? 145 LYS A CD  1 
ATOM   1169 C  CE  . LYS A 1 146 ? 5.099   15.804  7.760   1.00 34.26 ? 145 LYS A CE  1 
ATOM   1170 N  NZ  . LYS A 1 146 ? 5.372   17.082  8.463   1.00 29.17 ? 145 LYS A NZ  1 
ATOM   1171 N  N   . TYR A 1 147 ? -0.950  15.815  5.156   1.00 13.70 ? 146 TYR A N   1 
ATOM   1172 C  CA  . TYR A 1 147 ? -1.804  16.455  4.125   1.00 14.94 ? 146 TYR A CA  1 
ATOM   1173 C  C   . TYR A 1 147 ? -2.354  17.791  4.656   1.00 18.19 ? 146 TYR A C   1 
ATOM   1174 O  O   . TYR A 1 147 ? -2.230  18.837  3.983   1.00 16.74 ? 146 TYR A O   1 
ATOM   1175 C  CB  . TYR A 1 147 ? -2.973  15.605  3.771   1.00 15.49 ? 146 TYR A CB  1 
ATOM   1176 C  CG  . TYR A 1 147 ? -2.715  14.532  2.720   1.00 16.53 ? 146 TYR A CG  1 
ATOM   1177 C  CD1 . TYR A 1 147 ? -1.459  14.242  2.200   1.00 15.23 ? 146 TYR A CD1 1 
ATOM   1178 C  CD2 . TYR A 1 147 ? -3.778  13.777  2.284   1.00 20.74 ? 146 TYR A CD2 1 
ATOM   1179 C  CE1 . TYR A 1 147 ? -1.299  13.324  1.208   1.00 16.46 ? 146 TYR A CE1 1 
ATOM   1180 C  CE2 . TYR A 1 147 ? -3.657  12.865  1.273   1.00 20.62 ? 146 TYR A CE2 1 
ATOM   1181 C  CZ  . TYR A 1 147 ? -2.397  12.637  0.715   1.00 20.31 ? 146 TYR A CZ  1 
ATOM   1182 O  OH  . TYR A 1 147 ? -2.305  11.723  -0.339  1.00 21.64 ? 146 TYR A OH  1 
ATOM   1183 N  N   . LYS A 1 148 ? -2.831  17.743  5.865   1.00 19.42 ? 147 LYS A N   1 
ATOM   1184 C  CA  . LYS A 1 148 ? -3.405  18.970  6.532   1.00 20.98 ? 147 LYS A CA  1 
ATOM   1185 C  C   . LYS A 1 148 ? -2.333  20.036  6.702   1.00 21.01 ? 147 LYS A C   1 
ATOM   1186 O  O   . LYS A 1 148 ? -2.598  21.187  6.302   1.00 19.16 ? 147 LYS A O   1 
ATOM   1187 C  CB  . LYS A 1 148 ? -4.028  18.572  7.845   1.00 24.88 ? 147 LYS A CB  1 
ATOM   1188 C  CG  . LYS A 1 148 ? -4.739  19.648  8.677   1.00 36.29 ? 147 LYS A CG  1 
ATOM   1189 C  CD  . LYS A 1 148 ? -5.199  19.018  10.008  1.00 43.06 ? 147 LYS A CD  1 
ATOM   1190 C  CE  . LYS A 1 148 ? -6.680  19.224  10.385  1.00 54.89 ? 147 LYS A CE  1 
ATOM   1191 N  NZ  . LYS A 1 148 ? -6.888  20.523  11.081  1.00 51.91 ? 147 LYS A NZ  1 
ATOM   1192 N  N   . GLU A 1 149 ? -1.142  19.670  7.184   1.00 17.31 ? 148 GLU A N   1 
ATOM   1193 C  CA  . GLU A 1 149 ? 0.043   20.621  7.231   1.00 18.11 ? 148 GLU A CA  1 
ATOM   1194 C  C   . GLU A 1 149 ? 0.358   21.231  5.886   1.00 21.02 ? 148 GLU A C   1 
ATOM   1195 O  O   . GLU A 1 149 ? 0.669   22.436  5.787   1.00 16.99 ? 148 GLU A O   1 
ATOM   1196 C  CB  . GLU A 1 149 ? 1.290   19.998  7.808   1.00 18.81 ? 148 GLU A CB  1 
ATOM   1197 C  CG  . GLU A 1 149 ? 1.090   19.579  9.247   1.00 20.37 ? 148 GLU A CG  1 
ATOM   1198 C  CD  . GLU A 1 149 ? 2.242   18.711  9.739   1.00 24.99 ? 148 GLU A CD  1 
ATOM   1199 O  OE1 . GLU A 1 149 ? 3.287   18.535  9.113   1.00 25.72 ? 148 GLU A OE1 1 
ATOM   1200 O  OE2 . GLU A 1 149 ? 2.095   18.209  10.815  1.00 35.70 ? 148 GLU A OE2 1 
ATOM   1201 N  N   . LEU A 1 150 ? 0.230   20.424  4.838   1.00 16.51 ? 149 LEU A N   1 
ATOM   1202 C  CA  . LEU A 1 150 ? 0.539   20.799  3.437   1.00 17.19 ? 149 LEU A CA  1 
ATOM   1203 C  C   . LEU A 1 150 ? -0.534  21.636  2.702   1.00 18.22 ? 149 LEU A C   1 
ATOM   1204 O  O   . LEU A 1 150 ? -0.307  22.137  1.612   1.00 21.80 ? 149 LEU A O   1 
ATOM   1205 C  CB  . LEU A 1 150 ? 0.881   19.572  2.641   1.00 18.66 ? 149 LEU A CB  1 
ATOM   1206 C  CG  . LEU A 1 150 ? 2.138   18.870  3.065   1.00 18.05 ? 149 LEU A CG  1 
ATOM   1207 C  CD1 . LEU A 1 150 ? 2.138   17.438  2.412   1.00 19.83 ? 149 LEU A CD1 1 
ATOM   1208 C  CD2 . LEU A 1 150 ? 3.388   19.613  2.625   1.00 19.47 ? 149 LEU A CD2 1 
ATOM   1209 N  N   . GLY A 1 151 ? -1.694  21.703  3.303   1.00 19.16 ? 150 GLY A N   1 
ATOM   1210 C  CA  . GLY A 1 151 ? -2.841  22.427  2.786   1.00 20.03 ? 150 GLY A CA  1 
ATOM   1211 C  C   . GLY A 1 151 ? -3.805  21.623  1.957   1.00 24.27 ? 150 GLY A C   1 
ATOM   1212 O  O   . GLY A 1 151 ? -4.574  22.207  1.189   1.00 22.60 ? 150 GLY A O   1 
ATOM   1213 N  N   . TYR A 1 152 ? -3.723  20.299  2.019   1.00 20.76 ? 151 TYR A N   1 
ATOM   1214 C  CA  . TYR A 1 152 ? -4.559  19.444  1.147   1.00 20.87 ? 151 TYR A CA  1 
ATOM   1215 C  C   . TYR A 1 152 ? -5.569  18.789  2.033   1.00 23.68 ? 151 TYR A C   1 
ATOM   1216 O  O   . TYR A 1 152 ? -5.241  18.181  3.045   1.00 20.34 ? 151 TYR A O   1 
ATOM   1217 C  CB  . TYR A 1 152 ? -3.668  18.443  0.402   1.00 19.21 ? 151 TYR A CB  1 
ATOM   1218 C  CG  . TYR A 1 152 ? -4.411  17.384  -0.395  1.00 22.93 ? 151 TYR A CG  1 
ATOM   1219 C  CD1 . TYR A 1 152 ? -5.319  17.753  -1.405  1.00 26.85 ? 151 TYR A CD1 1 
ATOM   1220 C  CD2 . TYR A 1 152 ? -4.119  16.036  -0.267  1.00 23.95 ? 151 TYR A CD2 1 
ATOM   1221 C  CE1 . TYR A 1 152 ? -5.980  16.818  -2.197  1.00 28.13 ? 151 TYR A CE1 1 
ATOM   1222 C  CE2 . TYR A 1 152 ? -4.796  15.071  -1.077  1.00 24.46 ? 151 TYR A CE2 1 
ATOM   1223 C  CZ  . TYR A 1 152 ? -5.709  15.489  -2.059  1.00 25.62 ? 151 TYR A CZ  1 
ATOM   1224 O  OH  . TYR A 1 152 ? -6.456  14.548  -2.826  1.00 28.46 ? 151 TYR A OH  1 
ATOM   1225 N  N   . GLN A 1 153 ? -6.845  18.883  1.629   1.00 26.43 ? 152 GLN A N   1 
ATOM   1226 C  CA  . GLN A 1 153 ? -7.887  18.347  2.491   1.00 35.72 ? 152 GLN A CA  1 
ATOM   1227 C  C   . GLN A 1 153 ? -7.929  16.806  2.442   1.00 34.81 ? 152 GLN A C   1 
ATOM   1228 O  O   . GLN A 1 153 ? -8.317  16.212  3.421   1.00 36.84 ? 152 GLN A O   1 
ATOM   1229 C  CB  . GLN A 1 153 ? -9.266  18.995  2.166   1.00 45.76 ? 152 GLN A CB  1 
ATOM   1230 C  CG  . GLN A 1 153 ? -9.301  20.535  2.458   1.00 57.65 ? 152 GLN A CG  1 
ATOM   1231 C  CD  . GLN A 1 153 ? -8.460  20.984  3.689   1.00 62.36 ? 152 GLN A CD  1 
ATOM   1232 O  OE1 . GLN A 1 153 ? -7.381  21.601  3.552   1.00 62.94 ? 152 GLN A OE1 1 
ATOM   1233 N  NE2 . GLN A 1 153 ? -8.933  20.629  4.894   1.00 67.07 ? 152 GLN A NE2 1 
ATOM   1234 N  N   . GLY A 1 154 ? -7.511  16.210  1.333   1.00 34.14 ? 153 GLY A N   1 
ATOM   1235 C  CA  . GLY A 1 154 ? -7.358  14.720  1.239   1.00 31.08 ? 153 GLY A CA  1 
ATOM   1236 C  C   . GLY A 1 154 ? -8.642  14.036  1.148   1.00 30.91 ? 153 GLY A C   1 
ATOM   1237 O  O   . GLY A 1 154 ? -9.605  14.759  0.722   1.00 31.98 ? 153 GLY A O   1 
ATOM   1238 O  OXT . GLY A 1 154 ? -8.757  12.833  1.480   1.00 26.55 ? 153 GLY A OXT 1 
HETATM 1239 C  C1  . 6CQ B 2 .   ? 1.867   4.857   -6.020  1.00 20.45 ? 201 6CQ A C1  1 
HETATM 1240 C  C2  . 6CQ B 2 .   ? 0.805   3.997   -6.002  1.00 22.86 ? 201 6CQ A C2  1 
HETATM 1241 C  C3  . 6CQ B 2 .   ? 0.805   2.907   -6.818  1.00 21.90 ? 201 6CQ A C3  1 
HETATM 1242 C  C4  . 6CQ B 2 .   ? 1.914   2.624   -7.665  1.00 19.56 ? 201 6CQ A C4  1 
HETATM 1243 C  C5  . 6CQ B 2 .   ? 3.026   3.469   -7.701  1.00 25.65 ? 201 6CQ A C5  1 
HETATM 1244 C  C6  . 6CQ B 2 .   ? 2.985   4.615   -6.901  1.00 24.52 ? 201 6CQ A C6  1 
HETATM 1245 C  C7  . 6CQ B 2 .   ? -0.441  2.049   -6.764  1.00 35.53 ? 201 6CQ A C7  1 
HETATM 1246 O  O2D . 6CQ B 2 .   ? 4.639   9.119   -12.304 1.00 40.60 ? 201 6CQ A O2D 1 
HETATM 1247 C  CGD . 6CQ B 2 .   ? 4.544   7.974   -11.796 1.00 42.06 ? 201 6CQ A CGD 1 
HETATM 1248 O  O1D . 6CQ B 2 .   ? 5.300   7.089   -12.240 1.00 37.86 ? 201 6CQ A O1D 1 
HETATM 1249 C  CBD . 6CQ B 2 .   ? 3.551   7.669   -10.664 1.00 32.25 ? 201 6CQ A CBD 1 
HETATM 1250 C  CAD . 6CQ B 2 .   ? 3.210   8.959   -9.858  1.00 26.28 ? 201 6CQ A CAD 1 
HETATM 1251 C  C3D . 6CQ B 2 .   ? 2.381   8.416   -8.733  1.00 22.22 ? 201 6CQ A C3D 1 
HETATM 1252 C  C2D . 6CQ B 2 .   ? 0.952   8.306   -8.706  1.00 20.55 ? 201 6CQ A C2D 1 
HETATM 1253 C  CMD . 6CQ B 2 .   ? -0.033  8.717   -9.643  1.00 22.54 ? 201 6CQ A CMD 1 
HETATM 1254 C  C4D . 6CQ B 2 .   ? 2.826   7.904   -7.473  1.00 20.10 ? 201 6CQ A C4D 1 
HETATM 1255 C  CHA . 6CQ B 2 .   ? 4.210   7.816   -7.167  1.00 20.90 ? 201 6CQ A CHA 1 
HETATM 1256 N  ND  . 6CQ B 2 .   ? 1.747   7.511   -6.722  1.00 20.38 ? 201 6CQ A ND  1 
HETATM 1257 C  C1D . 6CQ B 2 .   ? 0.576   7.716   -7.443  1.00 19.39 ? 201 6CQ A C1D 1 
HETATM 1258 C  CHD . 6CQ B 2 .   ? -0.743  7.440   -7.122  1.00 17.87 ? 201 6CQ A CHD 1 
HETATM 1259 FE FE  . 6CQ B 2 .   ? 1.846   6.475   -4.968  1.00 19.79 ? 201 6CQ A FE  1 
HETATM 1260 N  NB  . 6CQ B 2 .   ? 2.002   5.413   -3.205  1.00 15.81 ? 201 6CQ A NB  1 
HETATM 1261 C  C4B . 6CQ B 2 .   ? 0.892   4.953   -2.439  1.00 17.12 ? 201 6CQ A C4B 1 
HETATM 1262 C  C3B . 6CQ B 2 .   ? 1.315   4.340   -1.228  1.00 18.15 ? 201 6CQ A C3B 1 
HETATM 1263 C  CAB . 6CQ B 2 .   ? 0.428   3.639   -0.286  1.00 17.96 ? 201 6CQ A CAB 1 
HETATM 1264 C  CBB . 6CQ B 2 .   ? 0.774   2.495   0.212   1.00 19.25 ? 201 6CQ A CBB 1 
HETATM 1265 C  C2B . 6CQ B 2 .   ? 2.798   4.386   -1.301  1.00 17.42 ? 201 6CQ A C2B 1 
HETATM 1266 C  CMB . 6CQ B 2 .   ? 3.758   3.817   -0.322  1.00 16.09 ? 201 6CQ A CMB 1 
HETATM 1267 C  C1B . 6CQ B 2 .   ? 3.114   5.051   -2.579  1.00 17.70 ? 201 6CQ A C1B 1 
HETATM 1268 C  CHB . 6CQ B 2 .   ? 4.440   5.291   -2.936  1.00 18.09 ? 201 6CQ A CHB 1 
HETATM 1269 N  NC  . 6CQ B 2 .   ? -0.217  6.363   -4.905  1.00 17.49 ? 201 6CQ A NC  1 
HETATM 1270 C  C4C . 6CQ B 2 .   ? -1.021  6.720   -5.898  1.00 19.19 ? 201 6CQ A C4C 1 
HETATM 1271 C  C3C . 6CQ B 2 .   ? -2.355  6.271   -5.615  1.00 18.24 ? 201 6CQ A C3C 1 
HETATM 1272 C  CAC . 6CQ B 2 .   ? -3.521  6.515   -6.494  1.00 19.82 ? 201 6CQ A CAC 1 
HETATM 1273 C  CBC . 6CQ B 2 .   ? -4.701  5.979   -6.439  1.00 20.57 ? 201 6CQ A CBC 1 
HETATM 1274 C  C2C . 6CQ B 2 .   ? -2.315  5.637   -4.321  1.00 16.67 ? 201 6CQ A C2C 1 
HETATM 1275 C  CMC . 6CQ B 2 .   ? -3.442  5.020   -3.590  1.00 16.19 ? 201 6CQ A CMC 1 
HETATM 1276 C  C1C . 6CQ B 2 .   ? -0.913  5.711   -3.978  1.00 17.87 ? 201 6CQ A C1C 1 
HETATM 1277 C  CHC . 6CQ B 2 .   ? -0.484  5.076   -2.804  1.00 18.47 ? 201 6CQ A CHC 1 
HETATM 1278 N  NA  . 6CQ B 2 .   ? 3.935   6.567   -5.012  1.00 18.30 ? 201 6CQ A NA  1 
HETATM 1279 C  C1A . 6CQ B 2 .   ? 4.660   7.155   -5.981  1.00 21.07 ? 201 6CQ A C1A 1 
HETATM 1280 C  C4A . 6CQ B 2 .   ? 4.775   5.992   -4.132  1.00 19.39 ? 201 6CQ A C4A 1 
HETATM 1281 C  C3A . 6CQ B 2 .   ? 6.164   6.240   -4.469  1.00 20.59 ? 201 6CQ A C3A 1 
HETATM 1282 C  CMA . 6CQ B 2 .   ? 7.418   5.798   -3.769  1.00 21.00 ? 201 6CQ A CMA 1 
HETATM 1283 C  C2A . 6CQ B 2 .   ? 6.089   6.987   -5.691  1.00 23.86 ? 201 6CQ A C2A 1 
HETATM 1284 C  CAA . 6CQ B 2 .   ? 7.278   7.520   -6.481  1.00 24.44 ? 201 6CQ A CAA 1 
HETATM 1285 C  CBA . 6CQ B 2 .   ? 7.726   8.725   -5.717  1.00 26.67 ? 201 6CQ A CBA 1 
HETATM 1286 C  CGA . 6CQ B 2 .   ? 6.742   9.858   -5.568  1.00 32.56 ? 201 6CQ A CGA 1 
HETATM 1287 O  O1A . 6CQ B 2 .   ? 6.563   10.249  -4.374  1.00 33.00 ? 201 6CQ A O1A 1 
HETATM 1288 O  O2A . 6CQ B 2 .   ? 6.186   10.375  -6.601  1.00 34.74 ? 201 6CQ A O2A 1 
HETATM 1289 S  S   . SO4 C 3 .   ? -10.320 -9.235  -18.337 1.00 34.05 ? 202 SO4 A S   1 
HETATM 1290 O  O1  . SO4 C 3 .   ? -11.050 -8.786  -19.426 1.00 24.50 ? 202 SO4 A O1  1 
HETATM 1291 O  O2  . SO4 C 3 .   ? -8.776  -9.620  -18.701 1.00 26.26 ? 202 SO4 A O2  1 
HETATM 1292 O  O3  . SO4 C 3 .   ? -10.896 -10.420 -17.681 1.00 38.26 ? 202 SO4 A O3  1 
HETATM 1293 O  O4  . SO4 C 3 .   ? -10.408 -8.030  -17.349 1.00 25.16 ? 202 SO4 A O4  1 
HETATM 1294 S  S   . SO4 D 3 .   ? 1.090   -8.126  21.911  1.00 58.58 ? 203 SO4 A S   1 
HETATM 1295 O  O1  . SO4 D 3 .   ? 0.461   -7.038  21.127  1.00 50.25 ? 203 SO4 A O1  1 
HETATM 1296 O  O2  . SO4 D 3 .   ? 1.848   -9.026  20.979  1.00 57.03 ? 203 SO4 A O2  1 
HETATM 1297 O  O3  . SO4 D 3 .   ? -0.024  -8.849  22.606  1.00 55.47 ? 203 SO4 A O3  1 
HETATM 1298 O  O4  . SO4 D 3 .   ? 2.031   -7.723  22.991  1.00 55.99 ? 203 SO4 A O4  1 
HETATM 1299 S  S   . SO4 E 3 .   ? -14.996 -9.623  -4.567  1.00 79.98 ? 204 SO4 A S   1 
HETATM 1300 O  O1  . SO4 E 3 .   ? -16.101 -10.589 -4.394  1.00 78.29 ? 204 SO4 A O1  1 
HETATM 1301 O  O2  . SO4 E 3 .   ? -15.163 -9.003  -5.910  1.00 80.42 ? 204 SO4 A O2  1 
HETATM 1302 O  O3  . SO4 E 3 .   ? -13.725 -10.427 -4.511  1.00 66.42 ? 204 SO4 A O3  1 
HETATM 1303 O  O4  . SO4 E 3 .   ? -15.078 -8.523  -3.525  1.00 63.60 ? 204 SO4 A O4  1 
HETATM 1304 S  S   . SO4 F 3 .   ? 5.636   -11.369 -15.312 0.80 69.74 ? 205 SO4 A S   1 
HETATM 1305 O  O1  . SO4 F 3 .   ? 4.681   -10.249 -15.567 0.80 47.70 ? 205 SO4 A O1  1 
HETATM 1306 O  O2  . SO4 F 3 .   ? 6.049   -11.961 -16.633 0.80 72.88 ? 205 SO4 A O2  1 
HETATM 1307 O  O3  . SO4 F 3 .   ? 5.010   -12.418 -14.455 0.80 66.95 ? 205 SO4 A O3  1 
HETATM 1308 O  O4  . SO4 F 3 .   ? 6.882   -10.899 -14.619 0.80 62.11 ? 205 SO4 A O4  1 
HETATM 1309 S  S   . SO4 G 3 .   ? 12.294  -15.581 5.085   0.25 30.01 ? 206 SO4 A S   1 
HETATM 1310 O  O1  . SO4 G 3 .   ? 10.817  -15.429 5.048   0.25 23.17 ? 206 SO4 A O1  1 
HETATM 1311 O  O2  . SO4 G 3 .   ? 12.939  -14.998 3.883   0.25 23.66 ? 206 SO4 A O2  1 
HETATM 1312 O  O3  . SO4 G 3 .   ? 12.618  -17.042 5.192   0.25 23.30 ? 206 SO4 A O3  1 
HETATM 1313 O  O4  . SO4 G 3 .   ? 12.779  -14.875 6.294   0.25 25.59 ? 206 SO4 A O4  1 
HETATM 1314 S  S   . SO4 H 3 .   ? -4.556  -16.412 14.045  0.80 43.90 ? 207 SO4 A S   1 
HETATM 1315 O  O1  . SO4 H 3 .   ? -5.288  -16.961 12.864  0.80 46.31 ? 207 SO4 A O1  1 
HETATM 1316 O  O2  . SO4 H 3 .   ? -5.175  -15.186 14.386  0.80 26.91 ? 207 SO4 A O2  1 
HETATM 1317 O  O3  . SO4 H 3 .   ? -4.642  -17.373 15.218  0.80 47.22 ? 207 SO4 A O3  1 
HETATM 1318 O  O4  . SO4 H 3 .   ? -3.122  -16.115 13.722  0.80 52.01 ? 207 SO4 A O4  1 
HETATM 1319 O  O   . HOH I 4 .   ? -12.430 -7.624  -18.619 1.00 35.34 ? 301 HOH A O   1 
HETATM 1320 O  O   . HOH I 4 .   ? -2.477  -14.532 12.571  1.00 20.91 ? 302 HOH A O   1 
HETATM 1321 O  O   . HOH I 4 .   ? -7.541  -16.813 12.454  1.00 29.58 ? 303 HOH A O   1 
HETATM 1322 O  O   . HOH I 4 .   ? -11.754 -2.146  -1.527  1.00 31.71 ? 304 HOH A O   1 
HETATM 1323 O  O   . HOH I 4 .   ? -8.188  15.313  -4.285  1.00 31.56 ? 305 HOH A O   1 
HETATM 1324 O  O   . HOH I 4 .   ? 0.947   12.524  -10.764 1.00 38.94 ? 306 HOH A O   1 
HETATM 1325 O  O   . HOH I 4 .   ? -4.147  -4.579  -25.832 1.00 26.23 ? 307 HOH A O   1 
HETATM 1326 O  O   . HOH I 4 .   ? -4.625  22.589  6.175   1.00 39.05 ? 308 HOH A O   1 
HETATM 1327 O  O   . HOH I 4 .   ? -10.506 3.885   -14.703 1.00 28.98 ? 309 HOH A O   1 
HETATM 1328 O  O   . HOH I 4 .   ? 12.073  -8.395  5.192   1.00 30.42 ? 310 HOH A O   1 
HETATM 1329 O  O   . HOH I 4 .   ? -14.903 3.326   -5.360  1.00 37.83 ? 311 HOH A O   1 
HETATM 1330 O  O   . HOH I 4 .   ? 4.823   11.527  -11.679 1.00 40.14 ? 312 HOH A O   1 
HETATM 1331 O  O   . HOH I 4 .   ? 8.563   -10.854 11.979  1.00 42.84 ? 313 HOH A O   1 
HETATM 1332 O  O   . HOH I 4 .   ? 10.832  -8.766  18.558  1.00 35.44 ? 314 HOH A O   1 
HETATM 1333 O  O   . HOH I 4 .   ? 9.378   16.484  -1.048  1.00 34.25 ? 315 HOH A O   1 
HETATM 1334 O  O   . HOH I 4 .   ? -12.336 1.515   -22.852 1.00 42.53 ? 316 HOH A O   1 
HETATM 1335 O  O   . HOH I 4 .   ? 2.430   15.682  10.920  1.00 33.58 ? 317 HOH A O   1 
HETATM 1336 O  O   . HOH I 4 .   ? -12.230 4.536   1.176   1.00 29.16 ? 318 HOH A O   1 
HETATM 1337 O  O   . HOH I 4 .   ? 14.000  6.166   12.251  1.00 38.40 ? 319 HOH A O   1 
HETATM 1338 O  O   . HOH I 4 .   ? 6.746   10.224  -9.104  1.00 40.35 ? 320 HOH A O   1 
HETATM 1339 O  O   . HOH I 4 .   ? -8.715  0.395   8.488   1.00 21.85 ? 321 HOH A O   1 
HETATM 1340 O  O   . HOH I 4 .   ? -10.619 11.064  1.200   1.00 25.01 ? 322 HOH A O   1 
HETATM 1341 O  O   . HOH I 4 .   ? 12.544  13.180  4.709   1.00 28.40 ? 323 HOH A O   1 
HETATM 1342 O  O   . HOH I 4 .   ? 10.201  -11.103 -8.561  1.00 20.34 ? 324 HOH A O   1 
HETATM 1343 O  O   . HOH I 4 .   ? 1.555   -0.310  -20.064 1.00 29.02 ? 325 HOH A O   1 
HETATM 1344 O  O   . HOH I 4 .   ? 7.174   -11.956 -10.525 1.00 31.89 ? 326 HOH A O   1 
HETATM 1345 O  O   . HOH I 4 .   ? 5.164   -15.129 -6.487  1.00 24.11 ? 327 HOH A O   1 
HETATM 1346 O  O   . HOH I 4 .   ? -9.521  9.366   -9.861  1.00 32.14 ? 328 HOH A O   1 
HETATM 1347 O  O   . HOH I 4 .   ? -13.142 2.184   1.751   1.00 31.81 ? 329 HOH A O   1 
HETATM 1348 O  O   . HOH I 4 .   ? 8.870   -2.146  18.572  1.00 22.36 ? 330 HOH A O   1 
HETATM 1349 O  O   . HOH I 4 .   ? 8.068   14.922  -2.601  1.00 25.51 ? 331 HOH A O   1 
HETATM 1350 O  O   . HOH I 4 .   ? -2.020  6.232   -20.761 1.00 30.27 ? 332 HOH A O   1 
HETATM 1351 O  O   . HOH I 4 .   ? -1.658  -10.152 -11.270 1.00 38.89 ? 333 HOH A O   1 
HETATM 1352 O  O   . HOH I 4 .   ? -6.014  15.584  6.577   1.00 35.03 ? 334 HOH A O   1 
HETATM 1353 O  O   . HOH I 4 .   ? 2.622   8.593   14.550  1.00 40.42 ? 335 HOH A O   1 
HETATM 1354 O  O   . HOH I 4 .   ? -6.345  -0.868  6.501   1.00 19.87 ? 336 HOH A O   1 
HETATM 1355 O  O   . HOH I 4 .   ? -8.050  -8.704  -8.749  1.00 23.48 ? 337 HOH A O   1 
HETATM 1356 O  O   . HOH I 4 .   ? 0.791   -9.484  18.606  1.00 38.47 ? 338 HOH A O   1 
HETATM 1357 O  O   . HOH I 4 .   ? 2.371   -12.814 10.034  1.00 13.47 ? 339 HOH A O   1 
HETATM 1358 O  O   . HOH I 4 .   ? -8.378  -4.617  -24.700 1.00 15.98 ? 340 HOH A O   1 
HETATM 1359 O  O   . HOH I 4 .   ? -5.950  -18.573 -0.044  1.00 27.09 ? 341 HOH A O   1 
HETATM 1360 O  O   . HOH I 4 .   ? 6.692   18.384  6.580   1.00 32.16 ? 342 HOH A O   1 
HETATM 1361 O  O   . HOH I 4 .   ? 1.217   23.791  7.995   1.00 29.04 ? 343 HOH A O   1 
HETATM 1362 O  O   . HOH I 4 .   ? 12.482  1.907   13.763  1.00 21.40 ? 344 HOH A O   1 
HETATM 1363 O  O   . HOH I 4 .   ? 1.699   -17.624 11.087  1.00 29.77 ? 345 HOH A O   1 
HETATM 1364 O  O   . HOH I 4 .   ? 2.044   -18.484 0.456   1.00 15.83 ? 346 HOH A O   1 
HETATM 1365 O  O   . HOH I 4 .   ? 4.029   6.690   14.085  1.00 27.48 ? 347 HOH A O   1 
HETATM 1366 O  O   . HOH I 4 .   ? -4.946  -18.595 7.681   1.00 34.19 ? 348 HOH A O   1 
HETATM 1367 O  O   . HOH I 4 .   ? -4.048  -15.118 -4.957  1.00 29.34 ? 349 HOH A O   1 
HETATM 1368 O  O   . HOH I 4 .   ? -8.569  2.930   -22.765 1.00 24.16 ? 350 HOH A O   1 
HETATM 1369 O  O   . HOH I 4 .   ? 4.435   -5.013  -9.468  1.00 15.36 ? 351 HOH A O   1 
HETATM 1370 O  O   . HOH I 4 .   ? -1.332  -14.503 -7.778  1.00 27.83 ? 352 HOH A O   1 
HETATM 1371 O  O   . HOH I 4 .   ? 5.560   2.814   -14.004 1.00 26.90 ? 353 HOH A O   1 
HETATM 1372 O  O   . HOH I 4 .   ? 8.227   -14.654 7.442   1.00 41.55 ? 354 HOH A O   1 
HETATM 1373 O  O   . HOH I 4 .   ? -3.171  -8.558  16.071  1.00 26.40 ? 355 HOH A O   1 
HETATM 1374 O  O   . HOH I 4 .   ? 2.234   2.091   -20.156 1.00 36.16 ? 356 HOH A O   1 
HETATM 1375 O  O   . HOH I 4 .   ? -7.703  -12.092 -18.556 1.00 42.07 ? 357 HOH A O   1 
HETATM 1376 O  O   . HOH I 4 .   ? 12.091  -5.193  13.672  1.00 37.20 ? 358 HOH A O   1 
HETATM 1377 O  O   . HOH I 4 .   ? -1.845  18.156  10.865  1.00 26.19 ? 359 HOH A O   1 
HETATM 1378 O  O   . HOH I 4 .   ? 5.298   0.861   17.888  1.00 14.46 ? 360 HOH A O   1 
HETATM 1379 O  O   . HOH I 4 .   ? 9.757   -4.382  0.646   1.00 18.69 ? 361 HOH A O   1 
HETATM 1380 O  O   . HOH I 4 .   ? -6.998  -17.308 2.248   1.00 26.50 ? 362 HOH A O   1 
HETATM 1381 O  O   . HOH I 4 .   ? 13.140  1.166   6.443   1.00 17.73 ? 363 HOH A O   1 
HETATM 1382 O  O   . HOH I 4 .   ? -9.204  -2.098  -3.152  1.00 23.91 ? 364 HOH A O   1 
HETATM 1383 O  O   . HOH I 4 .   ? -12.043 -1.136  -18.719 1.00 31.92 ? 365 HOH A O   1 
HETATM 1384 O  O   . HOH I 4 .   ? 13.816  3.898   5.328   1.00 27.35 ? 366 HOH A O   1 
HETATM 1385 O  O   . HOH I 4 .   ? 12.515  -3.447  11.182  1.00 27.49 ? 367 HOH A O   1 
HETATM 1386 O  O   . HOH I 4 .   ? 2.131   -5.843  -14.953 1.00 18.20 ? 368 HOH A O   1 
HETATM 1387 O  O   . HOH I 4 .   ? 14.257  -6.564  5.271   1.00 33.56 ? 369 HOH A O   1 
HETATM 1388 O  O   . HOH I 4 .   ? -3.662  -18.673 11.496  1.00 34.52 ? 370 HOH A O   1 
HETATM 1389 O  O   . HOH I 4 .   ? 13.249  -2.104  16.425  1.00 43.76 ? 371 HOH A O   1 
HETATM 1390 O  O   . HOH I 4 .   ? 4.314   -11.608 16.829  1.00 22.89 ? 372 HOH A O   1 
HETATM 1391 O  O   . HOH I 4 .   ? 2.179   13.093  10.282  1.00 21.39 ? 373 HOH A O   1 
HETATM 1392 O  O   . HOH I 4 .   ? -5.311  -9.253  -8.318  1.00 17.81 ? 374 HOH A O   1 
HETATM 1393 O  O   . HOH I 4 .   ? -13.126 9.058   -6.885  1.00 45.10 ? 375 HOH A O   1 
HETATM 1394 O  O   . HOH I 4 .   ? -9.497  -6.245  2.072   1.00 27.11 ? 376 HOH A O   1 
HETATM 1395 O  O   . HOH I 4 .   ? -1.475  -10.757 -19.982 1.00 22.39 ? 377 HOH A O   1 
HETATM 1396 O  O   . HOH I 4 .   ? -4.244  22.341  -7.001  1.00 31.97 ? 378 HOH A O   1 
HETATM 1397 O  O   . HOH I 4 .   ? -4.583  12.271  11.220  1.00 18.87 ? 379 HOH A O   1 
HETATM 1398 O  O   . HOH I 4 .   ? -0.282  -4.285  -21.671 1.00 23.14 ? 380 HOH A O   1 
HETATM 1399 O  O   . HOH I 4 .   ? -7.733  -9.484  14.219  1.00 36.43 ? 381 HOH A O   1 
HETATM 1400 O  O   . HOH I 4 .   ? 5.788   2.338   10.121  1.00 14.44 ? 382 HOH A O   1 
HETATM 1401 O  O   . HOH I 4 .   ? 0.485   -8.865  8.996   1.00 25.35 ? 383 HOH A O   1 
HETATM 1402 O  O   . HOH I 4 .   ? 5.466   -13.282 -10.390 1.00 35.86 ? 384 HOH A O   1 
HETATM 1403 O  O   . HOH I 4 .   ? 0.233   10.082  -13.391 1.00 32.09 ? 385 HOH A O   1 
HETATM 1404 O  O   . HOH I 4 .   ? -2.981  -18.714 -2.614  1.00 19.52 ? 386 HOH A O   1 
HETATM 1405 O  O   . HOH I 4 .   ? -3.474  -5.901  16.148  1.00 21.69 ? 387 HOH A O   1 
HETATM 1406 O  O   . HOH I 4 .   ? 4.593   -7.159  22.039  1.00 23.11 ? 388 HOH A O   1 
HETATM 1407 O  O   . HOH I 4 .   ? 11.152  -2.196  1.180   1.00 15.04 ? 389 HOH A O   1 
HETATM 1408 O  O   . HOH I 4 .   ? 10.137  2.612   -4.004  1.00 20.38 ? 390 HOH A O   1 
HETATM 1409 O  O   . HOH I 4 .   ? 3.625   -14.870 10.814  1.00 34.04 ? 391 HOH A O   1 
HETATM 1410 O  O   . HOH I 4 .   ? -9.890  -10.076 -7.135  1.00 39.28 ? 392 HOH A O   1 
HETATM 1411 O  O   . HOH I 4 .   ? -0.302  -18.794 -2.264  1.00 12.83 ? 393 HOH A O   1 
HETATM 1412 O  O   . HOH I 4 .   ? -8.041  6.306   6.755   1.00 21.94 ? 394 HOH A O   1 
HETATM 1413 O  O   . HOH I 4 .   ? 13.552  0.069   12.222  1.00 32.90 ? 395 HOH A O   1 
HETATM 1414 O  O   . HOH I 4 .   ? -8.340  5.218   -16.400 1.00 29.65 ? 396 HOH A O   1 
HETATM 1415 O  O   . HOH I 4 .   ? -1.471  -18.720 9.630   1.00 30.53 ? 397 HOH A O   1 
HETATM 1416 O  O   . HOH I 4 .   ? -1.946  11.867  -10.853 1.00 33.72 ? 398 HOH A O   1 
HETATM 1417 O  O   . HOH I 4 .   ? 6.775   8.391   15.550  1.00 39.01 ? 399 HOH A O   1 
HETATM 1418 O  O   . HOH I 4 .   ? 4.382   -7.876  -17.178 1.00 29.65 ? 400 HOH A O   1 
HETATM 1419 O  O   . HOH I 4 .   ? -6.375  5.871   10.080  1.00 28.68 ? 401 HOH A O   1 
HETATM 1420 O  O   . HOH I 4 .   ? -10.476 -1.365  -14.082 1.00 35.76 ? 402 HOH A O   1 
HETATM 1421 O  O   . HOH I 4 .   ? 5.657   -13.039 14.646  1.00 36.15 ? 403 HOH A O   1 
HETATM 1422 O  O   . HOH I 4 .   ? -3.475  -12.640 -5.379  1.00 25.79 ? 404 HOH A O   1 
HETATM 1423 O  O   . HOH I 4 .   ? 10.354  -15.019 1.589   1.00 39.45 ? 405 HOH A O   1 
HETATM 1424 O  O   . HOH I 4 .   ? -4.436  -10.393 -10.699 1.00 26.68 ? 406 HOH A O   1 
HETATM 1425 O  O   . HOH I 4 .   ? 2.575   -17.130 3.838   1.00 14.39 ? 407 HOH A O   1 
HETATM 1426 O  O   . HOH I 4 .   ? -9.627  0.703   4.425   1.00 33.39 ? 408 HOH A O   1 
HETATM 1427 O  O   . HOH I 4 .   ? 3.048   -13.616 -8.635  1.00 32.80 ? 409 HOH A O   1 
HETATM 1428 O  O   . HOH I 4 .   ? 6.325   13.083  8.242   1.00 33.61 ? 410 HOH A O   1 
HETATM 1429 O  O   . HOH I 4 .   ? -8.416  -11.930 -6.074  1.00 42.48 ? 411 HOH A O   1 
HETATM 1430 O  O   . HOH I 4 .   ? -9.036  2.491   -18.829 1.00 36.70 ? 412 HOH A O   1 
HETATM 1431 O  O   . HOH I 4 .   ? -2.361  -7.393  19.819  1.00 37.44 ? 413 HOH A O   1 
HETATM 1432 O  O   . HOH I 4 .   ? 9.513   4.695   2.033   1.00 20.05 ? 414 HOH A O   1 
HETATM 1433 O  O   . HOH I 4 .   ? 2.639   -15.859 -2.861  1.00 14.26 ? 415 HOH A O   1 
HETATM 1434 O  O   . HOH I 4 .   ? -8.647  -12.608 -0.111  1.00 18.85 ? 416 HOH A O   1 
HETATM 1435 O  O   . HOH I 4 .   ? 10.249  -0.143  -10.173 1.00 21.01 ? 417 HOH A O   1 
HETATM 1436 O  O   . HOH I 4 .   ? 1.204   -11.726 -10.217 1.00 31.25 ? 418 HOH A O   1 
HETATM 1437 O  O   . HOH I 4 .   ? 12.144  8.466   9.833   1.00 26.47 ? 419 HOH A O   1 
HETATM 1438 O  O   . HOH I 4 .   ? -5.087  -15.728 5.044   1.00 25.04 ? 420 HOH A O   1 
HETATM 1439 O  O   . HOH I 4 .   ? 4.543   -0.786  -20.192 1.00 26.74 ? 421 HOH A O   1 
HETATM 1440 O  O   . HOH I 4 .   ? -8.601  4.727   9.006   1.00 29.99 ? 422 HOH A O   1 
HETATM 1441 O  O   . HOH I 4 .   ? 10.053  -7.878  6.875   1.00 31.06 ? 423 HOH A O   1 
HETATM 1442 O  O   . HOH I 4 .   ? 0.950   -19.298 3.207   1.00 16.08 ? 424 HOH A O   1 
HETATM 1443 O  O   . HOH I 4 .   ? 4.723   -3.408  -21.408 1.00 26.28 ? 425 HOH A O   1 
HETATM 1444 O  O   . HOH I 4 .   ? 9.393   19.270  -3.590  1.00 29.25 ? 426 HOH A O   1 
HETATM 1445 O  O   . HOH I 4 .   ? -0.561  -15.094 14.710  1.00 44.67 ? 427 HOH A O   1 
HETATM 1446 O  O   . HOH I 4 .   ? -1.043  -16.031 10.696  1.00 21.70 ? 428 HOH A O   1 
HETATM 1447 O  O   . HOH I 4 .   ? -9.872  -4.709  -2.523  1.00 21.76 ? 429 HOH A O   1 
HETATM 1448 O  O   . HOH I 4 .   ? 10.317  -4.729  -2.034  1.00 20.22 ? 430 HOH A O   1 
HETATM 1449 O  O   . HOH I 4 .   ? 10.595  -16.032 -5.662  1.00 20.96 ? 431 HOH A O   1 
HETATM 1450 O  O   . HOH I 4 .   ? -7.663  20.698  -0.588  1.00 30.73 ? 432 HOH A O   1 
HETATM 1451 O  O   . HOH I 4 .   ? 3.461   2.244   16.324  1.00 16.04 ? 433 HOH A O   1 
HETATM 1452 O  O   . HOH I 4 .   ? 1.740   6.709   -14.419 1.00 29.28 ? 434 HOH A O   1 
HETATM 1453 O  O   . HOH I 4 .   ? 10.100  8.519   16.039  1.00 38.95 ? 435 HOH A O   1 
HETATM 1454 O  O   . HOH I 4 .   ? 0.341   -1.016  21.969  1.00 43.29 ? 436 HOH A O   1 
HETATM 1455 O  O   . HOH I 4 .   ? 13.511  -2.205  2.670   1.00 16.16 ? 437 HOH A O   1 
HETATM 1456 O  O   . HOH I 4 .   ? 6.984   15.099  10.061  1.00 37.82 ? 438 HOH A O   1 
HETATM 1457 O  O   . HOH I 4 .   ? 2.798   2.694   9.619   1.00 23.50 ? 439 HOH A O   1 
HETATM 1458 O  O   . HOH I 4 .   ? 2.493   -4.545  -22.735 1.00 42.01 ? 440 HOH A O   1 
HETATM 1459 O  O   . HOH I 4 .   ? 4.697   20.914  7.768   1.00 28.51 ? 441 HOH A O   1 
HETATM 1460 O  O   . HOH I 4 .   ? 4.912   10.235  11.923  1.00 29.19 ? 442 HOH A O   1 
HETATM 1461 O  O   . HOH I 4 .   ? 7.242   3.286   -11.100 1.00 34.86 ? 443 HOH A O   1 
HETATM 1462 O  O   . HOH I 4 .   ? 3.249   5.017   16.416  1.00 21.87 ? 444 HOH A O   1 
HETATM 1463 O  O   . HOH I 4 .   ? -6.627  8.692   7.676   1.00 35.06 ? 445 HOH A O   1 
HETATM 1464 O  O   . HOH I 4 .   ? 1.456   12.582  12.859  1.00 39.47 ? 446 HOH A O   1 
HETATM 1465 O  O   . HOH I 4 .   ? 8.324   -15.393 -9.355  1.00 36.39 ? 447 HOH A O   1 
HETATM 1466 O  O   . HOH I 4 .   ? -1.563  20.983  -2.395  1.00 38.78 ? 448 HOH A O   1 
HETATM 1467 O  O   . HOH I 4 .   ? -11.367 -17.379 3.977   1.00 37.24 ? 449 HOH A O   1 
HETATM 1468 O  O   . HOH I 4 .   ? -10.013 -16.732 6.049   1.00 21.10 ? 450 HOH A O   1 
HETATM 1469 O  O   . HOH I 4 .   ? -5.217  14.791  10.577  1.00 30.51 ? 451 HOH A O   1 
HETATM 1470 O  O   . HOH I 4 .   ? 11.589  2.894   -1.531  1.00 60.47 ? 452 HOH A O   1 
HETATM 1471 O  O   . HOH I 4 .   ? -6.870  6.665   -21.332 1.00 40.75 ? 453 HOH A O   1 
HETATM 1472 O  O   . HOH I 4 .   ? 13.415  -2.915  18.541  1.00 37.65 ? 454 HOH A O   1 
HETATM 1473 O  O   . HOH I 4 .   ? -4.001  25.729  0.244   1.00 38.19 ? 455 HOH A O   1 
HETATM 1474 O  O   . HOH I 4 .   ? -5.999  -5.277  16.029  1.00 43.87 ? 456 HOH A O   1 
HETATM 1475 O  O   . HOH I 4 .   ? 7.056   -8.738  21.886  1.00 35.99 ? 457 HOH A O   1 
HETATM 1476 O  O   . HOH I 4 .   ? 7.655   -9.839  19.289  1.00 35.07 ? 458 HOH A O   1 
HETATM 1477 O  O   . HOH I 4 .   ? 0.933   -11.301 -19.457 1.00 32.99 ? 459 HOH A O   1 
HETATM 1478 O  O   . HOH I 4 .   ? 14.446  0.184   8.517   1.00 28.87 ? 460 HOH A O   1 
HETATM 1479 O  O   . HOH I 4 .   ? 8.399   -16.462 -4.930  0.33 17.30 ? 461 HOH A O   1 
HETATM 1480 O  O   . HOH I 4 .   ? -0.182  -16.680 -6.315  1.00 25.07 ? 462 HOH A O   1 
HETATM 1481 O  O   . HOH I 4 .   ? 1.440   -15.295 11.813  1.00 36.67 ? 463 HOH A O   1 
HETATM 1482 O  O   . HOH I 4 .   ? 1.675   8.139   19.177  1.00 41.90 ? 464 HOH A O   1 
HETATM 1483 O  O   . HOH I 4 .   ? -3.358  12.477  13.703  1.00 36.49 ? 465 HOH A O   1 
HETATM 1484 O  O   . HOH I 4 .   ? -4.055  7.599   -21.841 1.00 38.78 ? 466 HOH A O   1 
HETATM 1485 O  O   . HOH I 4 .   ? -2.086  20.682  11.154  1.00 36.63 ? 467 HOH A O   1 
HETATM 1486 O  O   . HOH I 4 .   ? -5.559  -11.245 -6.267  1.00 28.50 ? 468 HOH A O   1 
HETATM 1487 O  O   . HOH I 4 .   ? -7.464  -18.060 5.422   1.00 34.38 ? 469 HOH A O   1 
HETATM 1488 O  O   . HOH I 4 .   ? -9.848  -14.187 -1.565  1.00 38.00 ? 470 HOH A O   1 
HETATM 1489 O  O   . HOH I 4 .   ? 14.147  3.982   13.776  1.00 29.75 ? 471 HOH A O   1 
HETATM 1490 O  O   . HOH I 4 .   ? 4.695   11.451  10.027  1.00 29.80 ? 472 HOH A O   1 
HETATM 1491 O  O   . HOH I 4 .   ? -6.801  10.944  11.014  1.00 35.74 ? 473 HOH A O   1 
HETATM 1492 O  O   . HOH I 4 .   ? -2.625  -17.242 -5.045  1.00 39.55 ? 474 HOH A O   1 
HETATM 1493 O  O   . HOH I 4 .   ? -1.692  -9.523  18.208  1.00 35.15 ? 475 HOH A O   1 
HETATM 1494 O  O   . HOH I 4 .   ? -3.194  -12.670 -18.928 1.00 35.01 ? 476 HOH A O   1 
HETATM 1495 O  O   . HOH I 4 .   ? 11.205  -2.480  -10.925 1.00 23.56 ? 477 HOH A O   1 
HETATM 1496 O  O   . HOH I 4 .   ? 6.515   -11.939 18.290  1.00 32.27 ? 478 HOH A O   1 
HETATM 1497 O  O   . HOH I 4 .   ? -4.060  16.819  11.984  1.00 30.60 ? 479 HOH A O   1 
HETATM 1498 O  O   . HOH I 4 .   ? 16.061  -2.261  5.460   1.00 32.37 ? 480 HOH A O   1 
HETATM 1499 O  O   . HOH I 4 .   ? 14.259  -0.283  4.444   1.00 20.08 ? 481 HOH A O   1 
HETATM 1500 O  O   . HOH I 4 .   ? 10.213  -5.052  -11.862 1.00 35.01 ? 482 HOH A O   1 
HETATM 1501 O  O   . HOH I 4 .   ? 11.800  -6.974  8.424   1.00 38.43 ? 483 HOH A O   1 
HETATM 1502 O  O   . HOH I 4 .   ? 13.142  -5.319  9.309   1.00 35.15 ? 484 HOH A O   1 
# 
loop_
_atom_site_anisotrop.id 
_atom_site_anisotrop.type_symbol 
_atom_site_anisotrop.pdbx_label_atom_id 
_atom_site_anisotrop.pdbx_label_alt_id 
_atom_site_anisotrop.pdbx_label_comp_id 
_atom_site_anisotrop.pdbx_label_asym_id 
_atom_site_anisotrop.pdbx_label_seq_id 
_atom_site_anisotrop.pdbx_PDB_ins_code 
_atom_site_anisotrop.U[1][1] 
_atom_site_anisotrop.U[2][2] 
_atom_site_anisotrop.U[3][3] 
_atom_site_anisotrop.U[1][2] 
_atom_site_anisotrop.U[1][3] 
_atom_site_anisotrop.U[2][3] 
_atom_site_anisotrop.pdbx_auth_seq_id 
_atom_site_anisotrop.pdbx_auth_comp_id 
_atom_site_anisotrop.pdbx_auth_asym_id 
_atom_site_anisotrop.pdbx_auth_atom_id 
1239 C  C1 . 6CQ B . ? 0.2972 0.1714 0.3084 0.0453  0.0754  -0.0679 201 6CQ A C1 
1240 C  C2 . 6CQ B . ? 0.3118 0.2014 0.3550 0.0806  0.0703  -0.0119 201 6CQ A C2 
1241 C  C3 . 6CQ B . ? 0.3656 0.1799 0.2863 0.0781  0.0385  0.0414  201 6CQ A C3 
1242 C  C4 . 6CQ B . ? 0.3177 0.2155 0.2098 0.0509  -0.0093 0.0007  201 6CQ A C4 
1243 C  C5 . 6CQ B . ? 0.4008 0.2722 0.3013 -0.0444 0.0926  -0.0210 201 6CQ A C5 
1244 C  C6 . 6CQ B . ? 0.2665 0.2564 0.4085 0.0464  0.0986  -0.0186 201 6CQ A C6 
1245 C  C7 . 6CQ B . ? 0.5043 0.4387 0.4067 -0.0229 0.1460  -0.1385 201 6CQ A C7 
1259 FE FE . 6CQ B . ? 0.3224 0.1574 0.2719 -0.0090 -0.0141 -0.0228 201 6CQ A FE 
# 
loop_
_pdbx_poly_seq_scheme.asym_id 
_pdbx_poly_seq_scheme.entity_id 
_pdbx_poly_seq_scheme.seq_id 
_pdbx_poly_seq_scheme.mon_id 
_pdbx_poly_seq_scheme.ndb_seq_num 
_pdbx_poly_seq_scheme.pdb_seq_num 
_pdbx_poly_seq_scheme.auth_seq_num 
_pdbx_poly_seq_scheme.pdb_mon_id 
_pdbx_poly_seq_scheme.auth_mon_id 
_pdbx_poly_seq_scheme.pdb_strand_id 
_pdbx_poly_seq_scheme.pdb_ins_code 
_pdbx_poly_seq_scheme.hetero 
A 1 1   MET 1   0   0   MET MET A . n 
A 1 2   VAL 2   1   1   VAL VAL A . n 
A 1 3   LEU 3   2   2   LEU LEU A . n 
A 1 4   SER 4   3   3   SER SER A . n 
A 1 5   GLU 5   4   4   GLU GLU A . n 
A 1 6   GLY 6   5   5   GLY GLY A . n 
A 1 7   GLU 7   6   6   GLU GLU A . n 
A 1 8   TRP 8   7   7   TRP TRP A . n 
A 1 9   GLN 9   8   8   GLN GLN A . n 
A 1 10  LEU 10  9   9   LEU LEU A . n 
A 1 11  VAL 11  10  10  VAL VAL A . n 
A 1 12  LEU 12  11  11  LEU LEU A . n 
A 1 13  HIS 13  12  12  HIS HIS A . n 
A 1 14  VAL 14  13  13  VAL VAL A . n 
A 1 15  TRP 15  14  14  TRP TRP A . n 
A 1 16  ALA 16  15  15  ALA ALA A . n 
A 1 17  LYS 17  16  16  LYS LYS A . n 
A 1 18  VAL 18  17  17  VAL VAL A . n 
A 1 19  GLU 19  18  18  GLU GLU A . n 
A 1 20  ALA 20  19  19  ALA ALA A . n 
A 1 21  ASP 21  20  20  ASP ASP A . n 
A 1 22  VAL 22  21  21  VAL VAL A . n 
A 1 23  ALA 23  22  22  ALA ALA A . n 
A 1 24  GLY 24  23  23  GLY GLY A . n 
A 1 25  HIS 25  24  24  HIS HIS A . n 
A 1 26  GLY 26  25  25  GLY GLY A . n 
A 1 27  GLN 27  26  26  GLN GLN A . n 
A 1 28  ASP 28  27  27  ASP ASP A . n 
A 1 29  ILE 29  28  28  ILE ILE A . n 
A 1 30  LEU 30  29  29  LEU LEU A . n 
A 1 31  ILE 31  30  30  ILE ILE A . n 
A 1 32  ARG 32  31  31  ARG ARG A . n 
A 1 33  LEU 33  32  32  LEU LEU A . n 
A 1 34  PHE 34  33  33  PHE PHE A . n 
A 1 35  LYS 35  34  34  LYS LYS A . n 
A 1 36  SER 36  35  35  SER SER A . n 
A 1 37  HIS 37  36  36  HIS HIS A . n 
A 1 38  PRO 38  37  37  PRO PRO A . n 
A 1 39  GLU 39  38  38  GLU GLU A . n 
A 1 40  THR 40  39  39  THR THR A . n 
A 1 41  LEU 41  40  40  LEU LEU A . n 
A 1 42  GLU 42  41  41  GLU GLU A . n 
A 1 43  LYS 43  42  42  LYS LYS A . n 
A 1 44  PHE 44  43  43  PHE PHE A . n 
A 1 45  ASP 45  44  44  ASP ASP A . n 
A 1 46  ARG 46  45  45  ARG ARG A . n 
A 1 47  PHE 47  46  46  PHE PHE A . n 
A 1 48  LYS 48  47  47  LYS LYS A . n 
A 1 49  HIS 49  48  48  HIS HIS A . n 
A 1 50  LEU 50  49  49  LEU LEU A . n 
A 1 51  LYS 51  50  50  LYS LYS A . n 
A 1 52  THR 52  51  51  THR THR A . n 
A 1 53  GLU 53  52  52  GLU GLU A . n 
A 1 54  ALA 54  53  53  ALA ALA A . n 
A 1 55  GLU 55  54  54  GLU GLU A . n 
A 1 56  MET 56  55  55  MET MET A . n 
A 1 57  LYS 57  56  56  LYS LYS A . n 
A 1 58  ALA 58  57  57  ALA ALA A . n 
A 1 59  SER 59  58  58  SER SER A . n 
A 1 60  GLU 60  59  59  GLU GLU A . n 
A 1 61  ASP 61  60  60  ASP ASP A . n 
A 1 62  LEU 62  61  61  LEU LEU A . n 
A 1 63  LYS 63  62  62  LYS LYS A . n 
A 1 64  LYS 64  63  63  LYS LYS A . n 
A 1 65  ALA 65  64  64  ALA ALA A . n 
A 1 66  GLY 66  65  65  GLY GLY A . n 
A 1 67  VAL 67  66  66  VAL VAL A . n 
A 1 68  THR 68  67  67  THR THR A . n 
A 1 69  VAL 69  68  68  VAL VAL A . n 
A 1 70  LEU 70  69  69  LEU LEU A . n 
A 1 71  THR 71  70  70  THR THR A . n 
A 1 72  ALA 72  71  71  ALA ALA A . n 
A 1 73  LEU 73  72  72  LEU LEU A . n 
A 1 74  GLY 74  73  73  GLY GLY A . n 
A 1 75  ALA 75  74  74  ALA ALA A . n 
A 1 76  ILE 76  75  75  ILE ILE A . n 
A 1 77  LEU 77  76  76  LEU LEU A . n 
A 1 78  LYS 78  77  77  LYS LYS A . n 
A 1 79  LYS 79  78  78  LYS LYS A . n 
A 1 80  LYS 80  79  79  LYS LYS A . n 
A 1 81  GLY 81  80  80  GLY GLY A . n 
A 1 82  HIS 82  81  81  HIS HIS A . n 
A 1 83  HIS 83  82  82  HIS HIS A . n 
A 1 84  GLU 84  83  83  GLU GLU A . n 
A 1 85  ALA 85  84  84  ALA ALA A . n 
A 1 86  GLU 86  85  85  GLU GLU A . n 
A 1 87  LEU 87  86  86  LEU LEU A . n 
A 1 88  LYS 88  87  87  LYS LYS A . n 
A 1 89  PRO 89  88  88  PRO PRO A . n 
A 1 90  LEU 90  89  89  LEU LEU A . n 
A 1 91  ALA 91  90  90  ALA ALA A . n 
A 1 92  GLN 92  91  91  GLN GLN A . n 
A 1 93  SER 93  92  92  SER SER A . n 
A 1 94  HIS 94  93  93  HIS HIS A . n 
A 1 95  ALA 95  94  94  ALA ALA A . n 
A 1 96  THR 96  95  95  THR THR A . n 
A 1 97  LYS 97  96  96  LYS LYS A . n 
A 1 98  HIS 98  97  97  HIS HIS A . n 
A 1 99  LYS 99  98  98  LYS LYS A . n 
A 1 100 ILE 100 99  99  ILE ILE A . n 
A 1 101 PRO 101 100 100 PRO PRO A . n 
A 1 102 ILE 102 101 101 ILE ILE A . n 
A 1 103 LYS 103 102 102 LYS LYS A . n 
A 1 104 TYR 104 103 103 TYR TYR A . n 
A 1 105 LEU 105 104 104 LEU LEU A . n 
A 1 106 GLU 106 105 105 GLU GLU A . n 
A 1 107 PHE 107 106 106 PHE PHE A . n 
A 1 108 ILE 108 107 107 ILE ILE A . n 
A 1 109 SER 109 108 108 SER SER A . n 
A 1 110 GLU 110 109 109 GLU GLU A . n 
A 1 111 ALA 111 110 110 ALA ALA A . n 
A 1 112 ILE 112 111 111 ILE ILE A . n 
A 1 113 ILE 113 112 112 ILE ILE A . n 
A 1 114 HIS 114 113 113 HIS HIS A . n 
A 1 115 VAL 115 114 114 VAL VAL A . n 
A 1 116 LEU 116 115 115 LEU LEU A . n 
A 1 117 HIS 117 116 116 HIS HIS A . n 
A 1 118 SER 118 117 117 SER SER A . n 
A 1 119 ARG 119 118 118 ARG ARG A . n 
A 1 120 HIS 120 119 119 HIS HIS A . n 
A 1 121 PRO 121 120 120 PRO PRO A . n 
A 1 122 GLY 122 121 121 GLY GLY A . n 
A 1 123 ASN 123 122 122 ASN ASN A . n 
A 1 124 PHE 124 123 123 PHE PHE A . n 
A 1 125 GLY 125 124 124 GLY GLY A . n 
A 1 126 ALA 126 125 125 ALA ALA A . n 
A 1 127 ASP 127 126 126 ASP ASP A . n 
A 1 128 ALA 128 127 127 ALA ALA A . n 
A 1 129 GLN 129 128 128 GLN GLN A . n 
A 1 130 GLY 130 129 129 GLY GLY A . n 
A 1 131 ALA 131 130 130 ALA ALA A . n 
A 1 132 MET 132 131 131 MET MET A . n 
A 1 133 ASN 133 132 132 ASN ASN A . n 
A 1 134 LYS 134 133 133 LYS LYS A . n 
A 1 135 ALA 135 134 134 ALA ALA A . n 
A 1 136 LEU 136 135 135 LEU LEU A . n 
A 1 137 GLU 137 136 136 GLU GLU A . n 
A 1 138 LEU 138 137 137 LEU LEU A . n 
A 1 139 PHE 139 138 138 PHE PHE A . n 
A 1 140 ARG 140 139 139 ARG ARG A . n 
A 1 141 LYS 141 140 140 LYS LYS A . n 
A 1 142 ASP 142 141 141 ASP ASP A . n 
A 1 143 ILE 143 142 142 ILE ILE A . n 
A 1 144 ALA 144 143 143 ALA ALA A . n 
A 1 145 ALA 145 144 144 ALA ALA A . n 
A 1 146 LYS 146 145 145 LYS LYS A . n 
A 1 147 TYR 147 146 146 TYR TYR A . n 
A 1 148 LYS 148 147 147 LYS LYS A . n 
A 1 149 GLU 149 148 148 GLU GLU A . n 
A 1 150 LEU 150 149 149 LEU LEU A . n 
A 1 151 GLY 151 150 150 GLY GLY A . n 
A 1 152 TYR 152 151 151 TYR TYR A . n 
A 1 153 GLN 153 152 152 GLN GLN A . n 
A 1 154 GLY 154 153 153 GLY GLY A . n 
# 
loop_
_pdbx_nonpoly_scheme.asym_id 
_pdbx_nonpoly_scheme.entity_id 
_pdbx_nonpoly_scheme.mon_id 
_pdbx_nonpoly_scheme.ndb_seq_num 
_pdbx_nonpoly_scheme.pdb_seq_num 
_pdbx_nonpoly_scheme.auth_seq_num 
_pdbx_nonpoly_scheme.pdb_mon_id 
_pdbx_nonpoly_scheme.auth_mon_id 
_pdbx_nonpoly_scheme.pdb_strand_id 
_pdbx_nonpoly_scheme.pdb_ins_code 
B 2 6CQ 1   201 1   6CQ 3HE A . 
C 3 SO4 1   202 1   SO4 SO4 A . 
D 3 SO4 1   203 2   SO4 SO4 A . 
E 3 SO4 1   204 3   SO4 SO4 A . 
F 3 SO4 1   205 4   SO4 SO4 A . 
G 3 SO4 1   206 5   SO4 SO4 A . 
H 3 SO4 1   207 6   SO4 SO4 A . 
I 4 HOH 1   301 152 HOH HOH A . 
I 4 HOH 2   302 4   HOH HOH A . 
I 4 HOH 3   303 93  HOH HOH A . 
I 4 HOH 4   304 130 HOH HOH A . 
I 4 HOH 5   305 119 HOH HOH A . 
I 4 HOH 6   306 180 HOH HOH A . 
I 4 HOH 7   307 88  HOH HOH A . 
I 4 HOH 8   308 141 HOH HOH A . 
I 4 HOH 9   309 113 HOH HOH A . 
I 4 HOH 10  310 148 HOH HOH A . 
I 4 HOH 11  311 157 HOH HOH A . 
I 4 HOH 12  312 166 HOH HOH A . 
I 4 HOH 13  313 156 HOH HOH A . 
I 4 HOH 14  314 151 HOH HOH A . 
I 4 HOH 15  315 147 HOH HOH A . 
I 4 HOH 16  316 170 HOH HOH A . 
I 4 HOH 17  317 158 HOH HOH A . 
I 4 HOH 18  318 48  HOH HOH A . 
I 4 HOH 19  319 159 HOH HOH A . 
I 4 HOH 20  320 172 HOH HOH A . 
I 4 HOH 21  321 40  HOH HOH A . 
I 4 HOH 22  322 43  HOH HOH A . 
I 4 HOH 23  323 49  HOH HOH A . 
I 4 HOH 24  324 25  HOH HOH A . 
I 4 HOH 25  325 95  HOH HOH A . 
I 4 HOH 26  326 128 HOH HOH A . 
I 4 HOH 27  327 64  HOH HOH A . 
I 4 HOH 28  328 61  HOH HOH A . 
I 4 HOH 29  329 58  HOH HOH A . 
I 4 HOH 30  330 9   HOH HOH A . 
I 4 HOH 31  331 87  HOH HOH A . 
I 4 HOH 32  332 97  HOH HOH A . 
I 4 HOH 33  333 134 HOH HOH A . 
I 4 HOH 34  334 174 HOH HOH A . 
I 4 HOH 35  335 178 HOH HOH A . 
I 4 HOH 36  336 56  HOH HOH A . 
I 4 HOH 37  337 20  HOH HOH A . 
I 4 HOH 38  338 145 HOH HOH A . 
I 4 HOH 39  339 8   HOH HOH A . 
I 4 HOH 40  340 6   HOH HOH A . 
I 4 HOH 41  341 38  HOH HOH A . 
I 4 HOH 42  342 34  HOH HOH A . 
I 4 HOH 43  343 116 HOH HOH A . 
I 4 HOH 44  344 57  HOH HOH A . 
I 4 HOH 45  345 118 HOH HOH A . 
I 4 HOH 46  346 12  HOH HOH A . 
I 4 HOH 47  347 89  HOH HOH A . 
I 4 HOH 48  348 136 HOH HOH A . 
I 4 HOH 49  349 68  HOH HOH A . 
I 4 HOH 50  350 50  HOH HOH A . 
I 4 HOH 51  351 1   HOH HOH A . 
I 4 HOH 52  352 7   HOH HOH A . 
I 4 HOH 53  353 105 HOH HOH A . 
I 4 HOH 54  354 112 HOH HOH A . 
I 4 HOH 55  355 62  HOH HOH A . 
I 4 HOH 56  356 164 HOH HOH A . 
I 4 HOH 57  357 153 HOH HOH A . 
I 4 HOH 58  358 122 HOH HOH A . 
I 4 HOH 59  359 83  HOH HOH A . 
I 4 HOH 60  360 79  HOH HOH A . 
I 4 HOH 61  361 36  HOH HOH A . 
I 4 HOH 62  362 91  HOH HOH A . 
I 4 HOH 63  363 18  HOH HOH A . 
I 4 HOH 64  364 23  HOH HOH A . 
I 4 HOH 65  365 67  HOH HOH A . 
I 4 HOH 66  366 35  HOH HOH A . 
I 4 HOH 67  367 45  HOH HOH A . 
I 4 HOH 68  368 46  HOH HOH A . 
I 4 HOH 69  369 143 HOH HOH A . 
I 4 HOH 70  370 109 HOH HOH A . 
I 4 HOH 71  371 70  HOH HOH A . 
I 4 HOH 72  372 22  HOH HOH A . 
I 4 HOH 73  373 51  HOH HOH A . 
I 4 HOH 74  374 26  HOH HOH A . 
I 4 HOH 75  375 168 HOH HOH A . 
I 4 HOH 76  376 100 HOH HOH A . 
I 4 HOH 77  377 15  HOH HOH A . 
I 4 HOH 78  378 77  HOH HOH A . 
I 4 HOH 79  379 24  HOH HOH A . 
I 4 HOH 80  380 44  HOH HOH A . 
I 4 HOH 81  381 155 HOH HOH A . 
I 4 HOH 82  382 2   HOH HOH A . 
I 4 HOH 83  383 5   HOH HOH A . 
I 4 HOH 84  384 162 HOH HOH A . 
I 4 HOH 85  385 120 HOH HOH A . 
I 4 HOH 86  386 13  HOH HOH A . 
I 4 HOH 87  387 47  HOH HOH A . 
I 4 HOH 88  388 11  HOH HOH A . 
I 4 HOH 89  389 21  HOH HOH A . 
I 4 HOH 90  390 54  HOH HOH A . 
I 4 HOH 91  391 111 HOH HOH A . 
I 4 HOH 92  392 69  HOH HOH A . 
I 4 HOH 93  393 39  HOH HOH A . 
I 4 HOH 94  394 29  HOH HOH A . 
I 4 HOH 95  395 179 HOH HOH A . 
I 4 HOH 96  396 16  HOH HOH A . 
I 4 HOH 97  397 108 HOH HOH A . 
I 4 HOH 98  398 129 HOH HOH A . 
I 4 HOH 99  399 28  HOH HOH A . 
I 4 HOH 100 400 107 HOH HOH A . 
I 4 HOH 101 401 123 HOH HOH A . 
I 4 HOH 102 402 161 HOH HOH A . 
I 4 HOH 103 403 102 HOH HOH A . 
I 4 HOH 104 404 96  HOH HOH A . 
I 4 HOH 105 405 154 HOH HOH A . 
I 4 HOH 106 406 85  HOH HOH A . 
I 4 HOH 107 407 33  HOH HOH A . 
I 4 HOH 108 408 99  HOH HOH A . 
I 4 HOH 109 409 121 HOH HOH A . 
I 4 HOH 110 410 59  HOH HOH A . 
I 4 HOH 111 411 167 HOH HOH A . 
I 4 HOH 112 412 173 HOH HOH A . 
I 4 HOH 113 413 135 HOH HOH A . 
I 4 HOH 114 414 81  HOH HOH A . 
I 4 HOH 115 415 10  HOH HOH A . 
I 4 HOH 116 416 19  HOH HOH A . 
I 4 HOH 117 417 66  HOH HOH A . 
I 4 HOH 118 418 106 HOH HOH A . 
I 4 HOH 119 419 37  HOH HOH A . 
I 4 HOH 120 420 101 HOH HOH A . 
I 4 HOH 121 421 86  HOH HOH A . 
I 4 HOH 122 422 71  HOH HOH A . 
I 4 HOH 123 423 104 HOH HOH A . 
I 4 HOH 124 424 75  HOH HOH A . 
I 4 HOH 125 425 52  HOH HOH A . 
I 4 HOH 126 426 110 HOH HOH A . 
I 4 HOH 127 427 131 HOH HOH A . 
I 4 HOH 128 428 42  HOH HOH A . 
I 4 HOH 129 429 74  HOH HOH A . 
I 4 HOH 130 430 14  HOH HOH A . 
I 4 HOH 131 431 82  HOH HOH A . 
I 4 HOH 132 432 73  HOH HOH A . 
I 4 HOH 133 433 17  HOH HOH A . 
I 4 HOH 134 434 27  HOH HOH A . 
I 4 HOH 135 435 115 HOH HOH A . 
I 4 HOH 136 436 137 HOH HOH A . 
I 4 HOH 137 437 31  HOH HOH A . 
I 4 HOH 138 438 175 HOH HOH A . 
I 4 HOH 139 439 3   HOH HOH A . 
I 4 HOH 140 440 60  HOH HOH A . 
I 4 HOH 141 441 30  HOH HOH A . 
I 4 HOH 142 442 98  HOH HOH A . 
I 4 HOH 143 443 127 HOH HOH A . 
I 4 HOH 144 444 53  HOH HOH A . 
I 4 HOH 145 445 163 HOH HOH A . 
I 4 HOH 146 446 171 HOH HOH A . 
I 4 HOH 147 447 139 HOH HOH A . 
I 4 HOH 148 448 177 HOH HOH A . 
I 4 HOH 149 449 117 HOH HOH A . 
I 4 HOH 150 450 80  HOH HOH A . 
I 4 HOH 151 451 84  HOH HOH A . 
I 4 HOH 152 452 184 HOH HOH A . 
I 4 HOH 153 453 182 HOH HOH A . 
I 4 HOH 154 454 160 HOH HOH A . 
I 4 HOH 155 455 150 HOH HOH A . 
I 4 HOH 156 456 138 HOH HOH A . 
I 4 HOH 157 457 133 HOH HOH A . 
I 4 HOH 158 458 142 HOH HOH A . 
I 4 HOH 159 459 72  HOH HOH A . 
I 4 HOH 160 460 55  HOH HOH A . 
I 4 HOH 161 461 94  HOH HOH A . 
I 4 HOH 162 462 63  HOH HOH A . 
I 4 HOH 163 463 146 HOH HOH A . 
I 4 HOH 164 464 169 HOH HOH A . 
I 4 HOH 165 465 114 HOH HOH A . 
I 4 HOH 166 466 176 HOH HOH A . 
I 4 HOH 167 467 183 HOH HOH A . 
I 4 HOH 168 468 103 HOH HOH A . 
I 4 HOH 169 469 140 HOH HOH A . 
I 4 HOH 170 470 132 HOH HOH A . 
I 4 HOH 171 471 90  HOH HOH A . 
I 4 HOH 172 472 76  HOH HOH A . 
I 4 HOH 173 473 65  HOH HOH A . 
I 4 HOH 174 474 144 HOH HOH A . 
I 4 HOH 175 475 124 HOH HOH A . 
I 4 HOH 176 476 181 HOH HOH A . 
I 4 HOH 177 477 78  HOH HOH A . 
I 4 HOH 178 478 126 HOH HOH A . 
I 4 HOH 179 479 92  HOH HOH A . 
I 4 HOH 180 480 41  HOH HOH A . 
I 4 HOH 181 481 32  HOH HOH A . 
I 4 HOH 182 482 149 HOH HOH A . 
I 4 HOH 183 483 165 HOH HOH A . 
I 4 HOH 184 484 125 HOH HOH A . 
# 
_pdbx_struct_assembly.id                   1 
_pdbx_struct_assembly.details              author_and_software_defined_assembly 
_pdbx_struct_assembly.method_details       PISA 
_pdbx_struct_assembly.oligomeric_details   monomeric 
_pdbx_struct_assembly.oligomeric_count     1 
# 
_pdbx_struct_assembly_gen.assembly_id       1 
_pdbx_struct_assembly_gen.oper_expression   1 
_pdbx_struct_assembly_gen.asym_id_list      A,B,C,D,E,F,G,H,I 
# 
_pdbx_struct_oper_list.id                   1 
_pdbx_struct_oper_list.type                 'identity operation' 
_pdbx_struct_oper_list.name                 1_555 
_pdbx_struct_oper_list.symmetry_operation   x,y,z 
_pdbx_struct_oper_list.matrix[1][1]         1.0000000000 
_pdbx_struct_oper_list.matrix[1][2]         0.0000000000 
_pdbx_struct_oper_list.matrix[1][3]         0.0000000000 
_pdbx_struct_oper_list.vector[1]            0.0000000000 
_pdbx_struct_oper_list.matrix[2][1]         0.0000000000 
_pdbx_struct_oper_list.matrix[2][2]         1.0000000000 
_pdbx_struct_oper_list.matrix[2][3]         0.0000000000 
_pdbx_struct_oper_list.vector[2]            0.0000000000 
_pdbx_struct_oper_list.matrix[3][1]         0.0000000000 
_pdbx_struct_oper_list.matrix[3][2]         0.0000000000 
_pdbx_struct_oper_list.matrix[3][3]         1.0000000000 
_pdbx_struct_oper_list.vector[3]            0.0000000000 
# 
loop_
_pdbx_struct_conn_angle.id 
_pdbx_struct_conn_angle.ptnr1_label_atom_id 
_pdbx_struct_conn_angle.ptnr1_label_alt_id 
_pdbx_struct_conn_angle.ptnr1_label_asym_id 
_pdbx_struct_conn_angle.ptnr1_label_comp_id 
_pdbx_struct_conn_angle.ptnr1_label_seq_id 
_pdbx_struct_conn_angle.ptnr1_auth_atom_id 
_pdbx_struct_conn_angle.ptnr1_auth_asym_id 
_pdbx_struct_conn_angle.ptnr1_auth_comp_id 
_pdbx_struct_conn_angle.ptnr1_auth_seq_id 
_pdbx_struct_conn_angle.ptnr1_PDB_ins_code 
_pdbx_struct_conn_angle.ptnr1_symmetry 
_pdbx_struct_conn_angle.ptnr2_label_atom_id 
_pdbx_struct_conn_angle.ptnr2_label_alt_id 
_pdbx_struct_conn_angle.ptnr2_label_asym_id 
_pdbx_struct_conn_angle.ptnr2_label_comp_id 
_pdbx_struct_conn_angle.ptnr2_label_seq_id 
_pdbx_struct_conn_angle.ptnr2_auth_atom_id 
_pdbx_struct_conn_angle.ptnr2_auth_asym_id 
_pdbx_struct_conn_angle.ptnr2_auth_comp_id 
_pdbx_struct_conn_angle.ptnr2_auth_seq_id 
_pdbx_struct_conn_angle.ptnr2_PDB_ins_code 
_pdbx_struct_conn_angle.ptnr2_symmetry 
_pdbx_struct_conn_angle.ptnr3_label_atom_id 
_pdbx_struct_conn_angle.ptnr3_label_alt_id 
_pdbx_struct_conn_angle.ptnr3_label_asym_id 
_pdbx_struct_conn_angle.ptnr3_label_comp_id 
_pdbx_struct_conn_angle.ptnr3_label_seq_id 
_pdbx_struct_conn_angle.ptnr3_auth_atom_id 
_pdbx_struct_conn_angle.ptnr3_auth_asym_id 
_pdbx_struct_conn_angle.ptnr3_auth_comp_id 
_pdbx_struct_conn_angle.ptnr3_auth_seq_id 
_pdbx_struct_conn_angle.ptnr3_PDB_ins_code 
_pdbx_struct_conn_angle.ptnr3_symmetry 
_pdbx_struct_conn_angle.value 
_pdbx_struct_conn_angle.value_esd 
1  NE2 ? A HIS 94 ? A HIS 93  ? 1_555 FE ? B 6CQ . ? A 6CQ 201 ? 1_555 C1 ? B 6CQ . ? A 6CQ 201 ? 1_555 178.6 ? 
2  NE2 ? A HIS 94 ? A HIS 93  ? 1_555 FE ? B 6CQ . ? A 6CQ 201 ? 1_555 NA ? B 6CQ . ? A 6CQ 201 ? 1_555 89.0  ? 
3  C1  ? B 6CQ .  ? A 6CQ 201 ? 1_555 FE ? B 6CQ . ? A 6CQ 201 ? 1_555 NA ? B 6CQ . ? A 6CQ 201 ? 1_555 90.8  ? 
4  NE2 ? A HIS 94 ? A HIS 93  ? 1_555 FE ? B 6CQ . ? A 6CQ 201 ? 1_555 ND ? B 6CQ . ? A 6CQ 201 ? 1_555 91.0  ? 
5  C1  ? B 6CQ .  ? A 6CQ 201 ? 1_555 FE ? B 6CQ . ? A 6CQ 201 ? 1_555 ND ? B 6CQ . ? A 6CQ 201 ? 1_555 87.6  ? 
6  NA  ? B 6CQ .  ? A 6CQ 201 ? 1_555 FE ? B 6CQ . ? A 6CQ 201 ? 1_555 ND ? B 6CQ . ? A 6CQ 201 ? 1_555 90.4  ? 
7  NE2 ? A HIS 94 ? A HIS 93  ? 1_555 FE ? B 6CQ . ? A 6CQ 201 ? 1_555 NB ? B 6CQ . ? A 6CQ 201 ? 1_555 89.5  ? 
8  C1  ? B 6CQ .  ? A 6CQ 201 ? 1_555 FE ? B 6CQ . ? A 6CQ 201 ? 1_555 NB ? B 6CQ . ? A 6CQ 201 ? 1_555 91.9  ? 
9  NA  ? B 6CQ .  ? A 6CQ 201 ? 1_555 FE ? B 6CQ . ? A 6CQ 201 ? 1_555 NB ? B 6CQ . ? A 6CQ 201 ? 1_555 88.0  ? 
10 ND  ? B 6CQ .  ? A 6CQ 201 ? 1_555 FE ? B 6CQ . ? A 6CQ 201 ? 1_555 NB ? B 6CQ . ? A 6CQ 201 ? 1_555 178.3 ? 
11 NE2 ? A HIS 94 ? A HIS 93  ? 1_555 FE ? B 6CQ . ? A 6CQ 201 ? 1_555 NC ? B 6CQ . ? A 6CQ 201 ? 1_555 91.3  ? 
12 C1  ? B 6CQ .  ? A 6CQ 201 ? 1_555 FE ? B 6CQ . ? A 6CQ 201 ? 1_555 NC ? B 6CQ . ? A 6CQ 201 ? 1_555 89.0  ? 
13 NA  ? B 6CQ .  ? A 6CQ 201 ? 1_555 FE ? B 6CQ . ? A 6CQ 201 ? 1_555 NC ? B 6CQ . ? A 6CQ 201 ? 1_555 179.2 ? 
14 ND  ? B 6CQ .  ? A 6CQ 201 ? 1_555 FE ? B 6CQ . ? A 6CQ 201 ? 1_555 NC ? B 6CQ . ? A 6CQ 201 ? 1_555 90.3  ? 
15 NB  ? B 6CQ .  ? A 6CQ 201 ? 1_555 FE ? B 6CQ . ? A 6CQ 201 ? 1_555 NC ? B 6CQ . ? A 6CQ 201 ? 1_555 91.2  ? 
# 
loop_
_pdbx_audit_revision_history.ordinal 
_pdbx_audit_revision_history.data_content_type 
_pdbx_audit_revision_history.major_revision 
_pdbx_audit_revision_history.minor_revision 
_pdbx_audit_revision_history.revision_date 
1 'Structure model' 1 0 2016-09-21 
2 'Structure model' 1 1 2016-10-19 
3 'Structure model' 1 2 2016-12-28 
4 'Structure model' 1 3 2017-09-27 
5 'Structure model' 1 4 2019-11-27 
6 'Structure model' 1 5 2023-09-27 
# 
_pdbx_audit_revision_details.ordinal             1 
_pdbx_audit_revision_details.revision_ordinal    1 
_pdbx_audit_revision_details.data_content_type   'Structure model' 
_pdbx_audit_revision_details.provider            repository 
_pdbx_audit_revision_details.type                'Initial release' 
_pdbx_audit_revision_details.description         ? 
_pdbx_audit_revision_details.details             ? 
# 
loop_
_pdbx_audit_revision_group.ordinal 
_pdbx_audit_revision_group.revision_ordinal 
_pdbx_audit_revision_group.data_content_type 
_pdbx_audit_revision_group.group 
1 2 'Structure model' 'Database references'        
2 3 'Structure model' 'Database references'        
3 4 'Structure model' 'Author supporting evidence' 
4 4 'Structure model' 'Refinement description'     
5 5 'Structure model' 'Author supporting evidence' 
6 6 'Structure model' 'Data collection'            
7 6 'Structure model' 'Database references'        
8 6 'Structure model' 'Refinement description'     
# 
loop_
_pdbx_audit_revision_category.ordinal 
_pdbx_audit_revision_category.revision_ordinal 
_pdbx_audit_revision_category.data_content_type 
_pdbx_audit_revision_category.category 
1 4 'Structure model' pdbx_audit_support            
2 4 'Structure model' software                      
3 5 'Structure model' pdbx_audit_support            
4 6 'Structure model' chem_comp_atom                
5 6 'Structure model' chem_comp_bond                
6 6 'Structure model' database_2                    
7 6 'Structure model' diffrn_radiation_wavelength   
8 6 'Structure model' pdbx_initial_refinement_model 
# 
loop_
_pdbx_audit_revision_item.ordinal 
_pdbx_audit_revision_item.revision_ordinal 
_pdbx_audit_revision_item.data_content_type 
_pdbx_audit_revision_item.item 
1 4 'Structure model' '_pdbx_audit_support.funding_organization' 
2 4 'Structure model' '_software.classification'                 
3 4 'Structure model' '_software.name'                           
4 5 'Structure model' '_pdbx_audit_support.funding_organization' 
5 6 'Structure model' '_database_2.pdbx_DOI'                     
6 6 'Structure model' '_database_2.pdbx_database_accession'      
# 
_pdbx_phasing_MR.entry_id                     5ILE 
_pdbx_phasing_MR.method_rotation              ? 
_pdbx_phasing_MR.method_translation           ? 
_pdbx_phasing_MR.model_details                'Phaser MODE: MR_AUTO' 
_pdbx_phasing_MR.R_factor                     ? 
_pdbx_phasing_MR.R_rigid_body                 ? 
_pdbx_phasing_MR.correlation_coeff_Fo_to_Fc   ? 
_pdbx_phasing_MR.correlation_coeff_Io_to_Ic   ? 
_pdbx_phasing_MR.d_res_high_rotation          5.740 
_pdbx_phasing_MR.d_res_low_rotation           29.650 
_pdbx_phasing_MR.d_res_high_translation       5.740 
_pdbx_phasing_MR.d_res_low_translation        29.650 
_pdbx_phasing_MR.packing                      ? 
_pdbx_phasing_MR.reflns_percent_rotation      ? 
_pdbx_phasing_MR.reflns_percent_translation   ? 
_pdbx_phasing_MR.sigma_F_rotation             ? 
_pdbx_phasing_MR.sigma_F_translation          ? 
_pdbx_phasing_MR.sigma_I_rotation             ? 
_pdbx_phasing_MR.sigma_I_translation          ? 
# 
_phasing.method   MR 
# 
loop_
_software.citation_id 
_software.classification 
_software.compiler_name 
_software.compiler_version 
_software.contact_author 
_software.contact_author_email 
_software.date 
_software.description 
_software.dependencies 
_software.hardware 
_software.language 
_software.location 
_software.mods 
_software.name 
_software.os 
_software.os_version 
_software.type 
_software.version 
_software.pdbx_ordinal 
? phasing           ? ? ? ? ? ? ? ? ? ? ? HKL-3000    ? ? ? .        1 
? phasing           ? ? ? ? ? ? ? ? ? ? ? PHASER      ? ? ? 2.5.2    2 
? refinement        ? ? ? ? ? ? ? ? ? ? ? REFMAC      ? ? ? 5.8.0131 3 
? 'data extraction' ? ? ? ? ? ? ? ? ? ? ? PDB_EXTRACT ? ? ? 3.20     4 
? 'data collection' ? ? ? ? ? ? ? ? ? ? ? HKL-3000    ? ? ? .        5 
? 'data reduction'  ? ? ? ? ? ? ? ? ? ? ? HKL-3000    ? ? ? .        6 
? 'data scaling'    ? ? ? ? ? ? ? ? ? ? ? Aimless     ? ? ? .        7 
# 
_pdbx_entry_details.compound_details         ? 
_pdbx_entry_details.entry_id                 5ILE 
_pdbx_entry_details.nonpolymer_details       ? 
_pdbx_entry_details.sequence_details         'D123N CONFLICT EXISTS IN UNP ENTRY P02185' 
_pdbx_entry_details.source_details           ? 
_pdbx_entry_details.has_ligand_of_interest   ? 
# 
loop_
_pdbx_validate_close_contact.id 
_pdbx_validate_close_contact.PDB_model_num 
_pdbx_validate_close_contact.auth_atom_id_1 
_pdbx_validate_close_contact.auth_asym_id_1 
_pdbx_validate_close_contact.auth_comp_id_1 
_pdbx_validate_close_contact.auth_seq_id_1 
_pdbx_validate_close_contact.PDB_ins_code_1 
_pdbx_validate_close_contact.label_alt_id_1 
_pdbx_validate_close_contact.auth_atom_id_2 
_pdbx_validate_close_contact.auth_asym_id_2 
_pdbx_validate_close_contact.auth_comp_id_2 
_pdbx_validate_close_contact.auth_seq_id_2 
_pdbx_validate_close_contact.PDB_ins_code_2 
_pdbx_validate_close_contact.label_alt_id_2 
_pdbx_validate_close_contact.dist 
1 1 O1 A SO4 202 ? ? O A HOH 301 ? ? 1.98 
2 1 O4 A SO4 207 ? ? O A HOH 302 ? ? 2.06 
3 1 O  A HOH 326 ? ? O A HOH 384 ? ? 2.17 
# 
_pdbx_validate_rmsd_bond.id                        1 
_pdbx_validate_rmsd_bond.PDB_model_num             1 
_pdbx_validate_rmsd_bond.auth_atom_id_1            CZ 
_pdbx_validate_rmsd_bond.auth_asym_id_1            A 
_pdbx_validate_rmsd_bond.auth_comp_id_1            ARG 
_pdbx_validate_rmsd_bond.auth_seq_id_1             118 
_pdbx_validate_rmsd_bond.PDB_ins_code_1            ? 
_pdbx_validate_rmsd_bond.label_alt_id_1            ? 
_pdbx_validate_rmsd_bond.auth_atom_id_2            NH2 
_pdbx_validate_rmsd_bond.auth_asym_id_2            A 
_pdbx_validate_rmsd_bond.auth_comp_id_2            ARG 
_pdbx_validate_rmsd_bond.auth_seq_id_2             118 
_pdbx_validate_rmsd_bond.PDB_ins_code_2            ? 
_pdbx_validate_rmsd_bond.label_alt_id_2            ? 
_pdbx_validate_rmsd_bond.bond_value                1.246 
_pdbx_validate_rmsd_bond.bond_target_value         1.326 
_pdbx_validate_rmsd_bond.bond_deviation            -0.080 
_pdbx_validate_rmsd_bond.bond_standard_deviation   0.013 
_pdbx_validate_rmsd_bond.linker_flag               N 
# 
loop_
_pdbx_validate_rmsd_angle.id 
_pdbx_validate_rmsd_angle.PDB_model_num 
_pdbx_validate_rmsd_angle.auth_atom_id_1 
_pdbx_validate_rmsd_angle.auth_asym_id_1 
_pdbx_validate_rmsd_angle.auth_comp_id_1 
_pdbx_validate_rmsd_angle.auth_seq_id_1 
_pdbx_validate_rmsd_angle.PDB_ins_code_1 
_pdbx_validate_rmsd_angle.label_alt_id_1 
_pdbx_validate_rmsd_angle.auth_atom_id_2 
_pdbx_validate_rmsd_angle.auth_asym_id_2 
_pdbx_validate_rmsd_angle.auth_comp_id_2 
_pdbx_validate_rmsd_angle.auth_seq_id_2 
_pdbx_validate_rmsd_angle.PDB_ins_code_2 
_pdbx_validate_rmsd_angle.label_alt_id_2 
_pdbx_validate_rmsd_angle.auth_atom_id_3 
_pdbx_validate_rmsd_angle.auth_asym_id_3 
_pdbx_validate_rmsd_angle.auth_comp_id_3 
_pdbx_validate_rmsd_angle.auth_seq_id_3 
_pdbx_validate_rmsd_angle.PDB_ins_code_3 
_pdbx_validate_rmsd_angle.label_alt_id_3 
_pdbx_validate_rmsd_angle.angle_value 
_pdbx_validate_rmsd_angle.angle_target_value 
_pdbx_validate_rmsd_angle.angle_deviation 
_pdbx_validate_rmsd_angle.angle_standard_deviation 
_pdbx_validate_rmsd_angle.linker_flag 
1 1 CB A ASP 20  ? ? CG A ASP 20  ? ? OD1 A ASP 20  ? ? 125.38 118.30 7.08  0.90 N 
2 1 NE A ARG 118 ? ? CZ A ARG 118 ? ? NH1 A ARG 118 ? ? 127.26 120.30 6.96  0.50 N 
3 1 NE A ARG 118 ? ? CZ A ARG 118 ? ? NH2 A ARG 118 ? ? 115.37 120.30 -4.93 0.50 N 
4 1 CB A ASP 126 ? ? CG A ASP 126 ? ? OD1 A ASP 126 ? ? 124.58 118.30 6.28  0.90 N 
5 1 CB A ASP 126 ? ? CG A ASP 126 ? ? OD2 A ASP 126 ? ? 112.77 118.30 -5.53 0.90 N 
# 
loop_
_pdbx_validate_torsion.id 
_pdbx_validate_torsion.PDB_model_num 
_pdbx_validate_torsion.auth_comp_id 
_pdbx_validate_torsion.auth_asym_id 
_pdbx_validate_torsion.auth_seq_id 
_pdbx_validate_torsion.PDB_ins_code 
_pdbx_validate_torsion.label_alt_id 
_pdbx_validate_torsion.phi 
_pdbx_validate_torsion.psi 
1 1 ASP A 20  ? ? -159.14 74.65 
2 1 PHE A 46  ? ? -140.88 15.90 
3 1 PHE A 123 ? ? -141.03 51.76 
# 
_pdbx_validate_chiral.id              1 
_pdbx_validate_chiral.PDB_model_num   1 
_pdbx_validate_chiral.auth_atom_id    NA 
_pdbx_validate_chiral.label_alt_id    ? 
_pdbx_validate_chiral.auth_asym_id    A 
_pdbx_validate_chiral.auth_comp_id    6CQ 
_pdbx_validate_chiral.auth_seq_id     201 
_pdbx_validate_chiral.PDB_ins_code    ? 
_pdbx_validate_chiral.details         PLANAR 
_pdbx_validate_chiral.omega           . 
# 
loop_
_chem_comp_atom.comp_id 
_chem_comp_atom.atom_id 
_chem_comp_atom.type_symbol 
_chem_comp_atom.pdbx_aromatic_flag 
_chem_comp_atom.pdbx_stereo_config 
_chem_comp_atom.pdbx_ordinal 
6CQ C1   C  Y N 1   
6CQ C2   C  Y N 2   
6CQ C3   C  Y N 3   
6CQ C4   C  Y N 4   
6CQ C5   C  Y N 5   
6CQ C6   C  Y N 6   
6CQ C7   C  N N 7   
6CQ O2D  O  N N 8   
6CQ CGD  C  N N 9   
6CQ O1D  O  N N 10  
6CQ CBD  C  N N 11  
6CQ CAD  C  N N 12  
6CQ C3D  C  N N 13  
6CQ C2D  C  N N 14  
6CQ CMD  C  N N 15  
6CQ C4D  C  N N 16  
6CQ CHA  C  N N 17  
6CQ ND   N  N N 18  
6CQ C1D  C  N N 19  
6CQ CHD  C  N N 20  
6CQ FE   FE N N 21  
6CQ NB   N  N N 22  
6CQ C4B  C  N N 23  
6CQ C3B  C  N N 24  
6CQ CAB  C  N N 25  
6CQ CBB  C  N N 26  
6CQ C2B  C  N N 27  
6CQ CMB  C  N N 28  
6CQ C1B  C  N N 29  
6CQ CHB  C  N N 30  
6CQ NC   N  Y N 31  
6CQ C4C  C  Y N 32  
6CQ C3C  C  Y N 33  
6CQ CAC  C  N N 34  
6CQ CBC  C  N N 35  
6CQ C2C  C  Y N 36  
6CQ CMC  C  N N 37  
6CQ C1C  C  Y N 38  
6CQ CHC  C  N N 39  
6CQ NA   N  N S 40  
6CQ C1A  C  N N 41  
6CQ C4A  C  N N 42  
6CQ C3A  C  N N 43  
6CQ CMA  C  N N 44  
6CQ C2A  C  N N 45  
6CQ CAA  C  N N 46  
6CQ CBA  C  N N 47  
6CQ CGA  C  N N 48  
6CQ O1A  O  N N 49  
6CQ O2A  O  N N 50  
6CQ H1   H  N N 51  
6CQ H2   H  N N 52  
6CQ H3   H  N N 53  
6CQ H4   H  N N 54  
6CQ H5   H  N N 55  
6CQ H6   H  N N 56  
6CQ H7   H  N N 57  
6CQ H8   H  N N 58  
6CQ H9   H  N N 59  
6CQ H10  H  N N 60  
6CQ H11  H  N N 61  
6CQ H12  H  N N 62  
6CQ H13  H  N N 63  
6CQ H14  H  N N 64  
6CQ H15  H  N N 65  
6CQ H16  H  N N 66  
6CQ H17  H  N N 67  
6CQ H18  H  N N 68  
6CQ H19  H  N N 69  
6CQ H20  H  N N 70  
6CQ H21  H  N N 71  
6CQ H22  H  N N 72  
6CQ H23  H  N N 73  
6CQ H24  H  N N 74  
6CQ H25  H  N N 75  
6CQ H26  H  N N 76  
6CQ H27  H  N N 77  
6CQ H28  H  N N 78  
6CQ H29  H  N N 79  
6CQ H30  H  N N 80  
6CQ H31  H  N N 81  
6CQ H32  H  N N 82  
6CQ H33  H  N N 83  
6CQ H34  H  N N 84  
6CQ H35  H  N N 85  
6CQ H36  H  N N 86  
6CQ H37  H  N N 87  
6CQ H38  H  N N 88  
6CQ H39  H  N N 89  
ALA N    N  N N 90  
ALA CA   C  N S 91  
ALA C    C  N N 92  
ALA O    O  N N 93  
ALA CB   C  N N 94  
ALA OXT  O  N N 95  
ALA H    H  N N 96  
ALA H2   H  N N 97  
ALA HA   H  N N 98  
ALA HB1  H  N N 99  
ALA HB2  H  N N 100 
ALA HB3  H  N N 101 
ALA HXT  H  N N 102 
ARG N    N  N N 103 
ARG CA   C  N S 104 
ARG C    C  N N 105 
ARG O    O  N N 106 
ARG CB   C  N N 107 
ARG CG   C  N N 108 
ARG CD   C  N N 109 
ARG NE   N  N N 110 
ARG CZ   C  N N 111 
ARG NH1  N  N N 112 
ARG NH2  N  N N 113 
ARG OXT  O  N N 114 
ARG H    H  N N 115 
ARG H2   H  N N 116 
ARG HA   H  N N 117 
ARG HB2  H  N N 118 
ARG HB3  H  N N 119 
ARG HG2  H  N N 120 
ARG HG3  H  N N 121 
ARG HD2  H  N N 122 
ARG HD3  H  N N 123 
ARG HE   H  N N 124 
ARG HH11 H  N N 125 
ARG HH12 H  N N 126 
ARG HH21 H  N N 127 
ARG HH22 H  N N 128 
ARG HXT  H  N N 129 
ASN N    N  N N 130 
ASN CA   C  N S 131 
ASN C    C  N N 132 
ASN O    O  N N 133 
ASN CB   C  N N 134 
ASN CG   C  N N 135 
ASN OD1  O  N N 136 
ASN ND2  N  N N 137 
ASN OXT  O  N N 138 
ASN H    H  N N 139 
ASN H2   H  N N 140 
ASN HA   H  N N 141 
ASN HB2  H  N N 142 
ASN HB3  H  N N 143 
ASN HD21 H  N N 144 
ASN HD22 H  N N 145 
ASN HXT  H  N N 146 
ASP N    N  N N 147 
ASP CA   C  N S 148 
ASP C    C  N N 149 
ASP O    O  N N 150 
ASP CB   C  N N 151 
ASP CG   C  N N 152 
ASP OD1  O  N N 153 
ASP OD2  O  N N 154 
ASP OXT  O  N N 155 
ASP H    H  N N 156 
ASP H2   H  N N 157 
ASP HA   H  N N 158 
ASP HB2  H  N N 159 
ASP HB3  H  N N 160 
ASP HD2  H  N N 161 
ASP HXT  H  N N 162 
GLN N    N  N N 163 
GLN CA   C  N S 164 
GLN C    C  N N 165 
GLN O    O  N N 166 
GLN CB   C  N N 167 
GLN CG   C  N N 168 
GLN CD   C  N N 169 
GLN OE1  O  N N 170 
GLN NE2  N  N N 171 
GLN OXT  O  N N 172 
GLN H    H  N N 173 
GLN H2   H  N N 174 
GLN HA   H  N N 175 
GLN HB2  H  N N 176 
GLN HB3  H  N N 177 
GLN HG2  H  N N 178 
GLN HG3  H  N N 179 
GLN HE21 H  N N 180 
GLN HE22 H  N N 181 
GLN HXT  H  N N 182 
GLU N    N  N N 183 
GLU CA   C  N S 184 
GLU C    C  N N 185 
GLU O    O  N N 186 
GLU CB   C  N N 187 
GLU CG   C  N N 188 
GLU CD   C  N N 189 
GLU OE1  O  N N 190 
GLU OE2  O  N N 191 
GLU OXT  O  N N 192 
GLU H    H  N N 193 
GLU H2   H  N N 194 
GLU HA   H  N N 195 
GLU HB2  H  N N 196 
GLU HB3  H  N N 197 
GLU HG2  H  N N 198 
GLU HG3  H  N N 199 
GLU HE2  H  N N 200 
GLU HXT  H  N N 201 
GLY N    N  N N 202 
GLY CA   C  N N 203 
GLY C    C  N N 204 
GLY O    O  N N 205 
GLY OXT  O  N N 206 
GLY H    H  N N 207 
GLY H2   H  N N 208 
GLY HA2  H  N N 209 
GLY HA3  H  N N 210 
GLY HXT  H  N N 211 
HIS N    N  N N 212 
HIS CA   C  N S 213 
HIS C    C  N N 214 
HIS O    O  N N 215 
HIS CB   C  N N 216 
HIS CG   C  Y N 217 
HIS ND1  N  Y N 218 
HIS CD2  C  Y N 219 
HIS CE1  C  Y N 220 
HIS NE2  N  Y N 221 
HIS OXT  O  N N 222 
HIS H    H  N N 223 
HIS H2   H  N N 224 
HIS HA   H  N N 225 
HIS HB2  H  N N 226 
HIS HB3  H  N N 227 
HIS HD1  H  N N 228 
HIS HD2  H  N N 229 
HIS HE1  H  N N 230 
HIS HE2  H  N N 231 
HIS HXT  H  N N 232 
HOH O    O  N N 233 
HOH H1   H  N N 234 
HOH H2   H  N N 235 
ILE N    N  N N 236 
ILE CA   C  N S 237 
ILE C    C  N N 238 
ILE O    O  N N 239 
ILE CB   C  N S 240 
ILE CG1  C  N N 241 
ILE CG2  C  N N 242 
ILE CD1  C  N N 243 
ILE OXT  O  N N 244 
ILE H    H  N N 245 
ILE H2   H  N N 246 
ILE HA   H  N N 247 
ILE HB   H  N N 248 
ILE HG12 H  N N 249 
ILE HG13 H  N N 250 
ILE HG21 H  N N 251 
ILE HG22 H  N N 252 
ILE HG23 H  N N 253 
ILE HD11 H  N N 254 
ILE HD12 H  N N 255 
ILE HD13 H  N N 256 
ILE HXT  H  N N 257 
LEU N    N  N N 258 
LEU CA   C  N S 259 
LEU C    C  N N 260 
LEU O    O  N N 261 
LEU CB   C  N N 262 
LEU CG   C  N N 263 
LEU CD1  C  N N 264 
LEU CD2  C  N N 265 
LEU OXT  O  N N 266 
LEU H    H  N N 267 
LEU H2   H  N N 268 
LEU HA   H  N N 269 
LEU HB2  H  N N 270 
LEU HB3  H  N N 271 
LEU HG   H  N N 272 
LEU HD11 H  N N 273 
LEU HD12 H  N N 274 
LEU HD13 H  N N 275 
LEU HD21 H  N N 276 
LEU HD22 H  N N 277 
LEU HD23 H  N N 278 
LEU HXT  H  N N 279 
LYS N    N  N N 280 
LYS CA   C  N S 281 
LYS C    C  N N 282 
LYS O    O  N N 283 
LYS CB   C  N N 284 
LYS CG   C  N N 285 
LYS CD   C  N N 286 
LYS CE   C  N N 287 
LYS NZ   N  N N 288 
LYS OXT  O  N N 289 
LYS H    H  N N 290 
LYS H2   H  N N 291 
LYS HA   H  N N 292 
LYS HB2  H  N N 293 
LYS HB3  H  N N 294 
LYS HG2  H  N N 295 
LYS HG3  H  N N 296 
LYS HD2  H  N N 297 
LYS HD3  H  N N 298 
LYS HE2  H  N N 299 
LYS HE3  H  N N 300 
LYS HZ1  H  N N 301 
LYS HZ2  H  N N 302 
LYS HZ3  H  N N 303 
LYS HXT  H  N N 304 
MET N    N  N N 305 
MET CA   C  N S 306 
MET C    C  N N 307 
MET O    O  N N 308 
MET CB   C  N N 309 
MET CG   C  N N 310 
MET SD   S  N N 311 
MET CE   C  N N 312 
MET OXT  O  N N 313 
MET H    H  N N 314 
MET H2   H  N N 315 
MET HA   H  N N 316 
MET HB2  H  N N 317 
MET HB3  H  N N 318 
MET HG2  H  N N 319 
MET HG3  H  N N 320 
MET HE1  H  N N 321 
MET HE2  H  N N 322 
MET HE3  H  N N 323 
MET HXT  H  N N 324 
PHE N    N  N N 325 
PHE CA   C  N S 326 
PHE C    C  N N 327 
PHE O    O  N N 328 
PHE CB   C  N N 329 
PHE CG   C  Y N 330 
PHE CD1  C  Y N 331 
PHE CD2  C  Y N 332 
PHE CE1  C  Y N 333 
PHE CE2  C  Y N 334 
PHE CZ   C  Y N 335 
PHE OXT  O  N N 336 
PHE H    H  N N 337 
PHE H2   H  N N 338 
PHE HA   H  N N 339 
PHE HB2  H  N N 340 
PHE HB3  H  N N 341 
PHE HD1  H  N N 342 
PHE HD2  H  N N 343 
PHE HE1  H  N N 344 
PHE HE2  H  N N 345 
PHE HZ   H  N N 346 
PHE HXT  H  N N 347 
PRO N    N  N N 348 
PRO CA   C  N S 349 
PRO C    C  N N 350 
PRO O    O  N N 351 
PRO CB   C  N N 352 
PRO CG   C  N N 353 
PRO CD   C  N N 354 
PRO OXT  O  N N 355 
PRO H    H  N N 356 
PRO HA   H  N N 357 
PRO HB2  H  N N 358 
PRO HB3  H  N N 359 
PRO HG2  H  N N 360 
PRO HG3  H  N N 361 
PRO HD2  H  N N 362 
PRO HD3  H  N N 363 
PRO HXT  H  N N 364 
SER N    N  N N 365 
SER CA   C  N S 366 
SER C    C  N N 367 
SER O    O  N N 368 
SER CB   C  N N 369 
SER OG   O  N N 370 
SER OXT  O  N N 371 
SER H    H  N N 372 
SER H2   H  N N 373 
SER HA   H  N N 374 
SER HB2  H  N N 375 
SER HB3  H  N N 376 
SER HG   H  N N 377 
SER HXT  H  N N 378 
SO4 S    S  N N 379 
SO4 O1   O  N N 380 
SO4 O2   O  N N 381 
SO4 O3   O  N N 382 
SO4 O4   O  N N 383 
THR N    N  N N 384 
THR CA   C  N S 385 
THR C    C  N N 386 
THR O    O  N N 387 
THR CB   C  N R 388 
THR OG1  O  N N 389 
THR CG2  C  N N 390 
THR OXT  O  N N 391 
THR H    H  N N 392 
THR H2   H  N N 393 
THR HA   H  N N 394 
THR HB   H  N N 395 
THR HG1  H  N N 396 
THR HG21 H  N N 397 
THR HG22 H  N N 398 
THR HG23 H  N N 399 
THR HXT  H  N N 400 
TRP N    N  N N 401 
TRP CA   C  N S 402 
TRP C    C  N N 403 
TRP O    O  N N 404 
TRP CB   C  N N 405 
TRP CG   C  Y N 406 
TRP CD1  C  Y N 407 
TRP CD2  C  Y N 408 
TRP NE1  N  Y N 409 
TRP CE2  C  Y N 410 
TRP CE3  C  Y N 411 
TRP CZ2  C  Y N 412 
TRP CZ3  C  Y N 413 
TRP CH2  C  Y N 414 
TRP OXT  O  N N 415 
TRP H    H  N N 416 
TRP H2   H  N N 417 
TRP HA   H  N N 418 
TRP HB2  H  N N 419 
TRP HB3  H  N N 420 
TRP HD1  H  N N 421 
TRP HE1  H  N N 422 
TRP HE3  H  N N 423 
TRP HZ2  H  N N 424 
TRP HZ3  H  N N 425 
TRP HH2  H  N N 426 
TRP HXT  H  N N 427 
TYR N    N  N N 428 
TYR CA   C  N S 429 
TYR C    C  N N 430 
TYR O    O  N N 431 
TYR CB   C  N N 432 
TYR CG   C  Y N 433 
TYR CD1  C  Y N 434 
TYR CD2  C  Y N 435 
TYR CE1  C  Y N 436 
TYR CE2  C  Y N 437 
TYR CZ   C  Y N 438 
TYR OH   O  N N 439 
TYR OXT  O  N N 440 
TYR H    H  N N 441 
TYR H2   H  N N 442 
TYR HA   H  N N 443 
TYR HB2  H  N N 444 
TYR HB3  H  N N 445 
TYR HD1  H  N N 446 
TYR HD2  H  N N 447 
TYR HE1  H  N N 448 
TYR HE2  H  N N 449 
TYR HH   H  N N 450 
TYR HXT  H  N N 451 
VAL N    N  N N 452 
VAL CA   C  N S 453 
VAL C    C  N N 454 
VAL O    O  N N 455 
VAL CB   C  N N 456 
VAL CG1  C  N N 457 
VAL CG2  C  N N 458 
VAL OXT  O  N N 459 
VAL H    H  N N 460 
VAL H2   H  N N 461 
VAL HA   H  N N 462 
VAL HB   H  N N 463 
VAL HG11 H  N N 464 
VAL HG12 H  N N 465 
VAL HG13 H  N N 466 
VAL HG21 H  N N 467 
VAL HG22 H  N N 468 
VAL HG23 H  N N 469 
VAL HXT  H  N N 470 
# 
loop_
_chem_comp_bond.comp_id 
_chem_comp_bond.atom_id_1 
_chem_comp_bond.atom_id_2 
_chem_comp_bond.value_order 
_chem_comp_bond.pdbx_aromatic_flag 
_chem_comp_bond.pdbx_stereo_config 
_chem_comp_bond.pdbx_ordinal 
6CQ O2D CGD  doub N N 1   
6CQ C4  C5   doub Y N 2   
6CQ C4  C3   sing Y N 3   
6CQ CGD O1D  sing N N 4   
6CQ CGD CBD  sing N N 5   
6CQ C5  C6   sing Y N 6   
6CQ CBD CAD  sing N N 7   
6CQ C3  C7   sing N N 8   
6CQ C3  C2   doub Y N 9   
6CQ C6  C1   doub Y N 10  
6CQ CAD C3D  sing N N 11  
6CQ C2  C1   sing Y N 12  
6CQ CAA C2A  sing N N 13  
6CQ CAA CBA  sing N N 14  
6CQ C1  FE   sing N N 15  
6CQ C2A C1A  sing N N 16  
6CQ C2A C3A  doub N N 17  
6CQ C3D C4D  sing N N 18  
6CQ C3D C2D  doub N N 19  
6CQ CHA C1A  doub N N 20  
6CQ CHA C4D  sing N N 21  
6CQ CMA C3A  sing N N 22  
6CQ CMD C2D  sing N N 23  
6CQ C1A NA   sing N N 24  
6CQ C3A C4A  sing N N 25  
6CQ C4D ND   doub N N 26  
6CQ C2D C1D  sing N N 27  
6CQ CBA CGA  sing N N 28  
6CQ NA  C4A  sing N N 29  
6CQ NA  FE   sing N N 30  
6CQ C4A CHB  doub N N 31  
6CQ ND  C1D  sing N N 32  
6CQ ND  FE   sing N N 33  
6CQ C1D CHD  doub N N 34  
6CQ CHB C1B  sing N N 35  
6CQ CHD C4C  sing N N 36  
6CQ FE  NB   sing N N 37  
6CQ FE  NC   sing N N 38  
6CQ O2A CGA  doub N N 39  
6CQ C1B NB   doub N N 40  
6CQ C1B C2B  sing N N 41  
6CQ C4C NC   sing Y N 42  
6CQ C4C C3C  doub Y N 43  
6CQ CGA O1A  sing N N 44  
6CQ NB  C4B  sing N N 45  
6CQ NC  C1C  sing Y N 46  
6CQ CAC CBC  doub N N 47  
6CQ CAC C3C  sing N N 48  
6CQ C3C C2C  sing Y N 49  
6CQ C2B CMB  sing N N 50  
6CQ C2B C3B  doub N N 51  
6CQ C1C C2C  doub Y N 52  
6CQ C1C CHC  sing N N 53  
6CQ C4B C3B  sing N N 54  
6CQ C4B CHC  doub N N 55  
6CQ C2C CMC  sing N N 56  
6CQ C3B CAB  sing N N 57  
6CQ CBB CAB  doub N N 58  
6CQ C2  H1   sing N N 59  
6CQ C4  H2   sing N N 60  
6CQ C5  H3   sing N N 61  
6CQ C6  H4   sing N N 62  
6CQ C7  H5   sing N N 63  
6CQ C7  H6   sing N N 64  
6CQ C7  H7   sing N N 65  
6CQ O1D H8   sing N N 66  
6CQ CBD H9   sing N N 67  
6CQ CBD H10  sing N N 68  
6CQ CAD H11  sing N N 69  
6CQ CAD H12  sing N N 70  
6CQ CMD H13  sing N N 71  
6CQ CMD H14  sing N N 72  
6CQ CMD H15  sing N N 73  
6CQ CHA H16  sing N N 74  
6CQ CHD H17  sing N N 75  
6CQ CAB H18  sing N N 76  
6CQ CBB H19  sing N N 77  
6CQ CBB H20  sing N N 78  
6CQ CMB H21  sing N N 79  
6CQ CMB H22  sing N N 80  
6CQ CMB H23  sing N N 81  
6CQ CHB H24  sing N N 82  
6CQ CAC H25  sing N N 83  
6CQ CBC H26  sing N N 84  
6CQ CBC H27  sing N N 85  
6CQ CMC H28  sing N N 86  
6CQ CMC H29  sing N N 87  
6CQ CMC H30  sing N N 88  
6CQ CHC H31  sing N N 89  
6CQ CMA H32  sing N N 90  
6CQ CMA H33  sing N N 91  
6CQ CMA H34  sing N N 92  
6CQ CAA H35  sing N N 93  
6CQ CAA H36  sing N N 94  
6CQ CBA H37  sing N N 95  
6CQ CBA H38  sing N N 96  
6CQ O1A H39  sing N N 97  
ALA N   CA   sing N N 98  
ALA N   H    sing N N 99  
ALA N   H2   sing N N 100 
ALA CA  C    sing N N 101 
ALA CA  CB   sing N N 102 
ALA CA  HA   sing N N 103 
ALA C   O    doub N N 104 
ALA C   OXT  sing N N 105 
ALA CB  HB1  sing N N 106 
ALA CB  HB2  sing N N 107 
ALA CB  HB3  sing N N 108 
ALA OXT HXT  sing N N 109 
ARG N   CA   sing N N 110 
ARG N   H    sing N N 111 
ARG N   H2   sing N N 112 
ARG CA  C    sing N N 113 
ARG CA  CB   sing N N 114 
ARG CA  HA   sing N N 115 
ARG C   O    doub N N 116 
ARG C   OXT  sing N N 117 
ARG CB  CG   sing N N 118 
ARG CB  HB2  sing N N 119 
ARG CB  HB3  sing N N 120 
ARG CG  CD   sing N N 121 
ARG CG  HG2  sing N N 122 
ARG CG  HG3  sing N N 123 
ARG CD  NE   sing N N 124 
ARG CD  HD2  sing N N 125 
ARG CD  HD3  sing N N 126 
ARG NE  CZ   sing N N 127 
ARG NE  HE   sing N N 128 
ARG CZ  NH1  sing N N 129 
ARG CZ  NH2  doub N N 130 
ARG NH1 HH11 sing N N 131 
ARG NH1 HH12 sing N N 132 
ARG NH2 HH21 sing N N 133 
ARG NH2 HH22 sing N N 134 
ARG OXT HXT  sing N N 135 
ASN N   CA   sing N N 136 
ASN N   H    sing N N 137 
ASN N   H2   sing N N 138 
ASN CA  C    sing N N 139 
ASN CA  CB   sing N N 140 
ASN CA  HA   sing N N 141 
ASN C   O    doub N N 142 
ASN C   OXT  sing N N 143 
ASN CB  CG   sing N N 144 
ASN CB  HB2  sing N N 145 
ASN CB  HB3  sing N N 146 
ASN CG  OD1  doub N N 147 
ASN CG  ND2  sing N N 148 
ASN ND2 HD21 sing N N 149 
ASN ND2 HD22 sing N N 150 
ASN OXT HXT  sing N N 151 
ASP N   CA   sing N N 152 
ASP N   H    sing N N 153 
ASP N   H2   sing N N 154 
ASP CA  C    sing N N 155 
ASP CA  CB   sing N N 156 
ASP CA  HA   sing N N 157 
ASP C   O    doub N N 158 
ASP C   OXT  sing N N 159 
ASP CB  CG   sing N N 160 
ASP CB  HB2  sing N N 161 
ASP CB  HB3  sing N N 162 
ASP CG  OD1  doub N N 163 
ASP CG  OD2  sing N N 164 
ASP OD2 HD2  sing N N 165 
ASP OXT HXT  sing N N 166 
GLN N   CA   sing N N 167 
GLN N   H    sing N N 168 
GLN N   H2   sing N N 169 
GLN CA  C    sing N N 170 
GLN CA  CB   sing N N 171 
GLN CA  HA   sing N N 172 
GLN C   O    doub N N 173 
GLN C   OXT  sing N N 174 
GLN CB  CG   sing N N 175 
GLN CB  HB2  sing N N 176 
GLN CB  HB3  sing N N 177 
GLN CG  CD   sing N N 178 
GLN CG  HG2  sing N N 179 
GLN CG  HG3  sing N N 180 
GLN CD  OE1  doub N N 181 
GLN CD  NE2  sing N N 182 
GLN NE2 HE21 sing N N 183 
GLN NE2 HE22 sing N N 184 
GLN OXT HXT  sing N N 185 
GLU N   CA   sing N N 186 
GLU N   H    sing N N 187 
GLU N   H2   sing N N 188 
GLU CA  C    sing N N 189 
GLU CA  CB   sing N N 190 
GLU CA  HA   sing N N 191 
GLU C   O    doub N N 192 
GLU C   OXT  sing N N 193 
GLU CB  CG   sing N N 194 
GLU CB  HB2  sing N N 195 
GLU CB  HB3  sing N N 196 
GLU CG  CD   sing N N 197 
GLU CG  HG2  sing N N 198 
GLU CG  HG3  sing N N 199 
GLU CD  OE1  doub N N 200 
GLU CD  OE2  sing N N 201 
GLU OE2 HE2  sing N N 202 
GLU OXT HXT  sing N N 203 
GLY N   CA   sing N N 204 
GLY N   H    sing N N 205 
GLY N   H2   sing N N 206 
GLY CA  C    sing N N 207 
GLY CA  HA2  sing N N 208 
GLY CA  HA3  sing N N 209 
GLY C   O    doub N N 210 
GLY C   OXT  sing N N 211 
GLY OXT HXT  sing N N 212 
HIS N   CA   sing N N 213 
HIS N   H    sing N N 214 
HIS N   H2   sing N N 215 
HIS CA  C    sing N N 216 
HIS CA  CB   sing N N 217 
HIS CA  HA   sing N N 218 
HIS C   O    doub N N 219 
HIS C   OXT  sing N N 220 
HIS CB  CG   sing N N 221 
HIS CB  HB2  sing N N 222 
HIS CB  HB3  sing N N 223 
HIS CG  ND1  sing Y N 224 
HIS CG  CD2  doub Y N 225 
HIS ND1 CE1  doub Y N 226 
HIS ND1 HD1  sing N N 227 
HIS CD2 NE2  sing Y N 228 
HIS CD2 HD2  sing N N 229 
HIS CE1 NE2  sing Y N 230 
HIS CE1 HE1  sing N N 231 
HIS NE2 HE2  sing N N 232 
HIS OXT HXT  sing N N 233 
HOH O   H1   sing N N 234 
HOH O   H2   sing N N 235 
ILE N   CA   sing N N 236 
ILE N   H    sing N N 237 
ILE N   H2   sing N N 238 
ILE CA  C    sing N N 239 
ILE CA  CB   sing N N 240 
ILE CA  HA   sing N N 241 
ILE C   O    doub N N 242 
ILE C   OXT  sing N N 243 
ILE CB  CG1  sing N N 244 
ILE CB  CG2  sing N N 245 
ILE CB  HB   sing N N 246 
ILE CG1 CD1  sing N N 247 
ILE CG1 HG12 sing N N 248 
ILE CG1 HG13 sing N N 249 
ILE CG2 HG21 sing N N 250 
ILE CG2 HG22 sing N N 251 
ILE CG2 HG23 sing N N 252 
ILE CD1 HD11 sing N N 253 
ILE CD1 HD12 sing N N 254 
ILE CD1 HD13 sing N N 255 
ILE OXT HXT  sing N N 256 
LEU N   CA   sing N N 257 
LEU N   H    sing N N 258 
LEU N   H2   sing N N 259 
LEU CA  C    sing N N 260 
LEU CA  CB   sing N N 261 
LEU CA  HA   sing N N 262 
LEU C   O    doub N N 263 
LEU C   OXT  sing N N 264 
LEU CB  CG   sing N N 265 
LEU CB  HB2  sing N N 266 
LEU CB  HB3  sing N N 267 
LEU CG  CD1  sing N N 268 
LEU CG  CD2  sing N N 269 
LEU CG  HG   sing N N 270 
LEU CD1 HD11 sing N N 271 
LEU CD1 HD12 sing N N 272 
LEU CD1 HD13 sing N N 273 
LEU CD2 HD21 sing N N 274 
LEU CD2 HD22 sing N N 275 
LEU CD2 HD23 sing N N 276 
LEU OXT HXT  sing N N 277 
LYS N   CA   sing N N 278 
LYS N   H    sing N N 279 
LYS N   H2   sing N N 280 
LYS CA  C    sing N N 281 
LYS CA  CB   sing N N 282 
LYS CA  HA   sing N N 283 
LYS C   O    doub N N 284 
LYS C   OXT  sing N N 285 
LYS CB  CG   sing N N 286 
LYS CB  HB2  sing N N 287 
LYS CB  HB3  sing N N 288 
LYS CG  CD   sing N N 289 
LYS CG  HG2  sing N N 290 
LYS CG  HG3  sing N N 291 
LYS CD  CE   sing N N 292 
LYS CD  HD2  sing N N 293 
LYS CD  HD3  sing N N 294 
LYS CE  NZ   sing N N 295 
LYS CE  HE2  sing N N 296 
LYS CE  HE3  sing N N 297 
LYS NZ  HZ1  sing N N 298 
LYS NZ  HZ2  sing N N 299 
LYS NZ  HZ3  sing N N 300 
LYS OXT HXT  sing N N 301 
MET N   CA   sing N N 302 
MET N   H    sing N N 303 
MET N   H2   sing N N 304 
MET CA  C    sing N N 305 
MET CA  CB   sing N N 306 
MET CA  HA   sing N N 307 
MET C   O    doub N N 308 
MET C   OXT  sing N N 309 
MET CB  CG   sing N N 310 
MET CB  HB2  sing N N 311 
MET CB  HB3  sing N N 312 
MET CG  SD   sing N N 313 
MET CG  HG2  sing N N 314 
MET CG  HG3  sing N N 315 
MET SD  CE   sing N N 316 
MET CE  HE1  sing N N 317 
MET CE  HE2  sing N N 318 
MET CE  HE3  sing N N 319 
MET OXT HXT  sing N N 320 
PHE N   CA   sing N N 321 
PHE N   H    sing N N 322 
PHE N   H2   sing N N 323 
PHE CA  C    sing N N 324 
PHE CA  CB   sing N N 325 
PHE CA  HA   sing N N 326 
PHE C   O    doub N N 327 
PHE C   OXT  sing N N 328 
PHE CB  CG   sing N N 329 
PHE CB  HB2  sing N N 330 
PHE CB  HB3  sing N N 331 
PHE CG  CD1  doub Y N 332 
PHE CG  CD2  sing Y N 333 
PHE CD1 CE1  sing Y N 334 
PHE CD1 HD1  sing N N 335 
PHE CD2 CE2  doub Y N 336 
PHE CD2 HD2  sing N N 337 
PHE CE1 CZ   doub Y N 338 
PHE CE1 HE1  sing N N 339 
PHE CE2 CZ   sing Y N 340 
PHE CE2 HE2  sing N N 341 
PHE CZ  HZ   sing N N 342 
PHE OXT HXT  sing N N 343 
PRO N   CA   sing N N 344 
PRO N   CD   sing N N 345 
PRO N   H    sing N N 346 
PRO CA  C    sing N N 347 
PRO CA  CB   sing N N 348 
PRO CA  HA   sing N N 349 
PRO C   O    doub N N 350 
PRO C   OXT  sing N N 351 
PRO CB  CG   sing N N 352 
PRO CB  HB2  sing N N 353 
PRO CB  HB3  sing N N 354 
PRO CG  CD   sing N N 355 
PRO CG  HG2  sing N N 356 
PRO CG  HG3  sing N N 357 
PRO CD  HD2  sing N N 358 
PRO CD  HD3  sing N N 359 
PRO OXT HXT  sing N N 360 
SER N   CA   sing N N 361 
SER N   H    sing N N 362 
SER N   H2   sing N N 363 
SER CA  C    sing N N 364 
SER CA  CB   sing N N 365 
SER CA  HA   sing N N 366 
SER C   O    doub N N 367 
SER C   OXT  sing N N 368 
SER CB  OG   sing N N 369 
SER CB  HB2  sing N N 370 
SER CB  HB3  sing N N 371 
SER OG  HG   sing N N 372 
SER OXT HXT  sing N N 373 
SO4 S   O1   doub N N 374 
SO4 S   O2   doub N N 375 
SO4 S   O3   sing N N 376 
SO4 S   O4   sing N N 377 
THR N   CA   sing N N 378 
THR N   H    sing N N 379 
THR N   H2   sing N N 380 
THR CA  C    sing N N 381 
THR CA  CB   sing N N 382 
THR CA  HA   sing N N 383 
THR C   O    doub N N 384 
THR C   OXT  sing N N 385 
THR CB  OG1  sing N N 386 
THR CB  CG2  sing N N 387 
THR CB  HB   sing N N 388 
THR OG1 HG1  sing N N 389 
THR CG2 HG21 sing N N 390 
THR CG2 HG22 sing N N 391 
THR CG2 HG23 sing N N 392 
THR OXT HXT  sing N N 393 
TRP N   CA   sing N N 394 
TRP N   H    sing N N 395 
TRP N   H2   sing N N 396 
TRP CA  C    sing N N 397 
TRP CA  CB   sing N N 398 
TRP CA  HA   sing N N 399 
TRP C   O    doub N N 400 
TRP C   OXT  sing N N 401 
TRP CB  CG   sing N N 402 
TRP CB  HB2  sing N N 403 
TRP CB  HB3  sing N N 404 
TRP CG  CD1  doub Y N 405 
TRP CG  CD2  sing Y N 406 
TRP CD1 NE1  sing Y N 407 
TRP CD1 HD1  sing N N 408 
TRP CD2 CE2  doub Y N 409 
TRP CD2 CE3  sing Y N 410 
TRP NE1 CE2  sing Y N 411 
TRP NE1 HE1  sing N N 412 
TRP CE2 CZ2  sing Y N 413 
TRP CE3 CZ3  doub Y N 414 
TRP CE3 HE3  sing N N 415 
TRP CZ2 CH2  doub Y N 416 
TRP CZ2 HZ2  sing N N 417 
TRP CZ3 CH2  sing Y N 418 
TRP CZ3 HZ3  sing N N 419 
TRP CH2 HH2  sing N N 420 
TRP OXT HXT  sing N N 421 
TYR N   CA   sing N N 422 
TYR N   H    sing N N 423 
TYR N   H2   sing N N 424 
TYR CA  C    sing N N 425 
TYR CA  CB   sing N N 426 
TYR CA  HA   sing N N 427 
TYR C   O    doub N N 428 
TYR C   OXT  sing N N 429 
TYR CB  CG   sing N N 430 
TYR CB  HB2  sing N N 431 
TYR CB  HB3  sing N N 432 
TYR CG  CD1  doub Y N 433 
TYR CG  CD2  sing Y N 434 
TYR CD1 CE1  sing Y N 435 
TYR CD1 HD1  sing N N 436 
TYR CD2 CE2  doub Y N 437 
TYR CD2 HD2  sing N N 438 
TYR CE1 CZ   doub Y N 439 
TYR CE1 HE1  sing N N 440 
TYR CE2 CZ   sing Y N 441 
TYR CE2 HE2  sing N N 442 
TYR CZ  OH   sing N N 443 
TYR OH  HH   sing N N 444 
TYR OXT HXT  sing N N 445 
VAL N   CA   sing N N 446 
VAL N   H    sing N N 447 
VAL N   H2   sing N N 448 
VAL CA  C    sing N N 449 
VAL CA  CB   sing N N 450 
VAL CA  HA   sing N N 451 
VAL C   O    doub N N 452 
VAL C   OXT  sing N N 453 
VAL CB  CG1  sing N N 454 
VAL CB  CG2  sing N N 455 
VAL CB  HB   sing N N 456 
VAL CG1 HG11 sing N N 457 
VAL CG1 HG12 sing N N 458 
VAL CG1 HG13 sing N N 459 
VAL CG2 HG21 sing N N 460 
VAL CG2 HG22 sing N N 461 
VAL CG2 HG23 sing N N 462 
VAL OXT HXT  sing N N 463 
# 
_pdbx_audit_support.funding_organization   'National Science Foundation (NSF, United States)' 
_pdbx_audit_support.country                'United States' 
_pdbx_audit_support.grant_number           'CHE 1213674' 
_pdbx_audit_support.ordinal                1 
# 
loop_
_pdbx_entity_nonpoly.entity_id 
_pdbx_entity_nonpoly.name 
_pdbx_entity_nonpoly.comp_id 
2 
;[3,3'-(7,12-diethenyl-3,8,13,17-tetramethylporphyrin-2,18-diyl-kappa~4~N~21~,N~22~,N~23~,N~24~)di(propanoato)(2-)](3-methylphenyl)iron
;
6CQ 
3 'SULFATE ION' SO4 
4 water HOH 
# 
_pdbx_initial_refinement_model.id               1 
_pdbx_initial_refinement_model.entity_id_list   ? 
_pdbx_initial_refinement_model.type             'experimental model' 
_pdbx_initial_refinement_model.source_name      PDB 
_pdbx_initial_refinement_model.accession_code   2MBW 
_pdbx_initial_refinement_model.details          ? 
# 
